data_1W9R
#
_entry.id   1W9R
#
_cell.length_a   1.000
_cell.length_b   1.000
_cell.length_c   1.000
_cell.angle_alpha   90.00
_cell.angle_beta   90.00
_cell.angle_gamma   90.00
#
_symmetry.space_group_name_H-M   'P 1'
#
_entity_poly.entity_id   1
_entity_poly.type   'polypeptide(L)'
_entity_poly.pdbx_seq_one_letter_code
;GSHMPEKKVAEAEKKVEEAKKKAEDQKEEDRRNYPTNTYKTLELEIAESDVEVKKAELELVKEEAKEPRNEEKVKQAKAE
VESKKAEATRLEKIKTDRKKAEEEAKRKAAEEDKVKEKP
;
_entity_poly.pdbx_strand_id   A
#
# COMPACT_ATOMS: atom_id res chain seq x y z
N GLY A 1 -14.69 -18.07 0.19
CA GLY A 1 -14.28 -17.78 -1.19
C GLY A 1 -15.01 -18.68 -2.18
N SER A 2 -14.33 -19.70 -2.74
CA SER A 2 -14.80 -20.50 -3.89
C SER A 2 -15.20 -19.64 -5.12
N HIS A 3 -15.94 -20.22 -6.06
CA HIS A 3 -16.51 -19.73 -7.34
C HIS A 3 -16.08 -20.69 -8.46
N MET A 4 -14.82 -21.14 -8.41
CA MET A 4 -14.45 -22.49 -8.76
C MET A 4 -13.34 -23.00 -7.84
N PRO A 5 -12.46 -22.18 -7.18
CA PRO A 5 -12.23 -20.71 -7.01
C PRO A 5 -11.53 -19.96 -8.14
N GLU A 6 -11.09 -20.65 -9.20
CA GLU A 6 -10.30 -20.09 -10.33
C GLU A 6 -10.84 -18.76 -10.86
N LYS A 7 -12.17 -18.61 -10.79
CA LYS A 7 -12.96 -17.45 -11.22
C LYS A 7 -12.66 -16.23 -10.37
N LYS A 8 -12.71 -16.43 -9.06
CA LYS A 8 -12.51 -15.39 -8.04
C LYS A 8 -11.06 -14.96 -8.02
N VAL A 9 -10.11 -15.91 -8.10
CA VAL A 9 -8.69 -15.57 -8.11
C VAL A 9 -8.27 -14.87 -9.40
N ALA A 10 -8.74 -15.34 -10.56
CA ALA A 10 -8.49 -14.69 -11.85
C ALA A 10 -9.08 -13.27 -11.91
N GLU A 11 -10.37 -13.08 -11.62
CA GLU A 11 -10.97 -11.74 -11.68
C GLU A 11 -10.36 -10.76 -10.67
N ALA A 12 -10.06 -11.21 -9.45
CA ALA A 12 -9.35 -10.40 -8.46
C ALA A 12 -7.87 -10.14 -8.80
N GLU A 13 -7.27 -10.94 -9.69
CA GLU A 13 -5.85 -10.78 -10.05
C GLU A 13 -5.71 -9.58 -10.99
N LYS A 14 -6.73 -9.39 -11.83
CA LYS A 14 -6.88 -8.29 -12.77
C LYS A 14 -6.92 -6.94 -12.05
N LYS A 15 -7.62 -6.95 -10.91
CA LYS A 15 -7.60 -5.87 -9.92
C LYS A 15 -6.23 -5.70 -9.25
N VAL A 16 -5.66 -6.77 -8.71
CA VAL A 16 -4.33 -6.72 -8.04
C VAL A 16 -3.21 -6.25 -8.99
N GLU A 17 -3.45 -6.27 -10.30
CA GLU A 17 -2.52 -5.77 -11.32
C GLU A 17 -2.62 -4.24 -11.46
N GLU A 18 -3.82 -3.67 -11.42
CA GLU A 18 -4.04 -2.22 -11.28
C GLU A 18 -3.46 -1.69 -9.95
N ALA A 19 -3.68 -2.43 -8.85
CA ALA A 19 -3.09 -2.17 -7.54
C ALA A 19 -1.55 -2.11 -7.60
N LYS A 20 -0.91 -3.12 -8.22
CA LYS A 20 0.53 -3.16 -8.49
C LYS A 20 1.00 -2.00 -9.37
N LYS A 21 0.29 -1.72 -10.47
CA LYS A 21 0.57 -0.61 -11.39
C LYS A 21 0.62 0.74 -10.66
N LYS A 22 -0.34 1.04 -9.78
CA LYS A 22 -0.31 2.24 -8.95
C LYS A 22 0.82 2.27 -7.93
N ALA A 23 1.18 1.14 -7.32
CA ALA A 23 2.40 1.10 -6.50
C ALA A 23 3.67 1.37 -7.31
N GLU A 24 3.74 0.91 -8.56
CA GLU A 24 4.78 1.32 -9.52
C GLU A 24 4.76 2.82 -9.89
N ASP A 25 3.63 3.51 -9.75
CA ASP A 25 3.57 4.97 -9.85
C ASP A 25 4.28 5.67 -8.68
N GLN A 26 4.32 5.00 -7.51
CA GLN A 26 4.98 5.52 -6.32
C GLN A 26 6.45 5.05 -6.30
N LYS A 27 6.76 3.97 -7.04
CA LYS A 27 8.11 3.63 -7.46
C LYS A 27 8.74 4.65 -8.40
N GLU A 28 7.94 5.20 -9.33
CA GLU A 28 8.36 6.34 -10.13
C GLU A 28 8.87 7.47 -9.24
N GLU A 29 8.21 7.72 -8.10
CA GLU A 29 8.79 8.54 -7.03
C GLU A 29 10.18 8.04 -6.57
N ASP A 30 10.33 6.84 -5.99
CA ASP A 30 11.55 6.11 -5.60
C ASP A 30 12.51 5.78 -6.77
N ARG A 31 12.45 6.49 -7.90
CA ARG A 31 13.53 6.62 -8.90
C ARG A 31 13.68 8.01 -9.51
N ARG A 32 12.71 8.92 -9.31
CA ARG A 32 12.81 10.36 -9.63
C ARG A 32 13.23 11.23 -8.45
N ASN A 33 12.99 10.70 -7.27
CA ASN A 33 13.19 11.37 -5.99
C ASN A 33 14.47 10.89 -5.26
N TYR A 34 15.21 9.97 -5.89
CA TYR A 34 16.65 9.61 -5.81
C TYR A 34 17.66 10.70 -6.21
N PRO A 35 17.48 11.31 -7.38
CA PRO A 35 17.95 12.65 -7.75
C PRO A 35 18.07 13.62 -6.58
N THR A 36 17.04 13.58 -5.75
CA THR A 36 16.82 14.41 -4.56
C THR A 36 17.10 13.66 -3.25
N ASN A 37 17.05 12.32 -3.26
CA ASN A 37 17.08 11.38 -2.15
C ASN A 37 16.20 11.77 -0.95
N THR A 38 14.95 12.03 -1.32
CA THR A 38 13.78 11.81 -0.47
C THR A 38 12.98 10.57 -0.89
N TYR A 39 13.29 9.99 -2.07
CA TYR A 39 12.97 8.64 -2.58
C TYR A 39 12.13 7.63 -1.76
N LYS A 40 12.44 7.39 -0.47
CA LYS A 40 11.97 6.32 0.38
C LYS A 40 10.60 6.67 0.93
N THR A 41 9.71 6.94 0.00
CA THR A 41 8.45 7.63 0.24
C THR A 41 7.48 6.62 0.82
N LEU A 42 7.32 6.65 2.15
CA LEU A 42 6.49 5.67 2.86
C LEU A 42 5.08 5.51 2.29
N GLU A 43 4.49 6.54 1.64
CA GLU A 43 3.25 6.39 0.86
C GLU A 43 3.28 5.24 -0.16
N LEU A 44 4.42 5.00 -0.83
CA LEU A 44 4.68 3.82 -1.64
C LEU A 44 4.57 2.56 -0.78
N GLU A 45 5.42 2.44 0.23
CA GLU A 45 5.56 1.18 0.99
C GLU A 45 4.29 0.81 1.78
N ILE A 46 3.54 1.79 2.28
CA ILE A 46 2.17 1.65 2.83
C ILE A 46 1.26 0.96 1.82
N ALA A 47 1.11 1.57 0.63
CA ALA A 47 0.25 1.05 -0.41
C ALA A 47 0.74 -0.34 -0.86
N GLU A 48 2.03 -0.50 -1.11
CA GLU A 48 2.62 -1.75 -1.60
C GLU A 48 2.45 -2.89 -0.58
N SER A 49 2.67 -2.62 0.72
CA SER A 49 2.41 -3.60 1.78
C SER A 49 0.95 -4.03 1.86
N ASP A 50 -0.02 -3.09 1.95
CA ASP A 50 -1.45 -3.43 1.92
C ASP A 50 -1.91 -4.12 0.62
N VAL A 51 -1.37 -3.74 -0.54
CA VAL A 51 -1.66 -4.34 -1.85
C VAL A 51 -1.15 -5.78 -1.90
N GLU A 52 0.03 -6.05 -1.34
CA GLU A 52 0.53 -7.42 -1.21
C GLU A 52 -0.19 -8.28 -0.17
N VAL A 53 -0.94 -7.70 0.77
CA VAL A 53 -1.87 -8.46 1.63
C VAL A 53 -3.06 -8.91 0.78
N LYS A 54 -3.41 -8.10 -0.21
CA LYS A 54 -4.56 -8.27 -1.10
C LYS A 54 -4.29 -9.38 -2.11
N LYS A 55 -3.12 -9.29 -2.75
CA LYS A 55 -2.41 -10.39 -3.40
C LYS A 55 -2.47 -11.67 -2.54
N ALA A 56 -2.02 -11.64 -1.28
CA ALA A 56 -1.96 -12.83 -0.44
C ALA A 56 -3.35 -13.43 -0.12
N GLU A 57 -4.38 -12.60 0.01
CA GLU A 57 -5.77 -13.08 0.07
C GLU A 57 -6.20 -13.83 -1.19
N LEU A 58 -5.86 -13.36 -2.39
CA LEU A 58 -6.15 -14.10 -3.62
C LEU A 58 -5.46 -15.47 -3.62
N GLU A 59 -4.24 -15.56 -3.08
CA GLU A 59 -3.52 -16.83 -2.96
C GLU A 59 -4.26 -17.80 -2.04
N LEU A 60 -4.78 -17.33 -0.90
CA LEU A 60 -5.59 -18.15 -0.02
C LEU A 60 -6.98 -18.49 -0.57
N VAL A 61 -7.61 -17.67 -1.42
CA VAL A 61 -8.87 -18.06 -2.09
C VAL A 61 -8.67 -19.35 -2.92
N LYS A 62 -7.48 -19.58 -3.47
CA LYS A 62 -7.09 -20.92 -3.97
C LYS A 62 -7.04 -21.94 -2.83
N GLU A 63 -6.23 -21.72 -1.81
CA GLU A 63 -5.86 -22.74 -0.83
C GLU A 63 -6.97 -23.08 0.18
N GLU A 64 -8.09 -22.35 0.16
CA GLU A 64 -9.35 -22.89 0.63
C GLU A 64 -9.95 -23.90 -0.37
N ALA A 65 -10.37 -23.48 -1.57
CA ALA A 65 -11.44 -24.15 -2.32
C ALA A 65 -10.98 -25.00 -3.53
N LYS A 66 -9.67 -25.03 -3.80
CA LYS A 66 -8.97 -25.97 -4.71
C LYS A 66 -8.80 -27.39 -4.17
N GLU A 67 -9.15 -27.56 -2.91
CA GLU A 67 -8.29 -27.94 -1.83
C GLU A 67 -9.18 -28.51 -0.80
N PRO A 68 -8.57 -28.96 0.31
CA PRO A 68 -9.25 -29.99 1.02
C PRO A 68 -10.43 -29.54 1.84
N ARG A 69 -10.62 -28.25 1.73
CA ARG A 69 -11.44 -27.39 2.49
C ARG A 69 -11.32 -27.67 3.96
N ASN A 70 -10.02 -27.70 4.28
CA ASN A 70 -9.52 -27.46 5.60
C ASN A 70 -9.55 -25.95 5.84
N GLU A 71 -10.77 -25.48 6.01
CA GLU A 71 -11.21 -24.11 6.24
C GLU A 71 -10.38 -23.35 7.28
N GLU A 72 -9.75 -24.04 8.22
CA GLU A 72 -8.86 -23.44 9.22
C GLU A 72 -7.63 -22.78 8.58
N LYS A 73 -7.15 -23.26 7.41
CA LYS A 73 -5.87 -22.80 6.86
C LYS A 73 -5.94 -21.44 6.18
N VAL A 74 -7.02 -21.14 5.44
CA VAL A 74 -7.32 -19.77 4.97
C VAL A 74 -7.45 -18.80 6.15
N LYS A 75 -8.15 -19.20 7.23
CA LYS A 75 -8.39 -18.37 8.43
C LYS A 75 -7.13 -18.07 9.23
N GLN A 76 -6.29 -19.09 9.47
CA GLN A 76 -4.92 -18.92 9.97
C GLN A 76 -4.17 -17.86 9.16
N ALA A 77 -4.20 -18.03 7.84
CA ALA A 77 -3.39 -17.18 6.97
C ALA A 77 -3.91 -15.75 6.94
N LYS A 78 -5.23 -15.55 7.11
CA LYS A 78 -5.82 -14.21 7.26
C LYS A 78 -5.26 -13.48 8.47
N ALA A 79 -5.13 -14.14 9.63
CA ALA A 79 -4.50 -13.57 10.82
C ALA A 79 -3.01 -13.22 10.61
N GLU A 80 -2.31 -13.97 9.76
CA GLU A 80 -0.90 -13.70 9.43
C GLU A 80 -0.79 -12.49 8.50
N VAL A 81 -1.61 -12.39 7.44
CA VAL A 81 -1.62 -11.23 6.56
C VAL A 81 -2.26 -9.99 7.20
N GLU A 82 -3.13 -10.17 8.21
CA GLU A 82 -3.60 -9.08 9.09
C GLU A 82 -2.44 -8.45 9.90
N SER A 83 -1.41 -9.23 10.27
CA SER A 83 -0.20 -8.66 10.89
C SER A 83 0.58 -7.83 9.87
N LYS A 84 0.61 -8.26 8.61
CA LYS A 84 1.24 -7.51 7.50
C LYS A 84 0.46 -6.25 7.10
N LYS A 85 -0.89 -6.28 7.20
CA LYS A 85 -1.74 -5.09 7.16
C LYS A 85 -1.40 -4.12 8.29
N ALA A 86 -1.22 -4.61 9.52
CA ALA A 86 -0.79 -3.79 10.64
C ALA A 86 0.59 -3.16 10.37
N GLU A 87 1.52 -3.85 9.69
CA GLU A 87 2.80 -3.27 9.26
C GLU A 87 2.63 -2.17 8.21
N ALA A 88 1.82 -2.38 7.17
CA ALA A 88 1.43 -1.34 6.21
C ALA A 88 0.86 -0.09 6.90
N THR A 89 -0.03 -0.31 7.88
CA THR A 89 -0.66 0.73 8.68
C THR A 89 0.29 1.39 9.69
N ARG A 90 1.30 0.68 10.21
CA ARG A 90 2.40 1.25 11.01
C ARG A 90 3.31 2.17 10.19
N LEU A 91 3.52 1.91 8.90
CA LEU A 91 4.14 2.91 8.02
C LEU A 91 3.28 4.17 7.86
N GLU A 92 1.96 4.04 7.88
CA GLU A 92 1.03 5.18 7.89
C GLU A 92 1.28 6.10 9.09
N LYS A 93 1.78 5.54 10.20
CA LYS A 93 2.26 6.33 11.34
C LYS A 93 3.56 7.05 10.99
N ILE A 94 4.51 6.37 10.34
CA ILE A 94 5.80 6.93 9.91
C ILE A 94 5.67 8.08 8.91
N LYS A 95 4.78 8.04 7.91
CA LYS A 95 4.55 9.23 7.06
C LYS A 95 4.03 10.44 7.85
N THR A 96 3.17 10.20 8.84
CA THR A 96 2.64 11.24 9.74
C THR A 96 3.74 11.79 10.65
N ASP A 97 4.53 10.91 11.26
CA ASP A 97 5.67 11.27 12.12
C ASP A 97 6.76 12.02 11.34
N ARG A 98 7.07 11.57 10.12
CA ARG A 98 7.86 12.36 9.15
C ARG A 98 7.29 13.77 8.95
N LYS A 99 6.01 13.90 8.56
CA LYS A 99 5.36 15.18 8.24
C LYS A 99 5.53 16.22 9.35
N LYS A 100 5.23 15.88 10.61
CA LYS A 100 5.45 16.75 11.78
C LYS A 100 6.93 17.01 12.10
N ALA A 101 7.83 16.06 11.86
CA ALA A 101 9.27 16.23 12.06
C ALA A 101 9.91 17.20 11.04
N GLU A 102 9.63 17.05 9.74
CA GLU A 102 10.20 17.86 8.66
C GLU A 102 9.52 19.25 8.48
N GLU A 103 8.53 19.58 9.31
CA GLU A 103 7.94 20.92 9.46
C GLU A 103 8.90 21.85 10.23
N GLU A 104 10.05 22.12 9.62
CA GLU A 104 11.15 22.99 10.09
C GLU A 104 10.80 24.50 10.08
N ALA A 105 9.59 24.85 10.51
CA ALA A 105 8.95 26.17 10.36
C ALA A 105 8.92 26.65 8.89
N LYS A 106 8.39 25.79 8.00
CA LYS A 106 8.09 26.09 6.59
C LYS A 106 7.14 27.29 6.46
N ARG A 107 6.13 27.34 7.33
CA ARG A 107 5.19 28.46 7.54
C ARG A 107 5.85 29.60 8.33
N LYS A 108 6.81 30.25 7.68
CA LYS A 108 7.50 31.47 8.14
C LYS A 108 6.60 32.72 8.28
N ALA A 109 5.32 32.62 7.92
CA ALA A 109 4.33 33.69 7.83
C ALA A 109 4.72 34.85 6.87
N ALA A 110 5.70 34.58 6.00
CA ALA A 110 6.29 35.48 5.02
C ALA A 110 6.72 34.73 3.73
N GLU A 111 6.24 33.50 3.53
CA GLU A 111 6.48 32.67 2.34
C GLU A 111 5.93 33.25 1.02
N GLU A 112 5.10 34.31 1.08
CA GLU A 112 4.31 34.93 0.00
C GLU A 112 3.18 34.01 -0.54
N ASP A 113 3.43 32.71 -0.61
CA ASP A 113 2.51 31.63 -0.98
C ASP A 113 1.16 31.67 -0.22
N LYS A 114 1.18 32.19 1.01
CA LYS A 114 0.00 32.48 1.86
C LYS A 114 -1.07 33.33 1.19
N VAL A 115 -0.76 34.08 0.13
CA VAL A 115 -1.70 34.94 -0.62
C VAL A 115 -2.94 34.18 -1.14
N LYS A 116 -2.81 32.89 -1.45
CA LYS A 116 -3.93 32.02 -1.86
C LYS A 116 -4.96 31.77 -0.75
N GLU A 117 -4.52 31.85 0.51
CA GLU A 117 -5.32 31.64 1.74
C GLU A 117 -5.80 32.98 2.32
N LYS A 118 -4.92 34.00 2.34
CA LYS A 118 -5.13 35.34 2.90
C LYS A 118 -4.80 36.44 1.85
N PRO A 119 -5.68 36.67 0.86
CA PRO A 119 -5.50 37.70 -0.17
C PRO A 119 -5.62 39.13 0.40
N GLY A 1 -18.80 -20.40 -6.63
CA GLY A 1 -17.53 -20.69 -5.92
C GLY A 1 -17.14 -22.16 -6.03
N SER A 2 -15.83 -22.45 -6.01
CA SER A 2 -15.22 -23.77 -6.24
C SER A 2 -15.47 -24.30 -7.66
N HIS A 3 -14.51 -24.03 -8.55
CA HIS A 3 -14.57 -24.27 -9.99
C HIS A 3 -13.19 -24.83 -10.39
N MET A 4 -12.23 -23.91 -10.46
CA MET A 4 -10.84 -24.03 -10.14
C MET A 4 -10.51 -22.58 -9.72
N PRO A 5 -10.32 -22.27 -8.43
CA PRO A 5 -9.98 -20.92 -7.96
C PRO A 5 -8.72 -20.32 -8.61
N GLU A 6 -7.95 -21.12 -9.35
CA GLU A 6 -6.97 -20.70 -10.36
C GLU A 6 -7.52 -19.60 -11.29
N LYS A 7 -8.77 -19.76 -11.74
CA LYS A 7 -9.52 -18.80 -12.55
C LYS A 7 -9.74 -17.47 -11.81
N LYS A 8 -10.14 -17.57 -10.55
CA LYS A 8 -10.35 -16.42 -9.67
C LYS A 8 -9.07 -15.69 -9.27
N VAL A 9 -7.95 -16.39 -9.05
CA VAL A 9 -6.66 -15.71 -8.81
C VAL A 9 -6.05 -15.10 -10.07
N ALA A 10 -6.32 -15.67 -11.24
CA ALA A 10 -5.88 -15.16 -12.54
C ALA A 10 -6.61 -13.86 -12.89
N GLU A 11 -7.93 -13.81 -12.64
CA GLU A 11 -8.68 -12.55 -12.56
C GLU A 11 -8.11 -11.61 -11.49
N ALA A 12 -7.95 -12.05 -10.24
CA ALA A 12 -7.38 -11.20 -9.19
C ALA A 12 -5.88 -10.84 -9.36
N GLU A 13 -5.25 -11.32 -10.43
CA GLU A 13 -3.88 -10.98 -10.85
C GLU A 13 -3.91 -9.80 -11.81
N LYS A 14 -4.97 -9.68 -12.61
CA LYS A 14 -5.29 -8.49 -13.42
C LYS A 14 -5.35 -7.24 -12.55
N LYS A 15 -5.95 -7.41 -11.38
CA LYS A 15 -5.90 -6.50 -10.23
C LYS A 15 -4.47 -6.33 -9.71
N VAL A 16 -3.81 -7.42 -9.31
CA VAL A 16 -2.48 -7.34 -8.64
C VAL A 16 -1.43 -6.63 -9.50
N GLU A 17 -1.66 -6.63 -10.79
CA GLU A 17 -0.84 -5.99 -11.81
C GLU A 17 -1.03 -4.47 -11.79
N GLU A 18 -2.26 -3.97 -11.71
CA GLU A 18 -2.54 -2.54 -11.49
C GLU A 18 -2.04 -2.08 -10.11
N ALA A 19 -2.21 -2.91 -9.07
CA ALA A 19 -1.67 -2.70 -7.73
C ALA A 19 -0.14 -2.53 -7.76
N LYS A 20 0.59 -3.52 -8.30
CA LYS A 20 2.06 -3.47 -8.47
C LYS A 20 2.51 -2.31 -9.35
N LYS A 21 1.84 -2.02 -10.47
CA LYS A 21 2.13 -0.87 -11.36
C LYS A 21 2.20 0.46 -10.60
N LYS A 22 1.24 0.71 -9.69
CA LYS A 22 1.25 1.89 -8.80
C LYS A 22 2.50 1.93 -7.91
N ALA A 23 2.86 0.81 -7.28
CA ALA A 23 4.11 0.70 -6.53
C ALA A 23 5.37 0.86 -7.42
N GLU A 24 5.35 0.42 -8.67
CA GLU A 24 6.47 0.56 -9.61
C GLU A 24 6.66 2.00 -10.12
N ASP A 25 5.58 2.76 -10.27
CA ASP A 25 5.66 4.21 -10.45
C ASP A 25 6.32 4.92 -9.26
N GLN A 26 6.24 4.32 -8.07
CA GLN A 26 6.90 4.79 -6.85
C GLN A 26 8.31 4.20 -6.68
N LYS A 27 8.61 3.10 -7.37
CA LYS A 27 9.95 2.54 -7.53
C LYS A 27 10.81 3.39 -8.47
N GLU A 28 10.19 3.92 -9.52
CA GLU A 28 10.79 5.02 -10.30
C GLU A 28 11.21 6.16 -9.36
N GLU A 29 10.33 6.59 -8.45
CA GLU A 29 10.66 7.60 -7.42
C GLU A 29 11.84 7.21 -6.49
N ASP A 30 12.06 5.95 -6.14
CA ASP A 30 13.15 5.41 -5.36
C ASP A 30 14.48 5.57 -6.09
N ARG A 31 14.55 5.33 -7.41
CA ARG A 31 15.78 5.49 -8.19
C ARG A 31 15.95 6.93 -8.66
N ARG A 32 14.88 7.74 -8.61
CA ARG A 32 14.93 9.19 -8.79
C ARG A 32 15.32 9.95 -7.54
N ASN A 33 15.09 9.35 -6.38
CA ASN A 33 15.66 9.80 -5.11
C ASN A 33 16.78 8.89 -4.60
N TYR A 34 17.54 8.26 -5.48
CA TYR A 34 19.00 7.96 -5.41
C TYR A 34 19.93 9.17 -5.60
N PRO A 35 19.66 10.03 -6.59
CA PRO A 35 20.07 11.44 -6.65
C PRO A 35 20.19 12.13 -5.30
N THR A 36 19.15 11.90 -4.52
CA THR A 36 18.94 12.47 -3.18
C THR A 36 19.19 11.45 -2.05
N ASN A 37 18.93 10.16 -2.30
CA ASN A 37 18.96 9.07 -1.33
C ASN A 37 18.06 9.29 -0.12
N THR A 38 16.85 9.75 -0.48
CA THR A 38 15.61 9.57 0.27
C THR A 38 14.72 8.47 -0.31
N TYR A 39 14.97 8.02 -1.56
CA TYR A 39 14.46 6.82 -2.26
C TYR A 39 13.29 6.01 -1.68
N LYS A 40 13.38 5.48 -0.46
CA LYS A 40 12.33 4.69 0.17
C LYS A 40 11.05 5.49 0.40
N THR A 41 11.16 6.82 0.27
CA THR A 41 10.10 7.81 -0.02
C THR A 41 8.72 7.24 0.31
N LEU A 42 8.37 7.39 1.59
CA LEU A 42 7.40 6.50 2.27
C LEU A 42 6.06 6.24 1.55
N GLU A 43 5.61 7.03 0.57
CA GLU A 43 4.55 6.61 -0.38
C GLU A 43 4.86 5.37 -1.25
N LEU A 44 6.12 5.14 -1.66
CA LEU A 44 6.62 3.82 -2.09
C LEU A 44 6.47 2.80 -0.97
N GLU A 45 6.94 3.10 0.24
CA GLU A 45 6.87 2.12 1.34
C GLU A 45 5.42 1.66 1.65
N ILE A 46 4.48 2.61 1.68
CA ILE A 46 3.01 2.42 1.78
C ILE A 46 2.49 1.57 0.63
N ALA A 47 2.76 1.99 -0.61
CA ALA A 47 2.28 1.29 -1.80
C ALA A 47 2.78 -0.16 -1.81
N GLU A 48 4.07 -0.38 -1.57
CA GLU A 48 4.64 -1.73 -1.57
C GLU A 48 4.00 -2.62 -0.49
N SER A 49 3.90 -2.13 0.76
CA SER A 49 3.31 -2.89 1.87
C SER A 49 1.81 -3.18 1.67
N ASP A 50 0.97 -2.20 1.29
CA ASP A 50 -0.43 -2.42 0.94
C ASP A 50 -0.62 -3.42 -0.23
N VAL A 51 0.23 -3.35 -1.27
CA VAL A 51 0.17 -4.26 -2.43
C VAL A 51 0.49 -5.70 -2.01
N GLU A 52 1.32 -5.89 -0.98
CA GLU A 52 1.56 -7.20 -0.39
C GLU A 52 0.49 -7.68 0.62
N VAL A 53 -0.43 -6.81 1.07
CA VAL A 53 -1.67 -7.24 1.73
C VAL A 53 -2.58 -7.89 0.67
N LYS A 54 -2.58 -7.30 -0.54
CA LYS A 54 -3.35 -7.73 -1.69
C LYS A 54 -2.85 -9.09 -2.16
N LYS A 55 -1.54 -9.23 -2.29
CA LYS A 55 -0.86 -10.49 -2.62
C LYS A 55 -1.35 -11.66 -1.77
N ALA A 56 -1.43 -11.46 -0.46
CA ALA A 56 -1.82 -12.50 0.48
C ALA A 56 -3.31 -12.86 0.36
N GLU A 57 -4.20 -11.87 0.20
CA GLU A 57 -5.63 -12.15 0.07
C GLU A 57 -5.96 -12.93 -1.21
N LEU A 58 -5.21 -12.75 -2.31
CA LEU A 58 -5.33 -13.59 -3.52
C LEU A 58 -4.90 -15.05 -3.23
N GLU A 59 -3.86 -15.30 -2.43
CA GLU A 59 -3.52 -16.67 -2.04
C GLU A 59 -4.68 -17.33 -1.28
N LEU A 60 -5.39 -16.58 -0.43
CA LEU A 60 -6.57 -17.04 0.27
C LEU A 60 -7.84 -17.12 -0.60
N VAL A 61 -7.91 -16.53 -1.81
CA VAL A 61 -8.94 -16.92 -2.81
C VAL A 61 -8.83 -18.42 -3.14
N LYS A 62 -7.60 -18.92 -3.32
CA LYS A 62 -7.36 -20.36 -3.46
C LYS A 62 -7.85 -21.11 -2.23
N GLU A 63 -7.39 -20.77 -1.03
CA GLU A 63 -7.69 -21.57 0.14
C GLU A 63 -9.18 -21.51 0.55
N GLU A 64 -9.88 -20.41 0.26
CA GLU A 64 -11.33 -20.29 0.51
C GLU A 64 -12.22 -21.17 -0.38
N ALA A 65 -11.67 -21.75 -1.46
CA ALA A 65 -12.31 -22.90 -2.11
C ALA A 65 -11.58 -24.25 -1.92
N LYS A 66 -10.25 -24.26 -1.86
CA LYS A 66 -9.42 -25.49 -1.89
C LYS A 66 -9.40 -26.32 -0.60
N GLU A 67 -9.08 -25.71 0.54
CA GLU A 67 -8.26 -26.36 1.57
C GLU A 67 -8.58 -27.55 2.48
N PRO A 68 -9.80 -28.03 2.52
CA PRO A 68 -11.02 -27.35 2.25
C PRO A 68 -11.48 -26.47 3.39
N ARG A 69 -11.02 -25.23 3.22
CA ARG A 69 -11.83 -24.03 3.23
C ARG A 69 -12.69 -23.71 4.45
N ASN A 70 -12.47 -24.43 5.56
CA ASN A 70 -13.38 -24.49 6.69
C ASN A 70 -13.39 -23.21 7.58
N GLU A 71 -13.25 -22.04 6.94
CA GLU A 71 -13.57 -20.69 7.40
C GLU A 71 -12.62 -20.12 8.46
N GLU A 72 -12.02 -20.98 9.27
CA GLU A 72 -10.98 -20.62 10.24
C GLU A 72 -9.67 -20.25 9.54
N LYS A 73 -9.37 -20.94 8.43
CA LYS A 73 -8.07 -20.95 7.77
C LYS A 73 -7.80 -19.68 6.97
N VAL A 74 -8.80 -19.24 6.23
CA VAL A 74 -8.85 -17.95 5.51
C VAL A 74 -8.82 -16.78 6.51
N LYS A 75 -9.54 -16.88 7.65
CA LYS A 75 -9.61 -15.88 8.73
C LYS A 75 -8.30 -15.69 9.48
N GLN A 76 -7.65 -16.78 9.86
CA GLN A 76 -6.29 -16.81 10.38
C GLN A 76 -5.31 -16.04 9.49
N ALA A 77 -5.45 -16.21 8.18
CA ALA A 77 -4.58 -15.51 7.25
C ALA A 77 -4.98 -14.03 7.14
N LYS A 78 -6.29 -13.71 7.20
CA LYS A 78 -6.78 -12.33 7.19
C LYS A 78 -6.26 -11.52 8.38
N ALA A 79 -6.14 -12.14 9.56
CA ALA A 79 -5.46 -11.55 10.71
C ALA A 79 -3.97 -11.22 10.42
N GLU A 80 -3.29 -12.03 9.61
CA GLU A 80 -1.92 -11.76 9.14
C GLU A 80 -1.89 -10.60 8.14
N VAL A 81 -2.74 -10.65 7.09
CA VAL A 81 -2.81 -9.59 6.09
C VAL A 81 -3.19 -8.24 6.71
N GLU A 82 -4.08 -8.24 7.70
CA GLU A 82 -4.45 -7.05 8.46
C GLU A 82 -3.33 -6.54 9.38
N SER A 83 -2.40 -7.39 9.83
CA SER A 83 -1.24 -6.95 10.61
C SER A 83 -0.26 -6.17 9.71
N LYS A 84 -0.10 -6.64 8.47
CA LYS A 84 0.65 -5.97 7.40
C LYS A 84 -0.02 -4.66 6.95
N LYS A 85 -1.35 -4.65 6.82
CA LYS A 85 -2.16 -3.45 6.57
C LYS A 85 -1.96 -2.39 7.65
N ALA A 86 -1.97 -2.79 8.93
CA ALA A 86 -1.76 -1.88 10.05
C ALA A 86 -0.37 -1.21 9.98
N GLU A 87 0.65 -1.90 9.45
CA GLU A 87 1.94 -1.28 9.12
C GLU A 87 1.81 -0.34 7.93
N ALA A 88 1.36 -0.80 6.77
CA ALA A 88 1.16 0.01 5.55
C ALA A 88 0.45 1.35 5.81
N THR A 89 -0.61 1.31 6.63
CA THR A 89 -1.41 2.47 7.03
C THR A 89 -0.79 3.29 8.19
N ARG A 90 0.14 2.71 8.97
CA ARG A 90 1.07 3.45 9.85
C ARG A 90 2.20 4.13 9.06
N LEU A 91 2.66 3.57 7.94
CA LEU A 91 3.59 4.25 7.03
C LEU A 91 2.93 5.51 6.45
N GLU A 92 1.61 5.50 6.27
CA GLU A 92 0.80 6.68 5.95
C GLU A 92 1.04 7.83 6.93
N LYS A 93 0.94 7.53 8.23
CA LYS A 93 1.25 8.48 9.30
C LYS A 93 2.73 8.89 9.29
N ILE A 94 3.64 7.95 9.02
CA ILE A 94 5.08 8.21 8.92
C ILE A 94 5.48 9.12 7.74
N LYS A 95 4.91 8.94 6.54
CA LYS A 95 5.09 9.92 5.43
C LYS A 95 4.61 11.33 5.80
N THR A 96 3.55 11.41 6.61
CA THR A 96 2.97 12.70 7.05
C THR A 96 3.88 13.39 8.06
N ASP A 97 4.44 12.63 9.02
CA ASP A 97 5.39 13.13 10.01
C ASP A 97 6.70 13.59 9.35
N ARG A 98 7.22 12.78 8.42
CA ARG A 98 8.31 13.12 7.50
C ARG A 98 8.05 14.46 6.79
N LYS A 99 6.87 14.66 6.19
CA LYS A 99 6.53 15.91 5.49
C LYS A 99 6.45 17.11 6.45
N LYS A 100 5.71 16.99 7.55
CA LYS A 100 5.52 18.05 8.57
C LYS A 100 6.84 18.53 9.17
N ALA A 101 7.83 17.66 9.31
CA ALA A 101 9.18 17.97 9.80
C ALA A 101 9.97 19.00 8.95
N GLU A 102 9.54 19.29 7.71
CA GLU A 102 10.10 20.37 6.88
C GLU A 102 9.84 21.78 7.44
N GLU A 103 8.88 21.93 8.38
CA GLU A 103 8.39 23.15 9.03
C GLU A 103 7.68 24.13 8.07
N GLU A 104 8.24 24.38 6.88
CA GLU A 104 7.59 25.10 5.78
C GLU A 104 6.30 24.40 5.29
N ALA A 105 6.22 23.08 5.47
CA ALA A 105 5.03 22.24 5.27
C ALA A 105 3.86 22.53 6.25
N LYS A 106 4.06 23.41 7.24
CA LYS A 106 3.01 23.98 8.11
C LYS A 106 2.61 25.41 7.68
N ARG A 107 3.26 25.94 6.65
CA ARG A 107 3.36 27.37 6.30
C ARG A 107 3.11 27.56 4.79
N LYS A 108 4.08 28.12 4.05
CA LYS A 108 3.98 28.44 2.61
C LYS A 108 3.79 27.21 1.71
N ALA A 109 4.39 26.06 2.07
CA ALA A 109 4.19 24.80 1.35
C ALA A 109 2.85 24.10 1.66
N ALA A 110 2.04 24.67 2.57
CA ALA A 110 0.63 24.35 2.80
C ALA A 110 -0.28 25.57 2.48
N GLU A 111 0.24 26.51 1.68
CA GLU A 111 -0.36 27.80 1.27
C GLU A 111 -1.00 28.66 2.36
N GLU A 112 -0.53 28.54 3.61
CA GLU A 112 -0.94 29.39 4.74
C GLU A 112 -0.53 30.87 4.54
N ASP A 113 0.52 31.13 3.75
CA ASP A 113 1.06 32.49 3.55
C ASP A 113 0.10 33.40 2.77
N LYS A 114 -0.74 32.81 1.91
CA LYS A 114 -1.76 33.51 1.10
C LYS A 114 -2.89 34.08 1.96
N VAL A 115 -3.27 33.35 3.02
CA VAL A 115 -4.36 33.72 3.95
C VAL A 115 -4.16 35.13 4.54
N LYS A 116 -2.91 35.51 4.84
CA LYS A 116 -2.50 36.85 5.31
C LYS A 116 -2.95 37.99 4.40
N GLU A 117 -2.98 37.77 3.08
CA GLU A 117 -3.39 38.74 2.06
C GLU A 117 -4.94 38.83 1.90
N LYS A 118 -5.69 37.91 2.53
CA LYS A 118 -7.15 37.74 2.46
C LYS A 118 -7.72 37.82 1.01
N PRO A 119 -7.43 36.82 0.14
CA PRO A 119 -7.94 36.73 -1.23
C PRO A 119 -9.47 36.89 -1.36
N GLY A 1 -18.02 -18.53 -2.71
CA GLY A 1 -17.14 -18.69 -3.89
C GLY A 1 -17.56 -19.90 -4.71
N SER A 2 -16.60 -20.76 -5.07
CA SER A 2 -16.82 -22.08 -5.71
C SER A 2 -17.57 -21.98 -7.05
N HIS A 3 -16.87 -21.41 -8.04
CA HIS A 3 -17.31 -21.20 -9.42
C HIS A 3 -16.11 -21.65 -10.28
N MET A 4 -15.14 -20.75 -10.44
CA MET A 4 -13.75 -20.98 -10.09
C MET A 4 -13.14 -19.60 -9.84
N PRO A 5 -13.31 -19.00 -8.63
CA PRO A 5 -13.09 -17.56 -8.35
C PRO A 5 -11.68 -17.03 -8.59
N GLU A 6 -10.77 -17.83 -9.16
CA GLU A 6 -9.70 -17.38 -10.05
C GLU A 6 -10.13 -16.27 -11.02
N LYS A 7 -11.39 -16.26 -11.46
CA LYS A 7 -12.03 -15.13 -12.16
C LYS A 7 -11.87 -13.82 -11.40
N LYS A 8 -12.27 -13.82 -10.13
CA LYS A 8 -12.15 -12.67 -9.22
C LYS A 8 -10.71 -12.40 -8.81
N VAL A 9 -9.86 -13.42 -8.71
CA VAL A 9 -8.42 -13.27 -8.46
C VAL A 9 -7.73 -12.57 -9.64
N ALA A 10 -8.08 -12.89 -10.88
CA ALA A 10 -7.55 -12.26 -12.09
C ALA A 10 -8.06 -10.81 -12.22
N GLU A 11 -9.36 -10.59 -12.00
CA GLU A 11 -9.92 -9.25 -11.97
C GLU A 11 -9.29 -8.36 -10.89
N ALA A 12 -9.15 -8.86 -9.66
CA ALA A 12 -8.46 -8.14 -8.59
C ALA A 12 -6.92 -8.07 -8.77
N GLU A 13 -6.36 -8.84 -9.71
CA GLU A 13 -4.92 -8.80 -10.01
C GLU A 13 -4.63 -7.60 -10.93
N LYS A 14 -5.57 -7.31 -11.82
CA LYS A 14 -5.58 -6.13 -12.69
C LYS A 14 -5.55 -4.84 -11.87
N LYS A 15 -6.29 -4.86 -10.76
CA LYS A 15 -6.29 -3.84 -9.71
C LYS A 15 -4.96 -3.79 -8.94
N VAL A 16 -4.39 -4.93 -8.55
CA VAL A 16 -3.07 -5.00 -7.90
C VAL A 16 -1.95 -4.43 -8.80
N GLU A 17 -2.03 -4.62 -10.12
CA GLU A 17 -1.11 -4.01 -11.08
C GLU A 17 -1.23 -2.48 -11.12
N GLU A 18 -2.43 -1.91 -11.01
CA GLU A 18 -2.62 -0.46 -10.85
C GLU A 18 -2.16 0.05 -9.47
N ALA A 19 -2.38 -0.71 -8.40
CA ALA A 19 -1.81 -0.47 -7.07
C ALA A 19 -0.26 -0.42 -7.11
N LYS A 20 0.37 -1.37 -7.80
CA LYS A 20 1.81 -1.43 -8.10
C LYS A 20 2.28 -0.24 -8.94
N LYS A 21 1.53 0.18 -9.97
CA LYS A 21 1.78 1.40 -10.75
C LYS A 21 1.80 2.66 -9.88
N LYS A 22 0.90 2.77 -8.89
CA LYS A 22 0.92 3.83 -7.86
C LYS A 22 2.18 3.78 -6.99
N ALA A 23 2.63 2.60 -6.56
CA ALA A 23 3.93 2.46 -5.90
C ALA A 23 5.11 2.82 -6.83
N GLU A 24 5.02 2.55 -8.13
CA GLU A 24 6.01 2.98 -9.14
C GLU A 24 6.06 4.53 -9.31
N ASP A 25 4.99 5.24 -8.99
CA ASP A 25 4.99 6.70 -8.83
C ASP A 25 5.87 7.15 -7.64
N GLN A 26 5.89 6.36 -6.58
CA GLN A 26 6.77 6.63 -5.44
C GLN A 26 8.21 6.20 -5.76
N LYS A 27 8.38 5.14 -6.56
CA LYS A 27 9.65 4.73 -7.17
C LYS A 27 10.26 5.80 -8.07
N GLU A 28 9.41 6.55 -8.77
CA GLU A 28 9.83 7.78 -9.45
C GLU A 28 10.59 8.69 -8.48
N GLU A 29 10.07 8.93 -7.27
CA GLU A 29 10.86 9.59 -6.22
C GLU A 29 12.21 8.88 -5.95
N ASP A 30 12.24 7.56 -5.76
CA ASP A 30 13.47 6.79 -5.59
C ASP A 30 14.32 6.60 -6.88
N ARG A 31 14.12 7.45 -7.91
CA ARG A 31 15.12 7.75 -8.97
C ARG A 31 15.25 9.24 -9.30
N ARG A 32 14.30 10.09 -8.85
CA ARG A 32 14.22 11.53 -9.17
C ARG A 32 14.31 12.47 -7.99
N ASN A 33 14.07 11.94 -6.81
CA ASN A 33 14.23 12.63 -5.55
C ASN A 33 15.59 12.29 -4.88
N TYR A 34 16.43 11.54 -5.59
CA TYR A 34 17.91 11.36 -5.59
C TYR A 34 18.76 12.60 -5.92
N PRO A 35 18.47 13.29 -7.02
CA PRO A 35 18.73 14.72 -7.25
C PRO A 35 18.74 15.59 -6.00
N THR A 36 17.77 15.30 -5.15
CA THR A 36 17.48 15.96 -3.86
C THR A 36 17.87 15.13 -2.63
N ASN A 37 18.08 13.82 -2.83
CA ASN A 37 18.29 12.76 -1.85
C ASN A 37 17.44 12.83 -0.59
N THR A 38 16.14 12.91 -0.88
CA THR A 38 15.08 12.36 -0.04
C THR A 38 14.48 11.06 -0.63
N TYR A 39 14.76 10.76 -1.90
CA TYR A 39 14.65 9.48 -2.63
C TYR A 39 13.92 8.27 -2.00
N LYS A 40 14.35 7.74 -0.83
CA LYS A 40 13.92 6.47 -0.26
C LYS A 40 12.46 6.48 0.12
N THR A 41 11.98 7.70 0.41
CA THR A 41 10.58 8.10 0.49
C THR A 41 9.71 7.01 1.08
N LEU A 42 9.66 6.99 2.41
CA LEU A 42 9.00 5.92 3.16
C LEU A 42 7.51 5.70 2.76
N GLU A 43 6.85 6.65 2.09
CA GLU A 43 5.58 6.44 1.35
C GLU A 43 5.63 5.43 0.19
N LEU A 44 6.75 5.26 -0.53
CA LEU A 44 7.06 4.09 -1.37
C LEU A 44 7.03 2.82 -0.53
N GLU A 45 7.78 2.79 0.57
CA GLU A 45 7.89 1.62 1.45
C GLU A 45 6.51 1.16 2.00
N ILE A 46 5.72 2.12 2.49
CA ILE A 46 4.30 2.02 2.87
C ILE A 46 3.42 1.51 1.72
N ALA A 47 3.52 2.12 0.53
CA ALA A 47 2.74 1.71 -0.63
C ALA A 47 3.03 0.26 -1.02
N GLU A 48 4.30 -0.16 -1.03
CA GLU A 48 4.65 -1.54 -1.39
C GLU A 48 4.07 -2.54 -0.37
N SER A 49 4.27 -2.29 0.92
CA SER A 49 3.75 -3.16 2.00
C SER A 49 2.22 -3.22 2.05
N ASP A 50 1.49 -2.10 1.95
CA ASP A 50 0.02 -2.10 1.81
C ASP A 50 -0.47 -2.82 0.55
N VAL A 51 0.18 -2.64 -0.60
CA VAL A 51 -0.19 -3.31 -1.86
C VAL A 51 0.07 -4.82 -1.78
N GLU A 52 0.95 -5.25 -0.90
CA GLU A 52 1.10 -6.66 -0.54
C GLU A 52 0.10 -7.19 0.52
N VAL A 53 -0.61 -6.33 1.25
CA VAL A 53 -1.84 -6.75 1.96
C VAL A 53 -2.88 -7.18 0.92
N LYS A 54 -2.95 -6.41 -0.17
CA LYS A 54 -3.90 -6.60 -1.27
C LYS A 54 -3.60 -7.91 -1.99
N LYS A 55 -2.32 -8.13 -2.29
CA LYS A 55 -1.78 -9.39 -2.81
C LYS A 55 -2.24 -10.61 -2.01
N ALA A 56 -2.06 -10.55 -0.70
CA ALA A 56 -2.41 -11.63 0.23
C ALA A 56 -3.94 -11.86 0.29
N GLU A 57 -4.75 -10.81 0.18
CA GLU A 57 -6.21 -10.94 0.03
C GLU A 57 -6.63 -11.62 -1.27
N LEU A 58 -5.98 -11.35 -2.41
CA LEU A 58 -6.30 -12.08 -3.65
C LEU A 58 -6.02 -13.59 -3.50
N GLU A 59 -5.01 -13.95 -2.71
CA GLU A 59 -4.65 -15.33 -2.42
C GLU A 59 -5.68 -16.01 -1.49
N LEU A 60 -6.23 -15.29 -0.51
CA LEU A 60 -7.43 -15.69 0.24
C LEU A 60 -8.63 -15.98 -0.71
N VAL A 61 -8.91 -15.14 -1.72
CA VAL A 61 -10.01 -15.38 -2.70
C VAL A 61 -9.90 -16.74 -3.42
N LYS A 62 -8.67 -17.19 -3.74
CA LYS A 62 -8.41 -18.56 -4.22
C LYS A 62 -8.87 -19.62 -3.23
N GLU A 63 -8.35 -19.55 -2.02
CA GLU A 63 -8.59 -20.50 -0.92
C GLU A 63 -10.06 -20.49 -0.46
N GLU A 64 -10.75 -19.39 -0.73
CA GLU A 64 -12.18 -19.17 -0.52
C GLU A 64 -13.05 -20.09 -1.39
N ALA A 65 -12.60 -20.48 -2.58
CA ALA A 65 -13.04 -21.77 -3.15
C ALA A 65 -12.29 -22.99 -2.58
N LYS A 66 -10.95 -22.92 -2.58
CA LYS A 66 -10.09 -24.06 -2.84
C LYS A 66 -9.19 -24.55 -1.70
N GLU A 67 -9.66 -24.50 -0.44
CA GLU A 67 -8.89 -25.02 0.72
C GLU A 67 -9.50 -26.04 1.74
N PRO A 68 -9.74 -27.28 1.31
CA PRO A 68 -10.93 -27.30 0.51
C PRO A 68 -12.21 -27.15 1.28
N ARG A 69 -12.46 -25.85 1.31
CA ARG A 69 -13.27 -25.04 2.14
C ARG A 69 -13.52 -25.56 3.54
N ASN A 70 -12.38 -25.66 4.22
CA ASN A 70 -12.25 -25.96 5.63
C ASN A 70 -12.32 -24.71 6.52
N GLU A 71 -12.26 -23.52 5.90
CA GLU A 71 -12.72 -22.24 6.42
C GLU A 71 -11.84 -21.62 7.52
N GLU A 72 -11.11 -22.44 8.29
CA GLU A 72 -9.99 -21.99 9.12
C GLU A 72 -8.93 -21.26 8.29
N LYS A 73 -8.64 -21.78 7.08
CA LYS A 73 -7.47 -21.41 6.31
C LYS A 73 -7.54 -20.00 5.73
N VAL A 74 -8.70 -19.61 5.22
CA VAL A 74 -9.00 -18.24 4.78
C VAL A 74 -9.01 -17.22 5.94
N LYS A 75 -9.47 -17.64 7.13
CA LYS A 75 -9.36 -16.81 8.35
C LYS A 75 -7.93 -16.59 8.80
N GLN A 76 -7.11 -17.65 8.80
CA GLN A 76 -5.67 -17.55 8.97
C GLN A 76 -5.01 -16.67 7.89
N ALA A 77 -5.48 -16.73 6.64
CA ALA A 77 -4.94 -15.90 5.56
C ALA A 77 -5.18 -14.43 5.87
N LYS A 78 -6.40 -14.08 6.31
CA LYS A 78 -6.71 -12.75 6.86
C LYS A 78 -5.84 -12.37 8.06
N ALA A 79 -5.45 -13.30 8.94
CA ALA A 79 -4.54 -12.99 10.04
C ALA A 79 -3.11 -12.67 9.56
N GLU A 80 -2.70 -13.18 8.39
CA GLU A 80 -1.45 -12.82 7.73
C GLU A 80 -1.56 -11.44 7.07
N VAL A 81 -2.65 -11.17 6.32
CA VAL A 81 -2.86 -9.83 5.73
C VAL A 81 -2.93 -8.76 6.82
N GLU A 82 -3.51 -9.08 7.98
CA GLU A 82 -3.53 -8.22 9.18
C GLU A 82 -2.12 -7.91 9.71
N SER A 83 -1.17 -8.87 9.65
CA SER A 83 0.22 -8.64 10.04
C SER A 83 0.88 -7.68 9.06
N LYS A 84 0.69 -7.90 7.75
CA LYS A 84 1.26 -7.04 6.70
C LYS A 84 0.70 -5.62 6.75
N LYS A 85 -0.60 -5.48 7.07
CA LYS A 85 -1.30 -4.20 7.31
C LYS A 85 -0.72 -3.47 8.52
N ALA A 86 -0.47 -4.17 9.63
CA ALA A 86 0.17 -3.60 10.81
C ALA A 86 1.58 -3.09 10.49
N GLU A 87 2.39 -3.85 9.75
CA GLU A 87 3.70 -3.40 9.25
C GLU A 87 3.60 -2.17 8.33
N ALA A 88 2.76 -2.23 7.30
CA ALA A 88 2.57 -1.12 6.35
C ALA A 88 2.18 0.19 7.05
N THR A 89 1.30 0.12 8.05
CA THR A 89 0.86 1.29 8.81
C THR A 89 1.81 1.68 9.96
N ARG A 90 2.63 0.75 10.47
CA ARG A 90 3.84 1.07 11.26
C ARG A 90 4.84 1.89 10.44
N LEU A 91 5.02 1.62 9.14
CA LEU A 91 5.81 2.51 8.28
C LEU A 91 5.23 3.92 8.15
N GLU A 92 3.90 4.06 8.12
CA GLU A 92 3.25 5.38 8.21
C GLU A 92 3.73 6.17 9.43
N LYS A 93 4.08 5.48 10.52
CA LYS A 93 4.72 6.09 11.69
C LYS A 93 6.17 6.52 11.39
N ILE A 94 6.98 5.69 10.73
CA ILE A 94 8.38 6.03 10.39
C ILE A 94 8.53 7.18 9.39
N LYS A 95 7.68 7.30 8.36
CA LYS A 95 7.72 8.49 7.49
C LYS A 95 7.46 9.78 8.27
N THR A 96 6.55 9.69 9.25
CA THR A 96 6.17 10.81 10.12
C THR A 96 7.31 11.14 11.09
N ASP A 97 7.84 10.11 11.76
CA ASP A 97 8.88 10.23 12.78
C ASP A 97 10.19 10.77 12.19
N ARG A 98 10.59 10.30 10.99
CA ARG A 98 11.78 10.80 10.29
C ARG A 98 11.72 12.30 9.98
N LYS A 99 10.54 12.83 9.63
CA LYS A 99 10.29 14.28 9.51
C LYS A 99 10.25 14.97 10.88
N LYS A 100 9.48 14.44 11.82
CA LYS A 100 9.27 14.97 13.20
C LYS A 100 10.56 15.11 14.02
N ALA A 101 11.62 14.36 13.68
CA ALA A 101 12.97 14.50 14.22
C ALA A 101 13.53 15.93 14.12
N GLU A 102 13.12 16.71 13.11
CA GLU A 102 13.33 18.17 13.02
C GLU A 102 12.33 18.91 13.94
N GLU A 103 12.34 18.55 15.22
CA GLU A 103 11.62 19.16 16.34
C GLU A 103 10.18 19.64 16.04
N GLU A 104 9.36 18.75 15.46
CA GLU A 104 7.94 18.97 15.09
C GLU A 104 7.70 20.15 14.10
N ALA A 105 8.74 20.63 13.40
CA ALA A 105 8.68 21.71 12.42
C ALA A 105 8.12 21.21 11.07
N LYS A 106 6.82 20.91 11.08
CA LYS A 106 6.01 20.41 9.95
C LYS A 106 6.16 21.23 8.65
N ARG A 107 6.21 22.57 8.77
CA ARG A 107 6.43 23.56 7.69
C ARG A 107 5.77 23.19 6.33
N LYS A 108 4.44 23.20 6.29
CA LYS A 108 3.65 23.03 5.05
C LYS A 108 3.74 24.21 4.07
N ALA A 109 4.42 25.31 4.44
CA ALA A 109 4.68 26.51 3.65
C ALA A 109 3.45 27.09 2.89
N ALA A 110 2.27 26.96 3.50
CA ALA A 110 0.94 27.28 2.93
C ALA A 110 0.64 26.61 1.58
N GLU A 111 1.35 25.54 1.20
CA GLU A 111 1.16 24.83 -0.07
C GLU A 111 -0.19 24.11 -0.14
N GLU A 112 -0.73 23.68 0.99
CA GLU A 112 -2.13 23.24 1.11
C GLU A 112 -3.09 24.31 0.56
N ASP A 113 -3.02 25.51 1.11
CA ASP A 113 -3.86 26.65 0.74
C ASP A 113 -3.69 27.03 -0.74
N LYS A 114 -2.43 27.11 -1.20
CA LYS A 114 -2.06 27.49 -2.56
C LYS A 114 -2.50 26.45 -3.60
N VAL A 115 -2.23 25.17 -3.37
CA VAL A 115 -2.71 24.07 -4.24
C VAL A 115 -4.23 24.02 -4.34
N LYS A 116 -4.96 24.14 -3.21
CA LYS A 116 -6.43 24.19 -3.19
C LYS A 116 -7.02 25.39 -3.94
N GLU A 117 -6.40 26.57 -3.85
CA GLU A 117 -6.82 27.77 -4.57
C GLU A 117 -6.50 27.69 -6.08
N LYS A 118 -5.29 27.21 -6.40
CA LYS A 118 -4.74 27.12 -7.77
C LYS A 118 -4.14 25.72 -8.06
N PRO A 119 -4.98 24.73 -8.46
CA PRO A 119 -4.55 23.40 -8.90
C PRO A 119 -3.46 23.39 -9.99
N GLY A 1 -18.34 -19.11 -5.24
CA GLY A 1 -17.58 -19.62 -6.41
C GLY A 1 -16.88 -20.92 -6.06
N SER A 2 -17.15 -21.99 -6.80
CA SER A 2 -16.72 -23.37 -6.52
C SER A 2 -16.26 -24.08 -7.80
N HIS A 3 -15.29 -23.48 -8.49
CA HIS A 3 -14.84 -23.84 -9.83
C HIS A 3 -13.30 -23.93 -9.79
N MET A 4 -12.66 -22.84 -10.22
CA MET A 4 -11.24 -22.56 -10.15
C MET A 4 -11.18 -21.07 -9.77
N PRO A 5 -11.27 -20.70 -8.48
CA PRO A 5 -11.29 -19.32 -7.96
C PRO A 5 -10.17 -18.39 -8.46
N GLU A 6 -9.25 -18.90 -9.27
CA GLU A 6 -8.51 -18.14 -10.29
C GLU A 6 -9.39 -17.12 -11.01
N LYS A 7 -10.67 -17.44 -11.30
CA LYS A 7 -11.59 -16.48 -11.94
C LYS A 7 -11.74 -15.17 -11.17
N LYS A 8 -11.81 -15.26 -9.84
CA LYS A 8 -11.84 -14.10 -8.94
C LYS A 8 -10.45 -13.52 -8.69
N VAL A 9 -9.46 -14.39 -8.47
CA VAL A 9 -8.10 -14.01 -8.05
C VAL A 9 -7.28 -13.43 -9.21
N ALA A 10 -7.58 -13.79 -10.47
CA ALA A 10 -6.93 -13.28 -11.68
C ALA A 10 -7.58 -11.98 -12.15
N GLU A 11 -8.91 -11.87 -12.05
CA GLU A 11 -9.59 -10.57 -12.07
C GLU A 11 -8.98 -9.61 -11.03
N ALA A 12 -8.83 -10.05 -9.78
CA ALA A 12 -8.20 -9.23 -8.75
C ALA A 12 -6.65 -9.15 -8.83
N GLU A 13 -6.02 -9.86 -9.78
CA GLU A 13 -4.56 -9.74 -10.02
C GLU A 13 -4.28 -8.46 -10.82
N LYS A 14 -5.21 -8.16 -11.73
CA LYS A 14 -5.24 -6.96 -12.58
C LYS A 14 -5.41 -5.72 -11.72
N LYS A 15 -6.27 -5.83 -10.70
CA LYS A 15 -6.39 -4.88 -9.60
C LYS A 15 -5.10 -4.75 -8.78
N VAL A 16 -4.52 -5.88 -8.35
CA VAL A 16 -3.21 -5.88 -7.63
C VAL A 16 -2.10 -5.21 -8.46
N GLU A 17 -2.28 -5.09 -9.78
CA GLU A 17 -1.32 -4.44 -10.67
C GLU A 17 -1.51 -2.92 -10.70
N GLU A 18 -2.75 -2.44 -10.70
CA GLU A 18 -3.08 -1.02 -10.45
C GLU A 18 -2.60 -0.57 -9.06
N ALA A 19 -2.78 -1.41 -8.04
CA ALA A 19 -2.29 -1.21 -6.68
C ALA A 19 -0.76 -1.08 -6.65
N LYS A 20 -0.05 -2.02 -7.30
CA LYS A 20 1.39 -1.95 -7.54
C LYS A 20 1.80 -0.69 -8.31
N LYS A 21 1.04 -0.26 -9.33
CA LYS A 21 1.33 0.94 -10.14
C LYS A 21 1.41 2.22 -9.30
N LYS A 22 0.58 2.36 -8.26
CA LYS A 22 0.69 3.46 -7.27
C LYS A 22 1.96 3.37 -6.43
N ALA A 23 2.35 2.18 -5.96
CA ALA A 23 3.66 2.03 -5.33
C ALA A 23 4.83 2.35 -6.31
N GLU A 24 4.71 1.99 -7.58
CA GLU A 24 5.66 2.38 -8.63
C GLU A 24 5.66 3.90 -8.92
N ASP A 25 4.61 4.63 -8.57
CA ASP A 25 4.60 6.10 -8.54
C ASP A 25 5.57 6.66 -7.49
N GLN A 26 5.77 5.93 -6.39
CA GLN A 26 6.78 6.28 -5.37
C GLN A 26 8.18 5.71 -5.70
N LYS A 27 8.25 4.65 -6.52
CA LYS A 27 9.50 4.18 -7.17
C LYS A 27 10.07 5.22 -8.13
N GLU A 28 9.20 5.84 -8.89
CA GLU A 28 9.53 7.05 -9.66
C GLU A 28 10.12 8.14 -8.76
N GLU A 29 9.62 8.32 -7.54
CA GLU A 29 10.30 9.16 -6.53
C GLU A 29 11.73 8.66 -6.22
N ASP A 30 11.92 7.44 -5.72
CA ASP A 30 13.15 6.64 -5.56
C ASP A 30 14.03 6.43 -6.82
N ARG A 31 13.82 7.19 -7.90
CA ARG A 31 14.85 7.41 -8.95
C ARG A 31 14.99 8.86 -9.41
N ARG A 32 14.10 9.76 -8.96
CA ARG A 32 14.18 11.22 -9.15
C ARG A 32 14.64 12.00 -7.94
N ASN A 33 14.51 11.37 -6.79
CA ASN A 33 14.78 11.92 -5.46
C ASN A 33 16.12 11.42 -4.88
N TYR A 34 16.82 10.59 -5.64
CA TYR A 34 18.29 10.30 -5.67
C TYR A 34 19.22 11.47 -5.99
N PRO A 35 18.95 12.20 -7.09
CA PRO A 35 19.33 13.59 -7.32
C PRO A 35 19.45 14.44 -6.06
N THR A 36 18.46 14.25 -5.19
CA THR A 36 18.25 14.95 -3.91
C THR A 36 18.60 14.11 -2.67
N ASN A 37 18.77 12.79 -2.86
CA ASN A 37 18.92 11.72 -1.90
C ASN A 37 18.12 11.85 -0.62
N THR A 38 16.83 12.07 -0.86
CA THR A 38 15.73 11.66 0.02
C THR A 38 14.95 10.47 -0.57
N TYR A 39 15.26 10.06 -1.81
CA TYR A 39 14.94 8.80 -2.50
C TYR A 39 14.22 7.64 -1.77
N LYS A 40 14.60 7.25 -0.55
CA LYS A 40 14.17 6.00 0.12
C LYS A 40 12.69 5.94 0.37
N THR A 41 12.09 7.13 0.47
CA THR A 41 10.66 7.43 0.33
C THR A 41 9.79 6.38 0.99
N LEU A 42 9.66 6.53 2.29
CA LEU A 42 8.88 5.60 3.14
C LEU A 42 7.43 5.45 2.65
N GLU A 43 6.85 6.41 1.92
CA GLU A 43 5.59 6.27 1.17
C GLU A 43 5.57 5.22 0.04
N LEU A 44 6.72 4.85 -0.52
CA LEU A 44 6.90 3.63 -1.33
C LEU A 44 6.70 2.40 -0.44
N GLU A 45 7.43 2.32 0.67
CA GLU A 45 7.41 1.17 1.59
C GLU A 45 6.03 0.97 2.26
N ILE A 46 5.38 2.07 2.68
CA ILE A 46 3.97 2.13 3.13
C ILE A 46 3.05 1.52 2.08
N ALA A 47 3.09 2.04 0.85
CA ALA A 47 2.27 1.54 -0.25
C ALA A 47 2.55 0.06 -0.52
N GLU A 48 3.81 -0.36 -0.53
CA GLU A 48 4.18 -1.78 -0.73
C GLU A 48 3.54 -2.67 0.34
N SER A 49 3.66 -2.31 1.62
CA SER A 49 3.12 -3.09 2.73
C SER A 49 1.57 -3.20 2.71
N ASP A 50 0.84 -2.10 2.48
CA ASP A 50 -0.62 -2.17 2.24
C ASP A 50 -1.01 -2.94 0.96
N VAL A 51 -0.29 -2.76 -0.15
CA VAL A 51 -0.53 -3.49 -1.40
C VAL A 51 -0.22 -4.98 -1.25
N GLU A 52 0.60 -5.35 -0.27
CA GLU A 52 0.79 -6.73 0.15
C GLU A 52 -0.27 -7.26 1.14
N VAL A 53 -1.08 -6.41 1.79
CA VAL A 53 -2.34 -6.88 2.40
C VAL A 53 -3.26 -7.42 1.30
N LYS A 54 -3.28 -6.71 0.16
CA LYS A 54 -4.09 -7.05 -1.00
C LYS A 54 -3.59 -8.36 -1.60
N LYS A 55 -2.28 -8.44 -1.80
CA LYS A 55 -1.60 -9.65 -2.26
C LYS A 55 -1.96 -10.90 -1.46
N ALA A 56 -1.83 -10.80 -0.15
CA ALA A 56 -1.95 -11.92 0.78
C ALA A 56 -3.41 -12.38 0.90
N GLU A 57 -4.36 -11.45 0.94
CA GLU A 57 -5.77 -11.79 0.98
C GLU A 57 -6.27 -12.39 -0.35
N LEU A 58 -5.89 -11.85 -1.53
CA LEU A 58 -6.34 -12.41 -2.82
C LEU A 58 -5.78 -13.80 -3.09
N GLU A 59 -4.50 -14.08 -2.81
CA GLU A 59 -3.97 -15.44 -2.98
C GLU A 59 -4.61 -16.47 -2.01
N LEU A 60 -5.22 -16.01 -0.92
CA LEU A 60 -6.03 -16.84 -0.03
C LEU A 60 -7.54 -16.83 -0.34
N VAL A 61 -8.06 -15.93 -1.18
CA VAL A 61 -9.37 -16.15 -1.85
C VAL A 61 -9.33 -17.44 -2.69
N LYS A 62 -8.18 -17.73 -3.31
CA LYS A 62 -7.92 -19.01 -3.97
C LYS A 62 -7.93 -20.19 -3.02
N GLU A 63 -7.14 -20.09 -1.95
CA GLU A 63 -6.78 -21.26 -1.13
C GLU A 63 -7.76 -21.53 0.01
N GLU A 64 -8.78 -20.68 0.21
CA GLU A 64 -10.10 -21.19 0.55
C GLU A 64 -10.76 -21.88 -0.65
N ALA A 65 -11.29 -21.14 -1.62
CA ALA A 65 -12.51 -21.51 -2.33
C ALA A 65 -12.46 -22.84 -3.10
N LYS A 66 -11.26 -23.29 -3.48
CA LYS A 66 -10.97 -24.57 -4.06
C LYS A 66 -11.19 -25.78 -3.13
N GLU A 67 -10.75 -25.67 -1.87
CA GLU A 67 -9.93 -26.71 -1.25
C GLU A 67 -10.33 -28.01 -0.55
N PRO A 68 -11.59 -28.23 -0.25
CA PRO A 68 -12.61 -27.26 -0.04
C PRO A 68 -12.56 -26.60 1.32
N ARG A 69 -11.91 -25.44 1.26
CA ARG A 69 -12.44 -24.16 1.73
C ARG A 69 -12.85 -24.02 3.18
N ASN A 70 -12.37 -24.95 4.00
CA ASN A 70 -13.21 -22.29 6.77
C ASN A 70 -13.41 -20.89 7.41
N GLU A 71 -13.64 -19.89 6.56
CA GLU A 71 -12.47 -21.63 6.73
C GLU A 71 -13.27 -17.59 7.54
N GLU A 72 -10.46 -22.42 7.94
CA GLU A 72 -9.16 -22.33 8.60
C GLU A 72 -10.35 -16.76 8.06
N LYS A 73 -10.06 -17.53 7.00
CA LYS A 73 -9.00 -17.21 6.05
C LYS A 73 -9.34 -16.01 5.18
N VAL A 74 -10.50 -16.02 4.55
CA VAL A 74 -8.65 -17.85 4.90
C VAL A 74 -8.44 -17.19 6.27
N LYS A 75 -11.25 -13.75 5.98
CA LYS A 75 -11.22 -12.62 6.94
C LYS A 75 -7.04 -17.21 9.07
N GLN A 76 -8.82 -13.06 7.33
CA GLN A 76 -4.75 -18.02 8.71
C GLN A 76 -7.28 -11.72 5.92
N ALA A 77 -8.10 -11.90 4.86
CA ALA A 77 -4.67 -15.30 5.99
C ALA A 77 -4.91 -14.04 6.83
N LYS A 78 -6.02 -14.01 7.58
CA LYS A 78 -6.44 -12.83 8.35
C LYS A 78 -5.43 -12.44 9.44
N ALA A 79 -4.87 -13.43 10.15
CA ALA A 79 -7.47 -7.83 8.28
C ALA A 79 -6.19 -7.25 7.66
N GLU A 80 -5.67 -7.87 6.60
CA GLU A 80 -4.48 -7.39 5.89
C GLU A 80 -1.43 -10.92 8.04
N VAL A 81 -5.90 -6.41 4.09
CA VAL A 81 -6.38 -5.31 3.23
C VAL A 81 -3.23 -8.38 8.02
N GLU A 82 -3.71 -8.82 9.18
CA GLU A 82 -7.13 -2.99 6.19
C GLU A 82 -2.37 -7.46 10.78
N SER A 83 -1.32 -8.29 10.67
CA SER A 83 0.06 -7.87 10.97
C SER A 83 -2.64 -2.04 6.35
N LYS A 84 0.32 -7.22 8.62
CA LYS A 84 0.72 -6.38 7.46
C LYS A 84 -2.49 -1.04 3.43
N LYS A 85 -3.82 -0.90 3.41
CA LYS A 85 -4.51 0.33 2.99
C LYS A 85 -1.55 -2.85 9.00
N ALA A 86 -1.35 -3.44 10.18
CA ALA A 86 -4.31 2.22 6.32
C ALA A 86 -2.93 2.91 6.34
N GLU A 87 1.55 -2.92 10.54
CA GLU A 87 2.90 -2.41 10.26
C GLU A 87 2.93 -1.38 9.11
N ALA A 88 -0.74 2.92 3.46
CA ALA A 88 -0.67 3.52 2.12
C ALA A 88 -1.35 4.89 2.02
N THR A 89 -2.57 4.97 2.56
CA THR A 89 -3.39 6.19 2.55
C THR A 89 -2.90 7.23 3.58
N ARG A 90 -2.14 6.82 4.62
CA ARG A 90 -1.33 7.72 5.46
C ARG A 90 -0.01 8.16 4.80
N LEU A 91 0.64 7.32 3.99
CA LEU A 91 1.76 7.78 3.14
C LEU A 91 1.31 8.86 2.15
N GLU A 92 0.06 8.82 1.65
CA GLU A 92 -0.53 9.91 0.87
C GLU A 92 -0.51 11.23 1.64
N LYS A 93 -0.95 11.21 2.91
CA LYS A 93 -0.80 12.33 3.87
C LYS A 93 0.66 12.79 4.07
N ILE A 94 1.66 11.93 3.83
CA ILE A 94 3.08 12.16 4.15
C ILE A 94 3.98 12.56 2.99
N LYS A 95 3.62 12.20 1.76
CA LYS A 95 4.05 13.00 0.59
C LYS A 95 3.47 14.43 0.64
N THR A 96 2.26 14.61 1.16
CA THR A 96 1.62 15.96 1.14
C THR A 96 2.10 16.86 2.27
N ASP A 97 2.49 16.27 3.41
CA ASP A 97 3.17 16.98 4.49
C ASP A 97 4.46 17.65 3.98
N ARG A 98 5.31 16.90 3.27
CA ARG A 98 6.52 17.40 2.60
C ARG A 98 6.21 18.45 1.53
N LYS A 99 5.18 18.22 0.70
CA LYS A 99 4.72 19.17 -0.33
C LYS A 99 4.37 20.54 0.27
N LYS A 100 3.50 20.60 1.30
CA LYS A 100 3.07 21.87 1.90
C LYS A 100 4.04 22.46 2.94
N ALA A 101 4.98 21.66 3.47
CA ALA A 101 6.21 22.19 4.06
C ALA A 101 7.13 22.92 3.04
N GLU A 102 6.77 22.89 1.74
CA GLU A 102 7.57 23.37 0.60
C GLU A 102 8.99 22.80 0.64
N GLU A 103 9.05 21.50 0.95
CA GLU A 103 10.24 20.67 1.18
C GLU A 103 11.26 21.26 2.18
N GLU A 104 10.79 22.09 3.13
CA GLU A 104 11.58 22.66 4.23
C GLU A 104 10.85 22.45 5.57
N ALA A 105 9.98 23.37 5.97
CA ALA A 105 9.13 23.28 7.17
C ALA A 105 7.92 24.24 7.08
N LYS A 106 8.20 25.56 7.03
CA LYS A 106 7.25 26.68 6.94
C LYS A 106 5.99 26.55 7.84
N ARG A 107 6.18 26.07 9.08
CA ARG A 107 5.13 25.83 10.08
C ARG A 107 4.68 27.11 10.80
N LYS A 108 4.07 28.00 10.01
CA LYS A 108 3.35 29.21 10.45
C LYS A 108 2.05 28.94 11.23
N ALA A 109 1.63 27.68 11.35
CA ALA A 109 0.37 27.23 11.98
C ALA A 109 -0.88 28.00 11.49
N ALA A 110 -0.95 28.23 10.17
CA ALA A 110 -1.97 29.04 9.49
C ALA A 110 -2.12 28.68 7.99
N GLU A 111 -1.06 28.19 7.34
CA GLU A 111 -1.06 27.71 5.95
C GLU A 111 -2.17 26.68 5.69
N GLU A 112 -2.44 25.83 6.69
CA GLU A 112 -3.49 24.81 6.75
C GLU A 112 -4.88 25.31 6.33
N ASP A 113 -5.24 26.52 6.77
CA ASP A 113 -6.54 27.17 6.52
C ASP A 113 -6.86 27.34 5.03
N LYS A 114 -5.83 27.43 4.17
CA LYS A 114 -5.96 27.53 2.72
C LYS A 114 -6.17 26.16 2.10
N VAL A 115 -5.26 25.22 2.37
CA VAL A 115 -5.25 23.88 1.78
C VAL A 115 -6.44 23.00 2.19
N LYS A 116 -7.04 23.22 3.37
CA LYS A 116 -8.29 22.56 3.77
C LYS A 116 -9.51 23.02 2.96
N GLU A 117 -9.53 24.29 2.53
CA GLU A 117 -10.60 24.88 1.70
C GLU A 117 -10.42 24.54 0.21
N LYS A 118 -9.18 24.59 -0.30
CA LYS A 118 -8.81 24.30 -1.68
C LYS A 118 -9.29 22.90 -2.13
N PRO A 119 -10.05 22.76 -3.24
CA PRO A 119 -10.63 21.50 -3.69
C PRO A 119 -9.59 20.49 -4.23
N GLY A 1 -19.91 -21.67 -4.94
CA GLY A 1 -18.64 -22.44 -4.93
C GLY A 1 -17.41 -21.53 -4.83
N SER A 2 -16.18 -22.04 -4.85
CA SER A 2 -15.73 -23.43 -5.10
C SER A 2 -16.16 -23.96 -6.48
N HIS A 3 -15.40 -23.59 -7.52
CA HIS A 3 -15.73 -23.79 -8.94
C HIS A 3 -14.49 -24.40 -9.59
N MET A 4 -13.49 -23.54 -9.79
CA MET A 4 -12.07 -23.77 -9.87
C MET A 4 -11.50 -22.43 -9.38
N PRO A 5 -11.12 -22.27 -8.11
CA PRO A 5 -10.70 -20.99 -7.50
C PRO A 5 -9.50 -20.29 -8.17
N GLU A 6 -8.93 -20.88 -9.22
CA GLU A 6 -8.23 -20.20 -10.32
C GLU A 6 -8.96 -18.90 -10.75
N LYS A 7 -10.30 -18.97 -10.88
CA LYS A 7 -11.17 -17.83 -11.15
C LYS A 7 -11.09 -16.75 -10.07
N LYS A 8 -11.19 -17.16 -8.80
CA LYS A 8 -11.13 -16.26 -7.66
C LYS A 8 -9.76 -15.58 -7.54
N VAL A 9 -8.66 -16.31 -7.76
CA VAL A 9 -7.32 -15.70 -7.66
C VAL A 9 -7.08 -14.72 -8.81
N ALA A 10 -7.54 -15.03 -10.02
CA ALA A 10 -7.42 -14.17 -11.20
C ALA A 10 -8.16 -12.84 -11.01
N GLU A 11 -9.43 -12.87 -10.57
CA GLU A 11 -10.21 -11.66 -10.31
C GLU A 11 -9.61 -10.82 -9.18
N ALA A 12 -9.15 -11.46 -8.10
CA ALA A 12 -8.48 -10.75 -7.02
C ALA A 12 -7.02 -10.33 -7.35
N GLU A 13 -6.36 -10.96 -8.32
CA GLU A 13 -5.07 -10.51 -8.86
C GLU A 13 -5.28 -9.17 -9.56
N LYS A 14 -6.43 -9.01 -10.21
CA LYS A 14 -6.78 -7.81 -10.95
C LYS A 14 -6.93 -6.59 -10.02
N LYS A 15 -7.46 -6.84 -8.82
CA LYS A 15 -7.43 -5.91 -7.70
C LYS A 15 -6.01 -5.66 -7.13
N VAL A 16 -5.16 -6.68 -7.08
CA VAL A 16 -3.73 -6.53 -6.71
C VAL A 16 -2.98 -5.63 -7.70
N GLU A 17 -3.32 -5.71 -8.99
CA GLU A 17 -2.79 -4.81 -10.03
C GLU A 17 -3.28 -3.37 -9.84
N GLU A 18 -4.54 -3.14 -9.48
CA GLU A 18 -5.06 -1.81 -9.12
C GLU A 18 -4.30 -1.21 -7.92
N ALA A 19 -4.07 -1.99 -6.86
CA ALA A 19 -3.21 -1.61 -5.73
C ALA A 19 -1.75 -1.31 -6.17
N LYS A 20 -1.16 -2.15 -7.02
CA LYS A 20 0.20 -1.96 -7.58
C LYS A 20 0.32 -0.69 -8.44
N LYS A 21 -0.70 -0.34 -9.22
CA LYS A 21 -0.76 0.92 -9.99
C LYS A 21 -0.66 2.17 -9.09
N LYS A 22 -1.24 2.15 -7.90
CA LYS A 22 -1.03 3.21 -6.89
C LYS A 22 0.40 3.24 -6.34
N ALA A 23 1.01 2.09 -6.09
CA ALA A 23 2.45 2.04 -5.79
C ALA A 23 3.32 2.59 -6.95
N GLU A 24 2.91 2.46 -8.21
CA GLU A 24 3.60 3.05 -9.38
C GLU A 24 3.38 4.57 -9.49
N ASP A 25 2.18 5.07 -9.16
CA ASP A 25 1.95 6.52 -8.96
C ASP A 25 2.82 7.11 -7.82
N GLN A 26 3.23 6.28 -6.87
CA GLN A 26 4.05 6.67 -5.72
C GLN A 26 5.55 6.45 -6.01
N LYS A 27 5.88 5.54 -6.94
CA LYS A 27 7.19 5.47 -7.61
C LYS A 27 7.49 6.71 -8.43
N GLU A 28 6.49 7.23 -9.12
CA GLU A 28 6.56 8.57 -9.72
C GLU A 28 7.04 9.60 -8.69
N GLU A 29 6.45 9.65 -7.48
CA GLU A 29 7.03 10.45 -6.38
C GLU A 29 8.49 10.07 -6.07
N ASP A 30 8.84 8.80 -5.97
CA ASP A 30 10.22 8.33 -5.78
C ASP A 30 11.13 8.43 -7.05
N ARG A 31 10.76 9.29 -8.02
CA ARG A 31 11.67 9.90 -9.01
C ARG A 31 11.41 11.40 -9.26
N ARG A 32 10.27 11.94 -8.81
CA ARG A 32 9.80 13.32 -9.08
C ARG A 32 9.58 14.18 -7.86
N ASN A 33 9.41 13.53 -6.73
CA ASN A 33 9.36 14.18 -5.42
C ASN A 33 10.76 14.19 -4.74
N TYR A 34 11.78 13.76 -5.48
CA TYR A 34 13.24 14.01 -5.43
C TYR A 34 13.72 15.46 -5.61
N PRO A 35 13.29 16.14 -6.67
CA PRO A 35 13.13 17.58 -6.79
C PRO A 35 12.87 18.31 -5.48
N THR A 36 11.99 17.71 -4.70
CA THR A 36 11.47 18.17 -3.41
C THR A 36 12.06 17.41 -2.21
N ASN A 37 12.64 16.24 -2.44
CA ASN A 37 13.14 15.23 -1.53
C ASN A 37 12.25 14.91 -0.32
N THR A 38 11.00 14.64 -0.68
CA THR A 38 10.12 13.74 0.07
C THR A 38 9.91 12.40 -0.66
N TYR A 39 10.40 12.28 -1.90
CA TYR A 39 10.63 11.06 -2.71
C TYR A 39 10.40 9.67 -2.08
N LYS A 40 10.91 9.36 -0.87
CA LYS A 40 10.92 8.10 -0.15
C LYS A 40 9.55 7.83 0.45
N THR A 41 8.54 8.06 -0.35
CA THR A 41 7.19 8.37 0.08
C THR A 41 6.63 7.18 0.83
N LEU A 42 6.45 7.35 2.14
CA LEU A 42 6.02 6.27 3.04
C LEU A 42 4.71 5.64 2.55
N GLU A 43 3.86 6.39 1.85
CA GLU A 43 2.68 5.88 1.13
C GLU A 43 2.94 4.91 -0.03
N LEU A 44 4.08 4.98 -0.72
CA LEU A 44 4.58 3.87 -1.54
C LEU A 44 4.71 2.60 -0.68
N GLU A 45 5.31 2.71 0.51
CA GLU A 45 5.43 1.59 1.46
C GLU A 45 4.09 1.20 2.13
N ILE A 46 3.14 2.11 2.34
CA ILE A 46 1.73 1.75 2.66
C ILE A 46 1.18 0.81 1.60
N ALA A 47 1.18 1.24 0.33
CA ALA A 47 0.66 0.47 -0.79
C ALA A 47 1.39 -0.87 -0.95
N GLU A 48 2.72 -0.89 -0.87
CA GLU A 48 3.53 -2.11 -0.95
C GLU A 48 3.25 -3.08 0.21
N SER A 49 3.11 -2.58 1.44
CA SER A 49 2.77 -3.43 2.58
C SER A 49 1.32 -3.96 2.52
N ASP A 50 0.32 -3.10 2.28
CA ASP A 50 -1.07 -3.49 2.12
C ASP A 50 -1.30 -4.45 0.94
N VAL A 51 -0.66 -4.24 -0.21
CA VAL A 51 -0.82 -5.11 -1.39
C VAL A 51 -0.24 -6.50 -1.12
N GLU A 52 0.76 -6.61 -0.25
CA GLU A 52 1.27 -7.90 0.21
C GLU A 52 0.42 -8.58 1.28
N VAL A 53 -0.48 -7.87 1.98
CA VAL A 53 -1.54 -8.51 2.77
C VAL A 53 -2.50 -9.23 1.82
N LYS A 54 -2.79 -8.56 0.71
CA LYS A 54 -3.64 -9.03 -0.36
C LYS A 54 -3.03 -10.26 -1.01
N LYS A 55 -1.75 -10.18 -1.37
CA LYS A 55 -0.98 -11.26 -1.97
C LYS A 55 -1.15 -12.61 -1.29
N ALA A 56 -1.08 -12.63 0.05
CA ALA A 56 -1.20 -13.84 0.85
C ALA A 56 -2.65 -14.34 0.87
N GLU A 57 -3.63 -13.45 1.05
CA GLU A 57 -5.03 -13.82 1.04
C GLU A 57 -5.52 -14.31 -0.34
N LEU A 58 -4.92 -13.87 -1.46
CA LEU A 58 -5.22 -14.44 -2.78
C LEU A 58 -4.75 -15.91 -2.82
N GLU A 59 -3.48 -16.15 -2.50
CA GLU A 59 -2.90 -17.49 -2.50
C GLU A 59 -3.67 -18.48 -1.60
N LEU A 60 -4.08 -18.05 -0.41
CA LEU A 60 -4.86 -18.92 0.48
C LEU A 60 -6.37 -18.96 0.20
N VAL A 61 -7.01 -17.97 -0.47
CA VAL A 61 -8.43 -18.18 -0.86
C VAL A 61 -8.52 -19.30 -1.90
N LYS A 62 -7.46 -19.47 -2.70
CA LYS A 62 -7.25 -20.66 -3.54
C LYS A 62 -7.12 -21.96 -2.77
N GLU A 63 -6.16 -22.03 -1.85
CA GLU A 63 -5.68 -23.32 -1.37
C GLU A 63 -6.67 -23.98 -0.39
N GLU A 64 -7.70 -23.22 0.02
CA GLU A 64 -8.80 -23.70 0.84
C GLU A 64 -10.09 -24.01 0.08
N ALA A 65 -10.45 -23.23 -0.97
CA ALA A 65 -11.61 -23.53 -1.81
C ALA A 65 -11.48 -24.84 -2.62
N LYS A 66 -10.26 -25.35 -2.73
CA LYS A 66 -9.79 -26.54 -3.42
C LYS A 66 -9.81 -27.82 -2.53
N GLU A 67 -10.56 -27.78 -1.45
CA GLU A 67 -10.26 -28.31 -0.15
C GLU A 67 -11.45 -28.06 0.69
N PRO A 68 -11.39 -28.56 1.93
CA PRO A 68 -12.63 -28.94 2.51
C PRO A 68 -13.46 -27.81 3.08
N ARG A 69 -12.89 -26.65 2.84
CA ARG A 69 -13.20 -25.37 3.36
C ARG A 69 -13.36 -25.40 4.86
N ASN A 70 -12.24 -25.84 5.39
CA ASN A 70 -11.97 -26.05 6.81
C ASN A 70 -11.77 -24.74 7.56
N GLU A 71 -11.58 -23.61 6.86
CA GLU A 71 -11.71 -22.25 7.37
C GLU A 71 -10.54 -21.79 8.25
N GLU A 72 -9.83 -22.72 8.89
CA GLU A 72 -8.66 -22.46 9.72
C GLU A 72 -7.43 -22.04 8.90
N LYS A 73 -7.29 -22.52 7.66
CA LYS A 73 -6.04 -22.37 6.89
C LYS A 73 -5.96 -21.00 6.20
N VAL A 74 -7.06 -20.53 5.63
CA VAL A 74 -7.17 -19.15 5.10
C VAL A 74 -6.93 -18.13 6.23
N LYS A 75 -7.50 -18.38 7.42
CA LYS A 75 -7.36 -17.56 8.63
C LYS A 75 -5.95 -17.55 9.20
N GLN A 76 -5.29 -18.70 9.27
CA GLN A 76 -3.86 -18.81 9.60
C GLN A 76 -2.99 -17.89 8.74
N ALA A 77 -3.28 -17.84 7.43
CA ALA A 77 -2.50 -16.98 6.53
C ALA A 77 -2.80 -15.51 6.84
N LYS A 78 -4.08 -15.18 7.04
CA LYS A 78 -4.53 -13.82 7.36
C LYS A 78 -3.98 -13.31 8.69
N ALA A 79 -3.74 -14.15 9.68
CA ALA A 79 -3.11 -13.77 10.95
C ALA A 79 -1.65 -13.27 10.75
N GLU A 80 -0.89 -13.92 9.88
CA GLU A 80 0.48 -13.49 9.56
C GLU A 80 0.48 -12.17 8.79
N VAL A 81 -0.44 -12.01 7.83
CA VAL A 81 -0.59 -10.72 7.16
C VAL A 81 -1.39 -9.67 7.93
N GLU A 82 -2.04 -10.00 9.05
CA GLU A 82 -2.49 -9.01 10.04
C GLU A 82 -1.29 -8.29 10.70
N SER A 83 -0.16 -8.97 10.88
CA SER A 83 1.09 -8.32 11.31
C SER A 83 1.60 -7.38 10.23
N LYS A 84 1.54 -7.82 8.95
CA LYS A 84 1.91 -7.01 7.78
C LYS A 84 0.98 -5.81 7.53
N LYS A 85 -0.33 -5.96 7.80
CA LYS A 85 -1.34 -4.89 7.84
C LYS A 85 -1.01 -3.84 8.90
N ALA A 86 -0.62 -4.28 10.10
CA ALA A 86 -0.27 -3.38 11.20
C ALA A 86 0.96 -2.54 10.84
N GLU A 87 1.96 -3.14 10.20
CA GLU A 87 3.06 -2.46 9.52
C GLU A 87 2.54 -1.44 8.48
N ALA A 88 1.83 -1.85 7.42
CA ALA A 88 1.23 -0.98 6.38
C ALA A 88 0.49 0.24 6.96
N THR A 89 -0.32 0.00 7.98
CA THR A 89 -1.11 1.02 8.65
C THR A 89 -0.29 1.87 9.65
N ARG A 90 0.90 1.41 10.07
CA ARG A 90 1.94 2.24 10.71
C ARG A 90 2.72 3.10 9.70
N LEU A 91 2.84 2.69 8.43
CA LEU A 91 3.35 3.58 7.36
C LEU A 91 2.40 4.78 7.19
N GLU A 92 1.11 4.58 7.43
CA GLU A 92 0.10 5.65 7.55
C GLU A 92 0.44 6.66 8.66
N LYS A 93 0.86 6.18 9.85
CA LYS A 93 1.32 7.02 10.96
C LYS A 93 2.57 7.82 10.61
N ILE A 94 3.61 7.22 10.01
CA ILE A 94 4.82 7.97 9.63
C ILE A 94 4.62 8.93 8.44
N LYS A 95 3.79 8.62 7.42
CA LYS A 95 3.38 9.68 6.45
C LYS A 95 2.70 10.89 7.14
N THR A 96 2.12 10.68 8.32
CA THR A 96 1.51 11.76 9.14
C THR A 96 2.52 12.46 10.06
N ASP A 97 3.55 11.74 10.53
CA ASP A 97 4.72 12.35 11.17
C ASP A 97 5.44 13.34 10.22
N ARG A 98 5.56 12.98 8.93
CA ARG A 98 6.02 13.89 7.88
C ARG A 98 5.17 15.15 7.76
N LYS A 99 3.83 15.03 7.65
CA LYS A 99 2.89 16.17 7.59
C LYS A 99 3.05 17.14 8.78
N LYS A 100 3.42 16.65 9.97
CA LYS A 100 3.74 17.45 11.16
C LYS A 100 5.17 18.01 11.15
N ALA A 101 6.16 17.24 10.73
CA ALA A 101 7.55 17.69 10.56
C ALA A 101 7.68 18.87 9.58
N GLU A 102 6.82 18.97 8.57
CA GLU A 102 6.73 20.16 7.70
C GLU A 102 6.30 21.41 8.47
N GLU A 103 5.40 21.28 9.46
CA GLU A 103 4.97 22.38 10.33
C GLU A 103 6.08 22.83 11.29
N GLU A 104 6.89 21.90 11.82
CA GLU A 104 8.12 22.21 12.55
C GLU A 104 9.13 22.98 11.67
N ALA A 105 9.24 22.60 10.39
CA ALA A 105 9.96 23.33 9.34
C ALA A 105 9.21 24.59 8.80
N LYS A 106 8.20 25.10 9.54
CA LYS A 106 7.39 26.31 9.26
C LYS A 106 6.78 26.33 7.85
N ARG A 107 6.41 25.15 7.35
CA ARG A 107 5.92 24.82 6.00
C ARG A 107 6.59 25.60 4.87
N LYS A 108 7.91 25.42 4.74
CA LYS A 108 8.71 25.84 3.57
C LYS A 108 8.13 25.41 2.20
N ALA A 109 7.29 24.37 2.18
CA ALA A 109 6.55 23.91 0.99
C ALA A 109 5.51 24.92 0.45
N ALA A 110 5.12 25.93 1.25
CA ALA A 110 4.24 27.02 0.85
C ALA A 110 4.99 28.09 0.02
N GLU A 111 6.33 28.09 0.07
CA GLU A 111 7.26 28.87 -0.76
C GLU A 111 6.94 30.38 -0.87
N GLU A 112 6.39 30.96 0.21
CA GLU A 112 6.01 32.37 0.31
C GLU A 112 7.23 33.33 0.31
N ASP A 113 8.43 32.84 0.61
CA ASP A 113 9.63 33.66 0.82
C ASP A 113 9.98 34.59 -0.36
N LYS A 114 9.75 34.14 -1.60
CA LYS A 114 9.98 34.91 -2.83
C LYS A 114 8.90 35.96 -3.09
N VAL A 115 7.64 35.67 -2.78
CA VAL A 115 6.48 36.52 -3.11
C VAL A 115 6.50 37.87 -2.39
N LYS A 116 7.27 38.00 -1.31
CA LYS A 116 7.60 39.28 -0.64
C LYS A 116 8.25 40.32 -1.59
N GLU A 117 8.94 39.86 -2.63
CA GLU A 117 9.61 40.71 -3.64
C GLU A 117 9.12 40.44 -5.08
N LYS A 118 9.01 39.17 -5.48
CA LYS A 118 8.62 38.72 -6.82
C LYS A 118 7.69 37.48 -6.75
N PRO A 119 6.35 37.67 -6.72
CA PRO A 119 5.36 36.59 -6.85
C PRO A 119 5.55 35.71 -8.10
N GLY A 1 -18.43 -21.45 -4.99
CA GLY A 1 -17.87 -21.95 -6.27
C GLY A 1 -16.87 -23.06 -6.04
N SER A 2 -16.86 -24.07 -6.92
CA SER A 2 -15.94 -25.22 -6.92
C SER A 2 -16.00 -25.87 -8.31
N HIS A 3 -15.00 -25.59 -9.15
CA HIS A 3 -14.97 -25.89 -10.58
C HIS A 3 -13.56 -26.36 -10.92
N MET A 4 -12.65 -25.38 -10.92
CA MET A 4 -11.48 -25.42 -10.08
C MET A 4 -11.16 -23.94 -9.79
N PRO A 5 -11.23 -23.43 -8.55
CA PRO A 5 -10.83 -22.08 -8.16
C PRO A 5 -9.41 -21.64 -8.56
N GLU A 6 -8.64 -22.45 -9.28
CA GLU A 6 -7.65 -22.00 -10.28
C GLU A 6 -8.17 -20.81 -11.09
N LYS A 7 -9.40 -20.90 -11.59
CA LYS A 7 -10.10 -19.85 -12.35
C LYS A 7 -10.26 -18.56 -11.55
N LYS A 8 -10.61 -18.68 -10.27
CA LYS A 8 -10.74 -17.56 -9.33
C LYS A 8 -9.40 -16.91 -9.00
N VAL A 9 -8.36 -17.69 -8.73
CA VAL A 9 -7.05 -17.11 -8.42
C VAL A 9 -6.41 -16.46 -9.65
N ALA A 10 -6.64 -17.03 -10.84
CA ALA A 10 -6.17 -16.53 -12.12
C ALA A 10 -6.74 -15.13 -12.46
N GLU A 11 -8.06 -14.93 -12.40
CA GLU A 11 -8.65 -13.61 -12.63
C GLU A 11 -8.30 -12.60 -11.53
N ALA A 12 -8.12 -13.03 -10.27
CA ALA A 12 -7.66 -12.16 -9.20
C ALA A 12 -6.15 -11.84 -9.23
N GLU A 13 -5.33 -12.72 -9.82
CA GLU A 13 -3.90 -12.47 -10.07
C GLU A 13 -3.76 -11.33 -11.08
N LYS A 14 -4.74 -11.23 -11.97
CA LYS A 14 -4.81 -10.25 -13.03
C LYS A 14 -5.05 -8.84 -12.50
N LYS A 15 -5.87 -8.76 -11.45
CA LYS A 15 -5.96 -7.58 -10.60
C LYS A 15 -4.64 -7.26 -9.87
N VAL A 16 -3.98 -8.28 -9.33
CA VAL A 16 -2.65 -8.13 -8.71
C VAL A 16 -1.60 -7.62 -9.70
N GLU A 17 -1.85 -7.70 -11.01
CA GLU A 17 -0.94 -7.14 -12.03
C GLU A 17 -1.10 -5.63 -12.13
N GLU A 18 -2.33 -5.11 -12.12
CA GLU A 18 -2.57 -3.66 -12.01
C GLU A 18 -1.99 -3.09 -10.69
N ALA A 19 -2.15 -3.83 -9.59
CA ALA A 19 -1.52 -3.52 -8.29
C ALA A 19 0.02 -3.46 -8.39
N LYS A 20 0.65 -4.46 -9.01
CA LYS A 20 2.10 -4.51 -9.30
C LYS A 20 2.56 -3.32 -10.17
N LYS A 21 1.83 -3.00 -11.25
CA LYS A 21 2.11 -1.82 -12.09
C LYS A 21 2.05 -0.51 -11.32
N LYS A 22 1.11 -0.32 -10.38
CA LYS A 22 1.12 0.83 -9.48
C LYS A 22 2.27 0.84 -8.47
N ALA A 23 2.71 -0.31 -7.97
CA ALA A 23 3.95 -0.39 -7.21
C ALA A 23 5.18 0.00 -8.04
N GLU A 24 5.23 -0.39 -9.32
CA GLU A 24 6.21 0.12 -10.29
C GLU A 24 6.12 1.65 -10.52
N ASP A 25 4.96 2.27 -10.31
CA ASP A 25 4.84 3.74 -10.30
C ASP A 25 5.60 4.40 -9.14
N GLN A 26 5.78 3.65 -8.03
CA GLN A 26 6.58 4.09 -6.88
C GLN A 26 8.07 3.82 -7.10
N LYS A 27 8.40 2.73 -7.81
CA LYS A 27 9.75 2.42 -8.33
C LYS A 27 10.26 3.49 -9.28
N GLU A 28 9.37 3.96 -10.16
CA GLU A 28 9.60 5.16 -10.98
C GLU A 28 9.99 6.38 -10.11
N GLU A 29 9.37 6.58 -8.95
CA GLU A 29 9.85 7.58 -7.98
C GLU A 29 11.31 7.30 -7.54
N ASP A 30 11.60 6.15 -6.94
CA ASP A 30 12.89 5.52 -6.59
C ASP A 30 13.87 5.30 -7.77
N ARG A 31 13.66 5.95 -8.93
CA ARG A 31 14.73 6.22 -9.92
C ARG A 31 14.74 7.64 -10.48
N ARG A 32 13.68 8.42 -10.25
CA ARG A 32 13.60 9.87 -10.58
C ARG A 32 13.92 10.80 -9.44
N ASN A 33 13.79 10.26 -8.24
CA ASN A 33 13.93 10.96 -6.97
C ASN A 33 15.27 10.64 -6.26
N TYR A 34 16.10 9.82 -6.92
CA TYR A 34 17.58 9.66 -6.86
C TYR A 34 18.43 10.85 -7.28
N PRO A 35 18.15 11.44 -8.45
CA PRO A 35 18.42 12.82 -8.84
C PRO A 35 18.44 13.81 -7.68
N THR A 36 17.43 13.65 -6.82
CA THR A 36 17.14 14.45 -5.64
C THR A 36 17.55 13.77 -4.32
N ASN A 37 17.69 12.44 -4.33
CA ASN A 37 17.88 11.51 -3.23
C ASN A 37 17.00 11.74 -2.01
N THR A 38 15.72 11.81 -2.33
CA THR A 38 14.62 11.40 -1.45
C THR A 38 13.99 10.06 -1.88
N TYR A 39 14.34 9.56 -3.08
CA TYR A 39 14.16 8.20 -3.63
C TYR A 39 13.49 7.05 -2.83
N LYS A 40 13.80 6.84 -1.54
CA LYS A 40 13.55 5.65 -0.72
C LYS A 40 12.11 5.64 -0.21
N THR A 41 11.23 6.01 -1.12
CA THR A 41 9.94 6.61 -0.82
C THR A 41 9.05 5.57 -0.17
N LEU A 42 8.72 5.81 1.11
CA LEU A 42 7.89 4.88 1.87
C LEU A 42 6.57 4.53 1.18
N GLU A 43 6.03 5.34 0.27
CA GLU A 43 4.91 4.95 -0.61
C GLU A 43 5.17 3.74 -1.53
N LEU A 44 6.43 3.50 -1.94
CA LEU A 44 6.88 2.22 -2.51
C LEU A 44 6.65 1.10 -1.49
N GLU A 45 7.11 1.28 -0.25
CA GLU A 45 6.92 0.27 0.81
C GLU A 45 5.44 0.07 1.21
N ILE A 46 4.61 1.12 1.28
CA ILE A 46 3.14 1.04 1.43
C ILE A 46 2.54 0.15 0.34
N ALA A 47 2.83 0.49 -0.92
CA ALA A 47 2.33 -0.28 -2.07
C ALA A 47 2.80 -1.73 -1.99
N GLU A 48 4.09 -1.98 -1.76
CA GLU A 48 4.61 -3.36 -1.66
C GLU A 48 3.93 -4.15 -0.54
N SER A 49 3.90 -3.61 0.68
CA SER A 49 3.32 -4.33 1.83
C SER A 49 1.79 -4.54 1.73
N ASP A 50 0.99 -3.55 1.29
CA ASP A 50 -0.44 -3.74 1.00
C ASP A 50 -0.70 -4.71 -0.17
N VAL A 51 0.06 -4.63 -1.27
CA VAL A 51 -0.16 -5.45 -2.48
C VAL A 51 0.24 -6.90 -2.25
N GLU A 52 1.22 -7.17 -1.38
CA GLU A 52 1.49 -8.53 -0.92
C GLU A 52 0.49 -9.06 0.11
N VAL A 53 -0.28 -8.20 0.79
CA VAL A 53 -1.47 -8.64 1.56
C VAL A 53 -2.55 -9.11 0.58
N LYS A 54 -2.64 -8.48 -0.60
CA LYS A 54 -3.55 -8.85 -1.67
C LYS A 54 -3.18 -10.22 -2.21
N LYS A 55 -1.89 -10.41 -2.50
CA LYS A 55 -1.30 -11.70 -2.87
C LYS A 55 -1.64 -12.82 -1.88
N ALA A 56 -1.48 -12.56 -0.59
CA ALA A 56 -1.80 -13.52 0.47
C ALA A 56 -3.30 -13.85 0.49
N GLU A 57 -4.17 -12.85 0.34
CA GLU A 57 -5.61 -13.08 0.17
C GLU A 57 -5.94 -13.94 -1.06
N LEU A 58 -5.26 -13.79 -2.20
CA LEU A 58 -5.50 -14.68 -3.35
C LEU A 58 -5.18 -16.16 -3.04
N GLU A 59 -4.19 -16.45 -2.19
CA GLU A 59 -3.92 -17.82 -1.78
C GLU A 59 -5.06 -18.43 -0.94
N LEU A 60 -5.82 -17.58 -0.26
CA LEU A 60 -7.02 -17.98 0.48
C LEU A 60 -8.33 -17.81 -0.30
N VAL A 61 -8.37 -17.09 -1.44
CA VAL A 61 -9.44 -17.19 -2.45
C VAL A 61 -9.55 -18.64 -2.95
N LYS A 62 -8.41 -19.31 -3.17
CA LYS A 62 -8.35 -20.76 -3.38
C LYS A 62 -9.01 -21.51 -2.24
N GLU A 63 -8.48 -21.38 -1.02
CA GLU A 63 -8.89 -22.27 0.07
C GLU A 63 -10.34 -22.05 0.51
N GLU A 64 -10.85 -20.81 0.51
CA GLU A 64 -12.25 -20.51 0.81
C GLU A 64 -13.25 -21.06 -0.22
N ALA A 65 -12.79 -21.36 -1.43
CA ALA A 65 -13.57 -22.14 -2.38
C ALA A 65 -13.42 -23.66 -2.14
N LYS A 66 -12.19 -24.14 -1.91
CA LYS A 66 -11.76 -25.50 -2.15
C LYS A 66 -11.66 -26.45 -0.94
N GLU A 67 -11.42 -25.94 0.26
CA GLU A 67 -10.82 -26.72 1.36
C GLU A 67 -11.50 -27.59 2.41
N PRO A 68 -12.81 -27.80 2.37
CA PRO A 68 -13.83 -27.21 1.55
C PRO A 68 -14.46 -26.00 2.13
N ARG A 69 -13.54 -25.09 2.38
CA ARG A 69 -13.72 -24.12 3.40
C ARG A 69 -13.98 -24.80 4.74
N ASN A 70 -12.86 -25.27 5.27
CA ASN A 70 -12.74 -25.86 6.61
C ASN A 70 -12.46 -24.80 7.68
N GLU A 71 -12.37 -23.53 7.29
CA GLU A 71 -12.47 -22.35 8.12
C GLU A 71 -11.17 -22.02 8.87
N GLU A 72 -10.45 -23.04 9.34
CA GLU A 72 -9.26 -22.86 10.16
C GLU A 72 -8.15 -22.11 9.41
N LYS A 73 -7.90 -22.45 8.15
CA LYS A 73 -6.72 -21.95 7.42
C LYS A 73 -6.98 -20.61 6.75
N VAL A 74 -8.20 -20.38 6.24
CA VAL A 74 -8.63 -19.05 5.77
C VAL A 74 -8.63 -18.04 6.92
N LYS A 75 -9.02 -18.43 8.14
CA LYS A 75 -9.02 -17.56 9.34
C LYS A 75 -7.65 -17.29 9.91
N GLN A 76 -6.78 -18.30 9.97
CA GLN A 76 -5.35 -18.12 10.23
C GLN A 76 -4.75 -17.02 9.36
N ALA A 77 -5.08 -17.04 8.08
CA ALA A 77 -4.48 -16.11 7.12
C ALA A 77 -4.89 -14.68 7.41
N LYS A 78 -6.15 -14.44 7.81
CA LYS A 78 -6.63 -13.10 8.18
C LYS A 78 -5.80 -12.46 9.29
N ALA A 79 -5.48 -13.20 10.35
CA ALA A 79 -4.59 -12.74 11.41
C ALA A 79 -3.18 -12.39 10.90
N GLU A 80 -2.68 -13.13 9.90
CA GLU A 80 -1.36 -12.93 9.29
C GLU A 80 -1.35 -11.74 8.33
N VAL A 81 -2.42 -11.50 7.56
CA VAL A 81 -2.53 -10.28 6.76
C VAL A 81 -2.88 -9.05 7.59
N GLU A 82 -3.56 -9.21 8.73
CA GLU A 82 -3.86 -8.09 9.65
C GLU A 82 -2.59 -7.36 10.12
N SER A 83 -1.56 -8.08 10.57
CA SER A 83 -0.30 -7.48 11.02
C SER A 83 0.47 -6.84 9.86
N LYS A 84 0.55 -7.53 8.73
CA LYS A 84 1.19 -7.05 7.48
C LYS A 84 0.54 -5.77 6.94
N LYS A 85 -0.80 -5.71 6.93
CA LYS A 85 -1.58 -4.52 6.55
C LYS A 85 -1.44 -3.37 7.54
N ALA A 86 -1.39 -3.68 8.84
CA ALA A 86 -1.21 -2.66 9.89
C ALA A 86 0.18 -2.03 9.77
N GLU A 87 1.18 -2.81 9.39
CA GLU A 87 2.51 -2.35 8.99
C GLU A 87 2.45 -1.47 7.72
N ALA A 88 1.88 -1.93 6.60
CA ALA A 88 1.64 -1.13 5.39
C ALA A 88 1.00 0.25 5.68
N THR A 89 0.00 0.25 6.55
CA THR A 89 -0.71 1.45 7.01
C THR A 89 0.07 2.26 8.07
N ARG A 90 1.09 1.67 8.73
CA ARG A 90 2.14 2.39 9.48
C ARG A 90 3.14 3.09 8.56
N LEU A 91 3.53 2.48 7.42
CA LEU A 91 4.34 3.17 6.41
C LEU A 91 3.63 4.44 5.90
N GLU A 92 2.29 4.46 5.93
CA GLU A 92 1.46 5.65 5.68
C GLU A 92 1.75 6.77 6.71
N LYS A 93 1.73 6.43 8.00
CA LYS A 93 2.17 7.30 9.10
C LYS A 93 3.63 7.75 8.93
N ILE A 94 4.53 6.91 8.44
CA ILE A 94 5.95 7.25 8.24
C ILE A 94 6.16 8.21 7.09
N LYS A 95 5.56 8.00 5.91
CA LYS A 95 5.55 9.07 4.89
C LYS A 95 4.91 10.38 5.39
N THR A 96 3.99 10.29 6.37
CA THR A 96 3.37 11.48 6.98
C THR A 96 4.34 12.19 7.92
N ASP A 97 5.16 11.45 8.67
CA ASP A 97 6.27 11.99 9.48
C ASP A 97 7.32 12.67 8.59
N ARG A 98 7.72 12.01 7.49
CA ARG A 98 8.68 12.55 6.50
C ARG A 98 8.15 13.80 5.78
N LYS A 99 6.84 13.90 5.52
CA LYS A 99 6.18 15.15 5.11
C LYS A 99 6.27 16.22 6.21
N LYS A 100 5.84 15.89 7.43
CA LYS A 100 5.82 16.80 8.60
C LYS A 100 7.20 17.36 8.98
N ALA A 101 8.30 16.66 8.65
CA ALA A 101 9.67 17.15 8.82
C ALA A 101 9.94 18.53 8.14
N GLU A 102 9.22 18.87 7.05
CA GLU A 102 9.27 20.18 6.39
C GLU A 102 8.52 21.30 7.16
N GLU A 103 7.83 20.94 8.25
CA GLU A 103 6.94 21.72 9.12
C GLU A 103 5.89 22.58 8.39
N GLU A 104 4.72 21.99 8.11
CA GLU A 104 3.54 22.71 7.61
C GLU A 104 2.84 23.58 8.67
N ALA A 105 2.89 23.22 9.97
CA ALA A 105 2.15 23.92 11.04
C ALA A 105 2.65 25.37 11.29
N LYS A 106 3.89 25.67 10.88
CA LYS A 106 4.46 27.03 10.86
C LYS A 106 3.71 27.98 9.91
N ARG A 107 3.03 27.44 8.89
CA ARG A 107 2.33 28.13 7.79
C ARG A 107 3.10 29.31 7.20
N LYS A 108 4.18 28.98 6.49
CA LYS A 108 4.94 29.87 5.59
C LYS A 108 4.05 30.71 4.66
N ALA A 109 2.92 30.12 4.21
CA ALA A 109 1.91 30.76 3.35
C ALA A 109 1.23 32.01 3.98
N ALA A 110 1.40 32.24 5.29
CA ALA A 110 0.92 33.44 5.99
C ALA A 110 1.60 34.73 5.50
N GLU A 111 2.67 34.62 4.70
CA GLU A 111 3.26 35.71 3.92
C GLU A 111 2.24 36.44 3.02
N GLU A 112 1.20 35.74 2.54
CA GLU A 112 0.12 36.28 1.71
C GLU A 112 -0.64 37.43 2.39
N ASP A 113 -0.79 37.37 3.72
CA ASP A 113 -1.58 38.34 4.50
C ASP A 113 -1.08 39.79 4.38
N LYS A 114 0.24 39.96 4.16
CA LYS A 114 0.88 41.24 3.91
C LYS A 114 0.60 41.69 2.48
N VAL A 115 1.11 40.93 1.52
CA VAL A 115 1.11 41.30 0.09
C VAL A 115 -0.27 41.46 -0.55
N LYS A 116 -1.33 40.85 0.00
CA LYS A 116 -2.71 40.98 -0.51
C LYS A 116 -3.25 42.42 -0.50
N GLU A 117 -2.91 43.21 0.53
CA GLU A 117 -3.46 44.56 0.77
C GLU A 117 -2.45 45.58 1.35
N LYS A 118 -1.39 45.11 2.02
CA LYS A 118 -0.39 45.90 2.76
C LYS A 118 1.07 45.44 2.53
N PRO A 119 1.59 45.43 1.28
CA PRO A 119 2.99 45.09 0.96
C PRO A 119 4.04 45.82 1.82
N GLY A 1 -16.28 -23.75 -5.82
CA GLY A 1 -15.78 -23.34 -7.15
C GLY A 1 -14.94 -24.44 -7.77
N SER A 2 -13.62 -24.42 -7.55
CA SER A 2 -12.67 -25.47 -7.96
C SER A 2 -12.67 -25.75 -9.48
N HIS A 3 -12.81 -24.69 -10.27
CA HIS A 3 -12.66 -24.70 -11.73
C HIS A 3 -11.17 -24.82 -12.08
N MET A 4 -10.40 -23.77 -11.83
CA MET A 4 -9.67 -23.60 -10.60
C MET A 4 -9.66 -22.08 -10.41
N PRO A 5 -10.04 -21.52 -9.25
CA PRO A 5 -10.06 -20.08 -8.97
C PRO A 5 -8.71 -19.38 -9.18
N GLU A 6 -7.62 -20.14 -9.30
CA GLU A 6 -6.45 -19.85 -10.11
C GLU A 6 -6.69 -18.85 -11.25
N LYS A 7 -7.71 -19.07 -12.07
CA LYS A 7 -8.09 -18.25 -13.23
C LYS A 7 -8.55 -16.85 -12.85
N LYS A 8 -9.36 -16.71 -11.80
CA LYS A 8 -9.77 -15.42 -11.22
C LYS A 8 -8.60 -14.70 -10.55
N VAL A 9 -7.78 -15.46 -9.83
CA VAL A 9 -6.59 -14.93 -9.16
C VAL A 9 -5.55 -14.45 -10.18
N ALA A 10 -5.44 -15.10 -11.34
CA ALA A 10 -4.49 -14.75 -12.40
C ALA A 10 -4.82 -13.41 -13.07
N GLU A 11 -6.07 -13.20 -13.50
CA GLU A 11 -6.48 -11.93 -14.10
C GLU A 11 -6.44 -10.74 -13.11
N ALA A 12 -6.61 -11.00 -11.81
CA ALA A 12 -6.40 -9.98 -10.79
C ALA A 12 -4.93 -9.81 -10.37
N GLU A 13 -4.10 -10.84 -10.46
CA GLU A 13 -2.65 -10.73 -10.29
C GLU A 13 -2.03 -9.80 -11.36
N LYS A 14 -2.64 -9.79 -12.55
CA LYS A 14 -2.34 -8.90 -13.66
C LYS A 14 -2.59 -7.42 -13.32
N LYS A 15 -3.71 -7.15 -12.66
CA LYS A 15 -3.95 -5.87 -11.98
C LYS A 15 -2.94 -5.61 -10.86
N VAL A 16 -2.63 -6.59 -10.01
CA VAL A 16 -1.63 -6.47 -8.93
C VAL A 16 -0.23 -6.14 -9.47
N GLU A 17 -0.03 -6.34 -10.77
CA GLU A 17 1.22 -6.06 -11.49
C GLU A 17 1.32 -4.57 -11.83
N GLU A 18 0.22 -3.94 -12.25
CA GLU A 18 0.09 -2.48 -12.32
C GLU A 18 0.31 -1.84 -10.92
N ALA A 19 -0.29 -2.42 -9.88
CA ALA A 19 -0.03 -2.04 -8.48
C ALA A 19 1.46 -2.17 -8.10
N LYS A 20 2.12 -3.30 -8.43
CA LYS A 20 3.56 -3.51 -8.25
C LYS A 20 4.41 -2.49 -9.01
N LYS A 21 4.04 -2.14 -10.24
CA LYS A 21 4.65 -1.05 -11.01
C LYS A 21 4.58 0.31 -10.29
N LYS A 22 3.54 0.61 -9.51
CA LYS A 22 3.51 1.81 -8.64
C LYS A 22 4.46 1.76 -7.44
N ALA A 23 4.74 0.57 -6.90
CA ALA A 23 5.87 0.42 -5.97
C ALA A 23 7.24 0.56 -6.67
N GLU A 24 7.38 0.07 -7.90
CA GLU A 24 8.57 0.30 -8.73
C GLU A 24 8.75 1.79 -9.08
N ASP A 25 7.65 2.54 -9.14
CA ASP A 25 7.64 4.01 -9.23
C ASP A 25 8.25 4.67 -7.99
N GLN A 26 8.08 4.08 -6.78
CA GLN A 26 8.69 4.62 -5.57
C GLN A 26 10.20 4.29 -5.60
N LYS A 27 10.55 3.08 -6.04
CA LYS A 27 11.94 2.64 -6.23
C LYS A 27 12.74 3.54 -7.14
N GLU A 28 12.20 3.84 -8.31
CA GLU A 28 12.85 4.77 -9.25
C GLU A 28 13.16 6.13 -8.57
N GLU A 29 12.28 6.63 -7.71
CA GLU A 29 12.55 7.83 -6.91
C GLU A 29 13.66 7.65 -5.84
N ASP A 30 13.86 6.46 -5.27
CA ASP A 30 14.97 6.05 -4.43
C ASP A 30 16.30 5.99 -5.19
N ARG A 31 16.29 5.82 -6.51
CA ARG A 31 17.46 5.84 -7.37
C ARG A 31 17.78 7.26 -7.78
N ARG A 32 16.74 8.08 -7.97
CA ARG A 32 16.84 9.49 -8.29
C ARG A 32 17.11 10.40 -7.11
N ASN A 33 16.89 9.89 -5.92
CA ASN A 33 17.30 10.53 -4.67
C ASN A 33 18.31 9.71 -3.86
N TYR A 34 19.12 8.91 -4.52
CA TYR A 34 20.55 8.68 -4.21
C TYR A 34 21.49 9.85 -4.51
N PRO A 35 21.30 10.56 -5.63
CA PRO A 35 21.68 11.95 -5.86
C PRO A 35 21.63 12.84 -4.63
N THR A 36 20.55 12.67 -3.88
CA THR A 36 20.25 13.42 -2.65
C THR A 36 20.42 12.60 -1.36
N ASN A 37 20.20 11.29 -1.45
CA ASN A 37 20.16 10.30 -0.38
C ASN A 37 19.19 10.59 0.76
N THR A 38 18.02 11.09 0.33
CA THR A 38 16.73 10.81 0.97
C THR A 38 15.97 9.65 0.32
N TYR A 39 16.33 9.27 -0.91
CA TYR A 39 15.77 8.15 -1.65
C TYR A 39 14.23 8.18 -1.71
N LYS A 40 13.53 7.16 -1.26
CA LYS A 40 12.09 7.01 -1.27
C LYS A 40 11.83 5.75 -0.44
N THR A 41 11.21 5.96 0.70
CA THR A 41 11.60 5.25 1.93
C THR A 41 10.36 4.79 2.66
N LEU A 42 9.68 5.74 3.30
CA LEU A 42 8.37 5.52 3.92
C LEU A 42 7.36 5.24 2.81
N GLU A 43 7.40 6.00 1.72
CA GLU A 43 6.54 5.81 0.53
C GLU A 43 6.77 4.51 -0.23
N LEU A 44 8.01 4.05 -0.36
CA LEU A 44 8.28 2.70 -0.87
C LEU A 44 7.62 1.66 0.04
N GLU A 45 7.76 1.77 1.36
CA GLU A 45 7.11 0.84 2.31
C GLU A 45 5.58 0.97 2.38
N ILE A 46 4.99 2.16 2.20
CA ILE A 46 3.54 2.36 2.03
C ILE A 46 3.07 1.59 0.80
N ALA A 47 3.65 1.91 -0.36
CA ALA A 47 3.29 1.26 -1.61
C ALA A 47 3.50 -0.26 -1.55
N GLU A 48 4.64 -0.74 -1.05
CA GLU A 48 4.90 -2.17 -0.92
C GLU A 48 3.91 -2.84 0.04
N SER A 49 3.76 -2.33 1.26
CA SER A 49 2.91 -2.96 2.27
C SER A 49 1.42 -2.98 1.88
N ASP A 50 0.84 -1.89 1.34
CA ASP A 50 -0.53 -1.91 0.82
C ASP A 50 -0.70 -2.87 -0.39
N VAL A 51 0.23 -2.88 -1.35
CA VAL A 51 0.14 -3.70 -2.57
C VAL A 51 0.33 -5.19 -2.27
N GLU A 52 1.10 -5.52 -1.24
CA GLU A 52 1.17 -6.89 -0.74
C GLU A 52 -0.02 -7.32 0.13
N VAL A 53 -0.81 -6.38 0.69
CA VAL A 53 -2.12 -6.70 1.28
C VAL A 53 -3.09 -7.08 0.15
N LYS A 54 -2.95 -6.43 -1.02
CA LYS A 54 -3.69 -6.76 -2.23
C LYS A 54 -3.33 -8.17 -2.68
N LYS A 55 -2.03 -8.45 -2.77
CA LYS A 55 -1.49 -9.79 -3.05
C LYS A 55 -2.06 -10.86 -2.12
N ALA A 56 -2.10 -10.58 -0.82
CA ALA A 56 -2.64 -11.50 0.17
C ALA A 56 -4.13 -11.78 -0.08
N GLU A 57 -4.95 -10.75 -0.30
CA GLU A 57 -6.37 -10.91 -0.63
C GLU A 57 -6.62 -11.69 -1.92
N LEU A 58 -5.85 -11.46 -2.99
CA LEU A 58 -5.96 -12.28 -4.20
C LEU A 58 -5.60 -13.75 -3.95
N GLU A 59 -4.66 -14.06 -3.05
CA GLU A 59 -4.40 -15.46 -2.68
C GLU A 59 -5.55 -16.06 -1.85
N LEU A 60 -6.30 -15.26 -1.08
CA LEU A 60 -7.52 -15.71 -0.42
C LEU A 60 -8.73 -15.82 -1.36
N VAL A 61 -8.77 -15.10 -2.49
CA VAL A 61 -9.72 -15.41 -3.59
C VAL A 61 -9.55 -16.87 -4.06
N LYS A 62 -8.31 -17.39 -4.05
CA LYS A 62 -8.03 -18.83 -4.20
C LYS A 62 -8.66 -19.65 -3.08
N GLU A 63 -8.29 -19.39 -1.82
CA GLU A 63 -8.56 -20.29 -0.71
C GLU A 63 -10.06 -20.39 -0.40
N GLU A 64 -10.81 -19.30 -0.56
CA GLU A 64 -12.25 -19.29 -0.37
C GLU A 64 -13.00 -20.09 -1.45
N ALA A 65 -12.63 -19.94 -2.74
CA ALA A 65 -13.37 -20.52 -3.86
C ALA A 65 -13.05 -22.01 -4.12
N LYS A 66 -12.09 -22.56 -3.37
CA LYS A 66 -11.66 -23.96 -3.32
C LYS A 66 -12.12 -24.69 -2.03
N GLU A 67 -12.50 -23.91 -1.03
CA GLU A 67 -13.32 -24.25 0.11
C GLU A 67 -14.73 -24.22 -0.36
N PRO A 68 -15.63 -24.60 0.56
CA PRO A 68 -17.00 -24.52 0.21
C PRO A 68 -17.62 -23.15 0.34
N ARG A 69 -16.68 -22.25 0.28
CA ARG A 69 -16.67 -20.96 0.81
C ARG A 69 -17.15 -20.98 2.23
N ASN A 70 -16.38 -21.76 2.99
CA ASN A 70 -16.27 -21.61 4.41
C ASN A 70 -15.42 -20.36 4.67
N GLU A 71 -16.12 -19.24 4.60
CA GLU A 71 -15.74 -17.86 4.88
C GLU A 71 -14.74 -17.68 6.05
N GLU A 72 -14.73 -18.59 7.01
CA GLU A 72 -13.80 -18.63 8.14
C GLU A 72 -12.33 -18.50 7.69
N LYS A 73 -11.96 -19.18 6.59
CA LYS A 73 -10.56 -19.28 6.18
C LYS A 73 -10.01 -17.99 5.55
N VAL A 74 -10.81 -17.36 4.67
CA VAL A 74 -10.51 -16.01 4.16
C VAL A 74 -10.52 -14.98 5.32
N LYS A 75 -11.50 -15.04 6.23
CA LYS A 75 -11.64 -14.12 7.38
C LYS A 75 -10.47 -14.12 8.34
N GLN A 76 -10.01 -15.29 8.75
CA GLN A 76 -8.77 -15.49 9.50
C GLN A 76 -7.58 -14.78 8.87
N ALA A 77 -7.46 -14.91 7.54
CA ALA A 77 -6.36 -14.28 6.83
C ALA A 77 -6.59 -12.78 6.72
N LYS A 78 -7.83 -12.32 6.55
CA LYS A 78 -8.19 -10.89 6.46
C LYS A 78 -7.87 -10.14 7.74
N ALA A 79 -8.02 -10.76 8.92
CA ALA A 79 -7.51 -10.22 10.18
C ALA A 79 -5.99 -9.99 10.15
N GLU A 80 -5.24 -10.88 9.50
CA GLU A 80 -3.79 -10.71 9.29
C GLU A 80 -3.50 -9.57 8.32
N VAL A 81 -4.13 -9.58 7.13
CA VAL A 81 -3.94 -8.52 6.14
C VAL A 81 -4.34 -7.14 6.65
N GLU A 82 -5.31 -7.07 7.56
CA GLU A 82 -5.71 -5.84 8.25
C GLU A 82 -4.61 -5.30 9.16
N SER A 83 -3.82 -6.17 9.81
CA SER A 83 -2.69 -5.73 10.63
C SER A 83 -1.59 -5.15 9.73
N LYS A 84 -1.36 -5.79 8.57
CA LYS A 84 -0.41 -5.37 7.54
C LYS A 84 -0.82 -4.06 6.86
N LYS A 85 -2.11 -3.86 6.61
CA LYS A 85 -2.69 -2.59 6.14
C LYS A 85 -2.48 -1.47 7.16
N ALA A 86 -2.76 -1.74 8.43
CA ALA A 86 -2.51 -0.77 9.51
C ALA A 86 -1.02 -0.42 9.64
N GLU A 87 -0.13 -1.37 9.39
CA GLU A 87 1.32 -1.18 9.27
C GLU A 87 1.65 -0.22 8.10
N ALA A 88 1.28 -0.54 6.87
CA ALA A 88 1.36 0.33 5.67
C ALA A 88 0.87 1.75 5.95
N THR A 89 -0.31 1.86 6.55
CA THR A 89 -0.98 3.12 6.88
C THR A 89 -0.31 3.87 8.05
N ARG A 90 0.47 3.19 8.91
CA ARG A 90 1.39 3.84 9.88
C ARG A 90 2.60 4.49 9.19
N LEU A 91 3.14 3.93 8.10
CA LEU A 91 4.18 4.61 7.31
C LEU A 91 3.59 5.90 6.71
N GLU A 92 2.30 5.90 6.35
CA GLU A 92 1.56 7.10 5.94
C GLU A 92 1.64 8.24 6.98
N LYS A 93 1.55 7.91 8.28
CA LYS A 93 1.78 8.86 9.37
C LYS A 93 3.25 9.33 9.42
N ILE A 94 4.23 8.43 9.28
CA ILE A 94 5.66 8.81 9.39
C ILE A 94 6.22 9.60 8.19
N LYS A 95 5.71 9.38 6.96
CA LYS A 95 5.94 10.35 5.86
C LYS A 95 5.37 11.73 6.18
N THR A 96 4.21 11.78 6.84
CA THR A 96 3.51 13.04 7.16
C THR A 96 4.26 13.81 8.25
N ASP A 97 4.75 13.09 9.26
CA ASP A 97 5.63 13.65 10.30
C ASP A 97 6.90 14.25 9.71
N ARG A 98 7.57 13.53 8.78
CA ARG A 98 8.74 14.02 8.04
C ARG A 98 8.42 15.24 7.18
N LYS A 99 7.36 15.19 6.38
CA LYS A 99 6.86 16.32 5.58
C LYS A 99 6.61 17.57 6.44
N LYS A 100 5.98 17.43 7.60
CA LYS A 100 5.75 18.55 8.54
C LYS A 100 7.04 19.12 9.11
N ALA A 101 7.95 18.25 9.57
CA ALA A 101 9.27 18.62 10.08
C ALA A 101 10.18 19.31 9.03
N GLU A 102 10.00 19.01 7.74
CA GLU A 102 10.65 19.75 6.63
C GLU A 102 9.97 21.10 6.38
N GLU A 103 8.64 21.13 6.28
CA GLU A 103 7.86 22.33 5.93
C GLU A 103 7.92 23.43 6.99
N GLU A 104 7.67 23.12 8.26
CA GLU A 104 7.65 24.05 9.41
C GLU A 104 6.94 25.42 9.14
N ALA A 105 5.88 25.39 8.33
CA ALA A 105 5.13 26.56 7.82
C ALA A 105 5.99 27.67 7.18
N LYS A 106 7.18 27.34 6.63
CA LYS A 106 8.09 28.26 5.93
C LYS A 106 7.39 28.94 4.75
N ARG A 107 7.13 30.25 4.87
CA ARG A 107 6.34 31.09 3.93
C ARG A 107 5.09 30.37 3.38
N LYS A 108 4.16 30.06 4.29
CA LYS A 108 2.85 29.42 3.99
C LYS A 108 1.94 30.20 3.03
N ALA A 109 2.28 31.42 2.63
CA ALA A 109 1.54 32.28 1.69
C ALA A 109 0.02 32.41 1.98
N ALA A 110 -0.33 32.41 3.27
CA ALA A 110 -1.71 32.38 3.81
C ALA A 110 -2.59 31.20 3.33
N GLU A 111 -1.99 30.13 2.79
CA GLU A 111 -2.68 28.91 2.34
C GLU A 111 -3.22 28.05 3.48
N GLU A 112 -2.99 28.41 4.74
CA GLU A 112 -3.71 27.87 5.90
C GLU A 112 -5.24 27.91 5.67
N ASP A 113 -5.73 28.93 4.96
CA ASP A 113 -7.12 29.09 4.57
C ASP A 113 -7.62 28.05 3.53
N LYS A 114 -6.69 27.37 2.83
CA LYS A 114 -6.96 26.24 1.94
C LYS A 114 -6.76 24.92 2.69
N VAL A 115 -5.60 24.77 3.35
CA VAL A 115 -5.23 23.60 4.16
C VAL A 115 -6.29 23.20 5.19
N LYS A 116 -6.99 24.16 5.82
CA LYS A 116 -8.12 23.89 6.74
C LYS A 116 -9.26 23.06 6.14
N GLU A 117 -9.48 23.13 4.82
CA GLU A 117 -10.47 22.33 4.08
C GLU A 117 -9.94 20.97 3.56
N LYS A 118 -8.62 20.72 3.69
CA LYS A 118 -7.90 19.53 3.20
C LYS A 118 -8.23 19.16 1.73
N PRO A 119 -7.98 20.06 0.75
CA PRO A 119 -8.21 19.81 -0.67
C PRO A 119 -7.28 18.72 -1.26
N GLY A 1 -13.71 -21.42 -7.62
CA GLY A 1 -13.21 -22.41 -8.60
C GLY A 1 -12.75 -23.69 -7.93
N SER A 2 -13.69 -24.54 -7.51
CA SER A 2 -13.48 -25.87 -6.89
C SER A 2 -13.13 -26.91 -7.98
N HIS A 3 -11.96 -26.73 -8.59
CA HIS A 3 -11.43 -27.45 -9.74
C HIS A 3 -9.97 -27.72 -9.41
N MET A 4 -9.24 -26.62 -9.30
CA MET A 4 -8.02 -26.41 -8.57
C MET A 4 -7.95 -24.89 -8.44
N PRO A 5 -8.19 -24.28 -7.27
CA PRO A 5 -8.12 -22.82 -7.07
C PRO A 5 -6.81 -22.14 -7.45
N GLU A 6 -5.81 -22.89 -7.91
CA GLU A 6 -4.71 -22.40 -8.76
C GLU A 6 -5.23 -21.49 -9.87
N LYS A 7 -6.35 -21.88 -10.50
CA LYS A 7 -7.09 -21.10 -11.49
C LYS A 7 -7.57 -19.76 -10.95
N LYS A 8 -8.29 -19.77 -9.84
CA LYS A 8 -8.88 -18.56 -9.25
C LYS A 8 -7.80 -17.63 -8.69
N VAL A 9 -6.74 -18.20 -8.13
CA VAL A 9 -5.61 -17.45 -7.54
C VAL A 9 -4.70 -16.89 -8.63
N ALA A 10 -4.54 -17.56 -9.78
CA ALA A 10 -3.85 -17.04 -10.96
C ALA A 10 -4.62 -15.86 -11.58
N GLU A 11 -5.95 -15.97 -11.71
CA GLU A 11 -6.78 -14.84 -12.13
C GLU A 11 -6.70 -13.66 -11.17
N ALA A 12 -6.87 -13.88 -9.87
CA ALA A 12 -6.67 -12.84 -8.87
C ALA A 12 -5.20 -12.35 -8.75
N GLU A 13 -4.25 -13.02 -9.40
CA GLU A 13 -2.83 -12.64 -9.43
C GLU A 13 -2.55 -11.72 -10.62
N LYS A 14 -3.31 -11.88 -11.71
CA LYS A 14 -3.34 -11.01 -12.89
C LYS A 14 -3.65 -9.57 -12.48
N LYS A 15 -4.54 -9.44 -11.50
CA LYS A 15 -4.79 -8.21 -10.75
C LYS A 15 -3.57 -7.74 -9.95
N VAL A 16 -2.97 -8.61 -9.14
CA VAL A 16 -1.77 -8.29 -8.34
C VAL A 16 -0.57 -7.88 -9.22
N GLU A 17 -0.63 -8.11 -10.53
CA GLU A 17 0.37 -7.67 -11.50
C GLU A 17 0.14 -6.23 -11.95
N GLU A 18 -1.11 -5.80 -12.14
CA GLU A 18 -1.47 -4.38 -12.22
C GLU A 18 -1.07 -3.63 -10.93
N ALA A 19 -1.33 -4.24 -9.77
CA ALA A 19 -0.88 -3.75 -8.48
C ALA A 19 0.66 -3.60 -8.38
N LYS A 20 1.41 -4.62 -8.84
CA LYS A 20 2.88 -4.58 -8.97
C LYS A 20 3.33 -3.43 -9.88
N LYS A 21 2.71 -3.28 -11.07
CA LYS A 21 2.99 -2.15 -11.97
C LYS A 21 2.78 -0.78 -11.32
N LYS A 22 1.80 -0.60 -10.43
CA LYS A 22 1.69 0.60 -9.59
C LYS A 22 2.82 0.79 -8.57
N ALA A 23 3.24 -0.26 -7.86
CA ALA A 23 4.47 -0.19 -7.05
C ALA A 23 5.70 0.15 -7.90
N GLU A 24 5.72 -0.23 -9.18
CA GLU A 24 6.76 0.12 -10.14
C GLU A 24 6.62 1.55 -10.69
N ASP A 25 5.43 2.18 -10.62
CA ASP A 25 5.31 3.64 -10.79
C ASP A 25 5.94 4.40 -9.60
N GLN A 26 6.15 3.75 -8.45
CA GLN A 26 6.87 4.31 -7.31
C GLN A 26 8.38 4.01 -7.34
N LYS A 27 8.79 2.99 -8.12
CA LYS A 27 10.17 2.82 -8.62
C LYS A 27 10.53 3.92 -9.61
N GLU A 28 9.64 4.20 -10.55
CA GLU A 28 9.73 5.40 -11.39
C GLU A 28 9.78 6.70 -10.55
N GLU A 29 9.05 6.78 -9.43
CA GLU A 29 9.19 7.89 -8.48
C GLU A 29 10.62 8.01 -7.92
N ASP A 30 11.27 6.97 -7.37
CA ASP A 30 12.68 6.91 -6.98
C ASP A 30 13.65 7.51 -8.01
N ARG A 31 13.32 7.35 -9.28
CA ARG A 31 14.13 7.74 -10.42
C ARG A 31 13.92 9.19 -10.82
N ARG A 32 12.86 9.79 -10.26
CA ARG A 32 12.54 11.21 -10.31
C ARG A 32 12.76 11.96 -9.00
N ASN A 33 12.92 11.20 -7.94
CA ASN A 33 12.88 11.69 -6.57
C ASN A 33 14.23 11.55 -5.83
N TYR A 34 15.25 11.01 -6.50
CA TYR A 34 16.71 11.21 -6.33
C TYR A 34 17.24 12.62 -6.62
N PRO A 35 16.79 13.25 -7.70
CA PRO A 35 16.74 14.70 -7.91
C PRO A 35 16.50 15.50 -6.63
N THR A 36 15.59 14.98 -5.83
CA THR A 36 15.12 15.52 -4.55
C THR A 36 15.65 14.76 -3.31
N ASN A 37 16.17 13.54 -3.53
CA ASN A 37 16.59 12.49 -2.62
C ASN A 37 15.66 12.22 -1.43
N THR A 38 14.38 12.11 -1.81
CA THR A 38 13.37 11.34 -1.08
C THR A 38 12.92 10.10 -1.87
N TYR A 39 13.50 9.86 -3.06
CA TYR A 39 13.45 8.71 -3.95
C TYR A 39 12.26 7.76 -3.75
N LYS A 40 12.47 6.65 -3.05
CA LYS A 40 11.51 5.56 -2.89
C LYS A 40 10.33 6.02 -2.07
N THR A 41 10.50 6.38 -0.81
CA THR A 41 11.27 5.74 0.26
C THR A 41 10.27 5.03 1.15
N LEU A 42 9.52 5.83 1.90
CA LEU A 42 8.29 5.39 2.55
C LEU A 42 7.21 4.96 1.53
N GLU A 43 7.20 5.55 0.31
CA GLU A 43 6.07 5.47 -0.64
C GLU A 43 6.22 4.48 -1.82
N LEU A 44 7.42 3.96 -2.07
CA LEU A 44 7.54 2.64 -2.72
C LEU A 44 7.20 1.53 -1.70
N GLU A 45 7.57 1.70 -0.42
CA GLU A 45 7.36 0.68 0.60
C GLU A 45 5.87 0.56 0.97
N ILE A 46 5.12 1.67 0.98
CA ILE A 46 3.68 1.67 1.13
C ILE A 46 3.01 0.91 -0.01
N ALA A 47 3.30 1.29 -1.27
CA ALA A 47 2.70 0.66 -2.44
C ALA A 47 3.06 -0.83 -2.51
N GLU A 48 4.18 -1.20 -1.90
CA GLU A 48 4.58 -2.61 -1.73
C GLU A 48 3.78 -3.29 -0.61
N SER A 49 3.57 -2.61 0.53
CA SER A 49 2.96 -3.20 1.71
C SER A 49 1.47 -3.45 1.53
N ASP A 50 0.71 -2.49 0.99
CA ASP A 50 -0.70 -2.70 0.63
C ASP A 50 -0.87 -3.78 -0.45
N VAL A 51 0.03 -3.85 -1.45
CA VAL A 51 -0.02 -4.90 -2.47
C VAL A 51 0.31 -6.27 -1.89
N GLU A 52 1.14 -6.33 -0.84
CA GLU A 52 1.31 -7.52 -0.03
C GLU A 52 0.13 -7.89 0.89
N VAL A 53 -0.81 -6.98 1.17
CA VAL A 53 -2.12 -7.35 1.79
C VAL A 53 -2.93 -8.14 0.77
N LYS A 54 -2.73 -7.79 -0.50
CA LYS A 54 -3.47 -8.28 -1.66
C LYS A 54 -2.99 -9.67 -2.02
N LYS A 55 -1.67 -9.81 -2.13
CA LYS A 55 -0.92 -11.06 -2.07
C LYS A 55 -1.49 -12.00 -0.98
N ALA A 56 -1.56 -11.55 0.28
CA ALA A 56 -1.96 -12.38 1.40
C ALA A 56 -3.42 -12.84 1.29
N GLU A 57 -4.31 -11.98 0.82
CA GLU A 57 -5.69 -12.36 0.57
C GLU A 57 -5.80 -13.39 -0.56
N LEU A 58 -4.97 -13.36 -1.61
CA LEU A 58 -4.97 -14.42 -2.64
C LEU A 58 -4.57 -15.80 -2.08
N GLU A 59 -3.64 -15.87 -1.13
CA GLU A 59 -3.23 -17.14 -0.52
C GLU A 59 -4.40 -17.80 0.23
N LEU A 60 -5.34 -17.00 0.73
CA LEU A 60 -6.57 -17.49 1.33
C LEU A 60 -7.77 -17.58 0.36
N VAL A 61 -7.74 -16.93 -0.82
CA VAL A 61 -8.60 -17.32 -1.98
C VAL A 61 -8.37 -18.81 -2.30
N LYS A 62 -7.11 -19.28 -2.23
CA LYS A 62 -6.77 -20.71 -2.30
C LYS A 62 -7.48 -21.52 -1.23
N GLU A 63 -7.29 -21.19 0.05
CA GLU A 63 -7.69 -22.07 1.15
C GLU A 63 -9.21 -22.15 1.36
N GLU A 64 -9.95 -21.08 1.02
CA GLU A 64 -11.42 -21.12 0.95
C GLU A 64 -11.93 -22.16 -0.05
N ALA A 65 -11.36 -22.11 -1.25
CA ALA A 65 -11.88 -22.84 -2.40
C ALA A 65 -11.62 -24.35 -2.32
N LYS A 66 -10.72 -24.78 -1.41
CA LYS A 66 -10.49 -26.17 -1.02
C LYS A 66 -11.75 -26.95 -0.61
N GLU A 67 -12.30 -26.61 0.56
CA GLU A 67 -12.95 -27.59 1.46
C GLU A 67 -14.39 -28.11 1.43
N PRO A 68 -15.34 -27.32 1.01
CA PRO A 68 -15.20 -25.91 0.95
C PRO A 68 -15.03 -25.30 2.32
N ARG A 69 -13.84 -24.68 2.48
CA ARG A 69 -13.66 -23.42 3.17
C ARG A 69 -13.61 -23.53 4.69
N ASN A 70 -14.72 -24.03 5.21
CA ASN A 70 -15.26 -24.03 6.54
C ASN A 70 -15.05 -22.76 7.38
N GLU A 71 -14.79 -21.64 6.72
CA GLU A 71 -14.67 -20.30 7.28
C GLU A 71 -13.51 -20.10 8.28
N GLU A 72 -12.79 -21.17 8.67
CA GLU A 72 -11.63 -21.13 9.55
C GLU A 72 -10.39 -20.58 8.83
N LYS A 73 -10.18 -21.01 7.58
CA LYS A 73 -8.96 -20.65 6.83
C LYS A 73 -8.95 -19.19 6.41
N VAL A 74 -10.08 -18.67 5.91
CA VAL A 74 -10.24 -17.24 5.61
C VAL A 74 -10.12 -16.35 6.86
N LYS A 75 -10.50 -16.83 8.06
CA LYS A 75 -10.24 -16.12 9.33
C LYS A 75 -8.75 -15.99 9.66
N GLN A 76 -7.92 -16.99 9.34
CA GLN A 76 -6.46 -16.82 9.32
C GLN A 76 -6.01 -15.73 8.34
N ALA A 77 -6.72 -15.53 7.21
CA ALA A 77 -6.43 -14.40 6.30
C ALA A 77 -6.46 -13.09 7.07
N LYS A 78 -7.51 -12.88 7.89
CA LYS A 78 -7.73 -11.60 8.58
C LYS A 78 -6.57 -11.20 9.49
N ALA A 79 -6.04 -12.14 10.28
CA ALA A 79 -4.86 -11.90 11.11
C ALA A 79 -3.63 -11.45 10.31
N GLU A 80 -3.46 -11.99 9.10
CA GLU A 80 -2.33 -11.70 8.22
C GLU A 80 -2.55 -10.37 7.48
N VAL A 81 -3.73 -10.14 6.89
CA VAL A 81 -4.04 -8.88 6.22
C VAL A 81 -4.05 -7.71 7.20
N GLU A 82 -4.44 -7.92 8.46
CA GLU A 82 -4.34 -6.92 9.53
C GLU A 82 -2.88 -6.50 9.79
N SER A 83 -1.93 -7.45 9.80
CA SER A 83 -0.52 -7.15 10.10
C SER A 83 0.10 -6.33 8.97
N LYS A 84 -0.18 -6.74 7.72
CA LYS A 84 0.32 -6.07 6.51
C LYS A 84 -0.36 -4.72 6.24
N LYS A 85 -1.66 -4.60 6.52
CA LYS A 85 -2.39 -3.32 6.49
C LYS A 85 -1.85 -2.33 7.51
N ALA A 86 -1.52 -2.77 8.73
CA ALA A 86 -0.94 -1.91 9.76
C ALA A 86 0.40 -1.30 9.29
N GLU A 87 1.32 -2.12 8.77
CA GLU A 87 2.60 -1.65 8.21
C GLU A 87 2.44 -0.74 7.00
N ALA A 88 1.59 -1.11 6.05
CA ALA A 88 1.24 -0.27 4.90
C ALA A 88 0.73 1.10 5.37
N THR A 89 -0.35 1.12 6.14
CA THR A 89 -1.04 2.34 6.54
C THR A 89 -0.21 3.19 7.54
N ARG A 90 0.73 2.59 8.29
CA ARG A 90 1.80 3.30 9.02
C ARG A 90 2.73 4.09 8.09
N LEU A 91 3.17 3.52 6.97
CA LEU A 91 3.95 4.28 5.98
C LEU A 91 3.10 5.39 5.36
N GLU A 92 1.82 5.14 5.14
CA GLU A 92 0.89 6.15 4.65
C GLU A 92 0.79 7.33 5.63
N LYS A 93 0.86 7.03 6.93
CA LYS A 93 0.92 8.02 8.02
C LYS A 93 2.19 8.88 7.95
N ILE A 94 3.39 8.36 7.66
CA ILE A 94 4.58 9.22 7.50
C ILE A 94 4.43 10.25 6.36
N LYS A 95 4.03 9.87 5.14
CA LYS A 95 3.78 10.89 4.08
C LYS A 95 2.64 11.85 4.43
N THR A 96 1.70 11.43 5.28
CA THR A 96 0.62 12.30 5.79
C THR A 96 1.17 13.32 6.78
N ASP A 97 2.10 12.92 7.66
CA ASP A 97 2.81 13.83 8.57
C ASP A 97 3.64 14.87 7.80
N ARG A 98 4.33 14.46 6.73
CA ARG A 98 5.05 15.38 5.82
C ARG A 98 4.08 16.36 5.13
N LYS A 99 2.96 15.85 4.59
CA LYS A 99 1.89 16.67 3.96
C LYS A 99 1.32 17.73 4.91
N LYS A 100 0.87 17.34 6.11
CA LYS A 100 0.31 18.29 7.09
C LYS A 100 1.35 19.28 7.63
N ALA A 101 2.62 18.89 7.76
CA ALA A 101 3.72 19.78 8.13
C ALA A 101 3.93 20.91 7.09
N GLU A 102 4.05 20.59 5.79
CA GLU A 102 4.18 21.61 4.75
C GLU A 102 2.90 22.44 4.54
N GLU A 103 1.71 21.88 4.83
CA GLU A 103 0.45 22.63 4.87
C GLU A 103 0.43 23.71 5.98
N GLU A 104 0.87 23.39 7.20
CA GLU A 104 1.04 24.37 8.29
C GLU A 104 2.09 25.46 7.98
N ALA A 105 3.13 25.15 7.19
CA ALA A 105 4.18 26.07 6.76
C ALA A 105 3.73 27.11 5.69
N LYS A 106 2.49 27.63 5.81
CA LYS A 106 1.85 28.61 4.92
C LYS A 106 2.48 30.01 5.06
N ARG A 107 3.63 30.23 4.41
CA ARG A 107 4.23 31.56 4.18
C ARG A 107 4.79 31.73 2.76
N LYS A 108 5.43 30.72 2.15
CA LYS A 108 6.39 29.80 2.81
C LYS A 108 7.70 30.50 3.23
N ALA A 109 7.97 31.65 2.61
CA ALA A 109 8.99 32.63 2.96
C ALA A 109 8.64 34.07 2.50
N ALA A 110 7.40 34.31 2.02
CA ALA A 110 7.04 35.47 1.19
C ALA A 110 5.86 36.33 1.72
N GLU A 111 4.76 35.73 2.20
CA GLU A 111 3.52 36.50 2.47
C GLU A 111 3.52 37.27 3.80
N GLU A 112 4.57 37.08 4.62
CA GLU A 112 4.69 37.48 6.05
C GLU A 112 3.73 36.72 6.99
N ASP A 113 2.48 36.54 6.58
CA ASP A 113 1.30 35.88 7.19
C ASP A 113 0.28 36.92 7.70
N LYS A 114 0.68 38.20 7.77
CA LYS A 114 -0.05 39.34 8.33
C LYS A 114 -0.60 39.10 9.74
N VAL A 115 0.02 38.13 10.44
CA VAL A 115 -0.50 37.43 11.65
C VAL A 115 -2.02 37.18 11.59
N LYS A 116 -2.53 36.91 10.38
CA LYS A 116 -3.93 36.83 9.95
C LYS A 116 -4.88 37.88 10.58
N GLU A 117 -4.37 39.10 10.78
CA GLU A 117 -5.10 40.22 11.41
C GLU A 117 -4.62 41.62 10.97
N LYS A 118 -3.30 41.84 10.92
CA LYS A 118 -2.65 43.14 10.73
C LYS A 118 -2.88 43.73 9.32
N PRO A 119 -3.38 44.97 9.17
CA PRO A 119 -3.47 45.67 7.88
C PRO A 119 -2.08 46.06 7.35
N GLY A 1 -17.84 -18.14 -6.16
CA GLY A 1 -16.55 -18.81 -6.42
C GLY A 1 -16.74 -20.27 -6.80
N SER A 2 -15.68 -21.09 -6.63
CA SER A 2 -15.66 -22.54 -6.89
C SER A 2 -16.15 -22.90 -8.32
N HIS A 3 -15.30 -22.67 -9.31
CA HIS A 3 -15.59 -22.79 -10.75
C HIS A 3 -14.38 -23.49 -11.39
N MET A 4 -13.28 -22.72 -11.50
CA MET A 4 -11.97 -23.14 -11.09
C MET A 4 -11.26 -21.83 -10.71
N PRO A 5 -11.24 -21.43 -9.41
CA PRO A 5 -10.87 -20.10 -8.90
C PRO A 5 -9.47 -19.58 -9.27
N GLU A 6 -8.71 -20.33 -10.07
CA GLU A 6 -7.57 -19.84 -10.86
C GLU A 6 -8.01 -18.65 -11.72
N LYS A 7 -9.24 -18.72 -12.21
CA LYS A 7 -9.93 -17.66 -12.96
C LYS A 7 -10.00 -16.37 -12.15
N LYS A 8 -10.47 -16.48 -10.91
CA LYS A 8 -10.61 -15.35 -9.99
C LYS A 8 -9.28 -14.72 -9.59
N VAL A 9 -8.27 -15.53 -9.28
CA VAL A 9 -6.93 -14.97 -9.02
C VAL A 9 -6.27 -14.36 -10.26
N ALA A 10 -6.49 -14.92 -11.45
CA ALA A 10 -5.97 -14.39 -12.72
C ALA A 10 -6.59 -13.03 -13.07
N GLU A 11 -7.91 -12.91 -12.92
CA GLU A 11 -8.60 -11.62 -13.03
C GLU A 11 -8.09 -10.60 -12.00
N ALA A 12 -8.00 -10.97 -10.73
CA ALA A 12 -7.41 -10.08 -9.72
C ALA A 12 -5.89 -9.86 -9.89
N GLU A 13 -5.22 -10.60 -10.77
CA GLU A 13 -3.77 -10.48 -11.03
C GLU A 13 -3.54 -9.38 -12.07
N LYS A 14 -4.49 -9.24 -13.00
CA LYS A 14 -4.59 -8.11 -13.94
C LYS A 14 -4.60 -6.78 -13.18
N LYS A 15 -5.38 -6.76 -12.10
CA LYS A 15 -5.44 -5.69 -11.09
C LYS A 15 -4.14 -5.58 -10.27
N VAL A 16 -3.57 -6.69 -9.82
CA VAL A 16 -2.31 -6.70 -9.03
C VAL A 16 -1.13 -6.14 -9.82
N GLU A 17 -1.16 -6.29 -11.15
CA GLU A 17 -0.17 -5.70 -12.06
C GLU A 17 -0.29 -4.17 -12.06
N GLU A 18 -1.51 -3.63 -12.21
CA GLU A 18 -1.78 -2.19 -12.07
C GLU A 18 -1.32 -1.65 -10.70
N ALA A 19 -1.58 -2.40 -9.62
CA ALA A 19 -1.07 -2.08 -8.28
C ALA A 19 0.47 -2.09 -8.21
N LYS A 20 1.15 -3.13 -8.70
CA LYS A 20 2.62 -3.22 -8.77
C LYS A 20 3.25 -2.10 -9.62
N LYS A 21 2.63 -1.72 -10.74
CA LYS A 21 3.02 -0.56 -11.56
C LYS A 21 2.97 0.78 -10.78
N LYS A 22 2.10 0.93 -9.77
CA LYS A 22 2.18 2.06 -8.82
C LYS A 22 3.35 1.97 -7.84
N ALA A 23 3.74 0.79 -7.40
CA ALA A 23 5.02 0.65 -6.68
C ALA A 23 6.25 0.94 -7.57
N GLU A 24 6.19 0.66 -8.87
CA GLU A 24 7.19 1.13 -9.85
C GLU A 24 7.18 2.66 -10.01
N ASP A 25 6.04 3.32 -9.82
CA ASP A 25 5.93 4.78 -9.70
C ASP A 25 6.66 5.35 -8.46
N GLN A 26 6.96 4.50 -7.49
CA GLN A 26 7.72 4.82 -6.27
C GLN A 26 9.20 4.39 -6.35
N LYS A 27 9.54 3.50 -7.27
CA LYS A 27 10.89 3.30 -7.83
C LYS A 27 11.31 4.52 -8.67
N GLU A 28 10.40 4.97 -9.54
CA GLU A 28 10.52 6.27 -10.21
C GLU A 28 10.65 7.42 -9.21
N GLU A 29 9.98 7.34 -8.05
CA GLU A 29 10.29 8.24 -6.94
C GLU A 29 11.75 8.09 -6.47
N ASP A 30 12.25 6.93 -6.03
CA ASP A 30 13.65 6.71 -5.67
C ASP A 30 14.73 7.43 -6.48
N ARG A 31 14.61 7.51 -7.81
CA ARG A 31 15.65 8.07 -8.69
C ARG A 31 15.47 9.56 -8.93
N ARG A 32 14.29 10.08 -8.57
CA ARG A 32 14.01 11.51 -8.44
C ARG A 32 14.10 12.08 -7.04
N ASN A 33 14.10 11.19 -6.07
CA ASN A 33 14.01 11.46 -4.64
C ASN A 33 15.34 11.19 -3.89
N TYR A 34 16.37 10.71 -4.60
CA TYR A 34 17.83 10.81 -4.35
C TYR A 34 18.41 12.23 -4.34
N PRO A 35 18.07 13.06 -5.33
CA PRO A 35 18.08 14.52 -5.28
C PRO A 35 17.78 15.10 -3.90
N THR A 36 16.79 14.49 -3.27
CA THR A 36 16.22 14.85 -1.96
C THR A 36 16.62 13.90 -0.81
N ASN A 37 17.20 12.74 -1.17
CA ASN A 37 17.57 11.58 -0.37
C ASN A 37 16.59 11.18 0.72
N THR A 38 15.33 11.15 0.29
CA THR A 38 14.29 10.27 0.82
C THR A 38 13.90 9.18 -0.19
N TYR A 39 14.54 9.16 -1.37
CA TYR A 39 14.55 8.11 -2.40
C TYR A 39 13.49 6.99 -2.27
N LYS A 40 13.88 5.80 -1.78
CA LYS A 40 13.20 4.52 -1.85
C LYS A 40 12.53 4.19 -0.52
N THR A 41 13.36 3.94 0.49
CA THR A 41 13.09 4.18 1.91
C THR A 41 11.73 3.63 2.37
N LEU A 42 10.95 4.47 3.05
CA LEU A 42 9.58 4.22 3.49
C LEU A 42 8.57 4.45 2.36
N GLU A 43 8.91 5.26 1.37
CA GLU A 43 8.05 5.72 0.28
C GLU A 43 7.67 4.58 -0.68
N LEU A 44 8.66 3.89 -1.25
CA LEU A 44 8.45 2.65 -2.00
C LEU A 44 7.98 1.53 -1.06
N GLU A 45 8.57 1.35 0.12
CA GLU A 45 8.19 0.25 1.01
C GLU A 45 6.73 0.31 1.52
N ILE A 46 6.13 1.50 1.66
CA ILE A 46 4.68 1.73 1.82
C ILE A 46 3.91 1.07 0.69
N ALA A 47 4.22 1.46 -0.55
CA ALA A 47 3.50 0.97 -1.72
C ALA A 47 3.70 -0.53 -1.89
N GLU A 48 4.93 -1.00 -1.68
CA GLU A 48 5.29 -2.43 -1.80
C GLU A 48 4.53 -3.27 -0.77
N SER A 49 4.59 -2.88 0.51
CA SER A 49 3.99 -3.63 1.60
C SER A 49 2.45 -3.69 1.51
N ASP A 50 1.77 -2.57 1.23
CA ASP A 50 0.31 -2.57 1.01
C ASP A 50 -0.11 -3.38 -0.21
N VAL A 51 0.60 -3.26 -1.34
CA VAL A 51 0.23 -3.94 -2.61
C VAL A 51 0.47 -5.44 -2.50
N GLU A 52 1.54 -5.86 -1.84
CA GLU A 52 1.82 -7.28 -1.66
C GLU A 52 1.05 -7.93 -0.49
N VAL A 53 0.41 -7.14 0.38
CA VAL A 53 -0.67 -7.62 1.27
C VAL A 53 -1.93 -7.89 0.45
N LYS A 54 -2.11 -7.15 -0.64
CA LYS A 54 -3.27 -7.23 -1.53
C LYS A 54 -3.15 -8.48 -2.38
N LYS A 55 -2.00 -8.63 -3.04
CA LYS A 55 -1.47 -9.89 -3.58
C LYS A 55 -1.74 -11.06 -2.62
N ALA A 56 -1.35 -10.96 -1.36
CA ALA A 56 -1.52 -12.06 -0.41
C ALA A 56 -3.00 -12.36 -0.12
N GLU A 57 -3.88 -11.37 -0.06
CA GLU A 57 -5.32 -11.57 0.04
C GLU A 57 -5.89 -12.28 -1.21
N LEU A 58 -5.32 -12.07 -2.41
CA LEU A 58 -5.64 -12.87 -3.60
C LEU A 58 -5.27 -14.36 -3.43
N GLU A 59 -4.19 -14.69 -2.73
CA GLU A 59 -3.85 -16.09 -2.47
C GLU A 59 -4.95 -16.79 -1.65
N LEU A 60 -5.60 -16.07 -0.74
CA LEU A 60 -6.80 -16.54 -0.04
C LEU A 60 -8.07 -16.53 -0.89
N VAL A 61 -8.18 -15.80 -2.01
CA VAL A 61 -9.27 -16.05 -2.98
C VAL A 61 -9.21 -17.50 -3.49
N LYS A 62 -8.00 -18.07 -3.64
CA LYS A 62 -7.83 -19.52 -3.83
C LYS A 62 -8.33 -20.29 -2.61
N GLU A 63 -7.71 -20.14 -1.44
CA GLU A 63 -7.93 -21.02 -0.29
C GLU A 63 -9.36 -20.97 0.29
N GLU A 64 -10.13 -19.91 0.02
CA GLU A 64 -11.57 -19.88 0.25
C GLU A 64 -12.31 -20.85 -0.68
N ALA A 65 -12.04 -20.70 -1.97
CA ALA A 65 -12.80 -21.36 -3.04
C ALA A 65 -12.34 -22.80 -3.34
N LYS A 66 -11.19 -23.21 -2.76
CA LYS A 66 -10.54 -24.53 -2.85
C LYS A 66 -11.13 -25.61 -1.95
N GLU A 67 -12.09 -25.25 -1.13
CA GLU A 67 -12.34 -25.72 0.21
C GLU A 67 -13.79 -25.55 0.42
N PRO A 68 -14.24 -26.07 1.56
CA PRO A 68 -15.61 -25.88 1.87
C PRO A 68 -15.98 -24.53 2.42
N ARG A 69 -14.93 -23.72 2.43
CA ARG A 69 -14.80 -22.48 3.08
C ARG A 69 -15.18 -22.62 4.54
N ASN A 70 -14.34 -23.40 5.21
CA ASN A 70 -14.43 -23.63 6.64
C ASN A 70 -13.90 -22.46 7.46
N GLU A 71 -13.40 -21.41 6.77
CA GLU A 71 -13.19 -20.06 7.25
C GLU A 71 -11.92 -19.91 8.11
N GLU A 72 -11.57 -20.91 8.90
CA GLU A 72 -10.40 -20.91 9.78
C GLU A 72 -9.10 -20.58 9.04
N LYS A 73 -8.86 -21.23 7.90
CA LYS A 73 -7.55 -21.21 7.23
C LYS A 73 -7.25 -19.89 6.52
N VAL A 74 -8.27 -19.34 5.86
CA VAL A 74 -8.25 -18.02 5.22
C VAL A 74 -8.17 -16.91 6.28
N LYS A 75 -8.87 -17.03 7.41
CA LYS A 75 -8.84 -16.10 8.54
C LYS A 75 -7.48 -16.02 9.22
N GLN A 76 -6.90 -17.18 9.52
CA GLN A 76 -5.52 -17.31 9.99
C GLN A 76 -4.54 -16.56 9.09
N ALA A 77 -4.72 -16.66 7.76
CA ALA A 77 -3.79 -16.02 6.85
C ALA A 77 -4.05 -14.51 6.77
N LYS A 78 -5.32 -14.09 6.91
CA LYS A 78 -5.69 -12.68 7.01
C LYS A 78 -5.05 -11.99 8.22
N ALA A 79 -5.02 -12.65 9.38
CA ALA A 79 -4.36 -12.15 10.58
C ALA A 79 -2.84 -11.92 10.39
N GLU A 80 -2.18 -12.74 9.56
CA GLU A 80 -0.76 -12.56 9.24
C GLU A 80 -0.55 -11.34 8.36
N VAL A 81 -1.30 -11.23 7.25
CA VAL A 81 -1.19 -10.08 6.35
C VAL A 81 -1.69 -8.78 6.98
N GLU A 82 -2.60 -8.85 7.95
CA GLU A 82 -2.99 -7.71 8.80
C GLU A 82 -1.80 -7.19 9.64
N SER A 83 -0.87 -8.05 10.06
CA SER A 83 0.35 -7.59 10.75
C SER A 83 1.29 -6.88 9.76
N LYS A 84 1.36 -7.36 8.51
CA LYS A 84 2.16 -6.74 7.43
C LYS A 84 1.57 -5.39 6.99
N LYS A 85 0.24 -5.27 6.90
CA LYS A 85 -0.50 -4.03 6.74
C LYS A 85 -0.23 -3.03 7.86
N ALA A 86 -0.18 -3.47 9.12
CA ALA A 86 0.18 -2.61 10.24
C ALA A 86 1.57 -1.98 10.05
N GLU A 87 2.56 -2.74 9.57
CA GLU A 87 3.88 -2.21 9.17
C GLU A 87 3.79 -1.23 7.99
N ALA A 88 3.15 -1.61 6.88
CA ALA A 88 2.95 -0.74 5.71
C ALA A 88 2.36 0.64 6.10
N THR A 89 1.31 0.60 6.92
CA THR A 89 0.60 1.79 7.41
C THR A 89 1.36 2.52 8.53
N ARG A 90 2.24 1.85 9.29
CA ARG A 90 3.20 2.48 10.21
C ARG A 90 4.27 3.28 9.47
N LEU A 91 4.77 2.84 8.31
CA LEU A 91 5.59 3.72 7.46
C LEU A 91 4.80 4.94 6.98
N GLU A 92 3.51 4.81 6.69
CA GLU A 92 2.66 5.99 6.43
C GLU A 92 2.66 6.99 7.60
N LYS A 93 2.95 6.52 8.83
CA LYS A 93 3.23 7.39 9.99
C LYS A 93 4.67 7.92 10.03
N ILE A 94 5.64 7.29 9.36
CA ILE A 94 7.00 7.85 9.16
C ILE A 94 6.97 9.08 8.25
N LYS A 95 6.26 9.08 7.12
CA LYS A 95 6.06 10.34 6.37
C LYS A 95 5.33 11.43 7.18
N THR A 96 4.40 11.03 8.07
CA THR A 96 3.77 11.95 9.03
C THR A 96 4.77 12.49 10.06
N ASP A 97 5.63 11.63 10.60
CA ASP A 97 6.67 12.00 11.58
C ASP A 97 7.72 12.91 10.93
N ARG A 98 8.14 12.61 9.70
CA ARG A 98 8.96 13.48 8.85
C ARG A 98 8.38 14.90 8.74
N LYS A 99 7.15 15.08 8.24
CA LYS A 99 6.55 16.42 8.10
C LYS A 99 6.29 17.13 9.43
N LYS A 100 6.03 16.39 10.52
CA LYS A 100 5.97 16.92 11.90
C LYS A 100 7.31 17.46 12.39
N ALA A 101 8.39 16.74 12.13
CA ALA A 101 9.77 17.12 12.46
C ALA A 101 10.28 18.35 11.68
N GLU A 102 9.78 18.58 10.46
CA GLU A 102 9.88 19.85 9.71
C GLU A 102 8.97 20.92 10.32
N GLU A 103 9.20 21.21 11.60
CA GLU A 103 8.33 21.98 12.51
C GLU A 103 7.99 23.41 12.04
N GLU A 104 8.79 23.99 11.13
CA GLU A 104 8.47 25.24 10.41
C GLU A 104 7.10 25.23 9.70
N ALA A 105 6.54 24.04 9.42
CA ALA A 105 5.17 23.84 8.96
C ALA A 105 4.09 24.47 9.88
N LYS A 106 4.41 24.81 11.14
CA LYS A 106 3.58 25.64 12.04
C LYS A 106 3.18 26.99 11.42
N ARG A 107 4.01 27.58 10.55
CA ARG A 107 3.75 28.85 9.85
C ARG A 107 2.78 28.68 8.67
N LYS A 108 1.57 28.21 8.96
CA LYS A 108 0.43 28.11 8.03
C LYS A 108 -0.01 29.44 7.41
N ALA A 109 0.48 30.58 7.90
CA ALA A 109 0.14 31.91 7.41
C ALA A 109 0.49 32.14 5.91
N ALA A 110 1.51 31.45 5.40
CA ALA A 110 1.91 31.48 3.99
C ALA A 110 0.89 30.79 3.05
N GLU A 111 0.07 29.88 3.58
CA GLU A 111 -0.85 29.02 2.82
C GLU A 111 -2.32 29.30 3.11
N GLU A 112 -2.70 29.70 4.32
CA GLU A 112 -4.09 30.00 4.71
C GLU A 112 -4.77 31.01 3.76
N ASP A 113 -4.03 32.05 3.38
CA ASP A 113 -4.46 33.09 2.43
C ASP A 113 -4.69 32.57 0.99
N LYS A 114 -3.97 31.50 0.60
CA LYS A 114 -4.05 30.87 -0.73
C LYS A 114 -5.10 29.77 -0.76
N VAL A 115 -4.99 28.79 0.15
CA VAL A 115 -5.85 27.59 0.21
C VAL A 115 -7.35 27.92 0.32
N LYS A 116 -7.70 29.05 0.97
CA LYS A 116 -9.09 29.53 1.06
C LYS A 116 -9.76 29.82 -0.30
N GLU A 117 -8.97 30.20 -1.31
CA GLU A 117 -9.42 30.43 -2.70
C GLU A 117 -9.39 29.17 -3.58
N LYS A 118 -8.82 28.06 -3.08
CA LYS A 118 -8.58 26.78 -3.78
C LYS A 118 -8.03 26.94 -5.22
N PRO A 119 -6.84 27.57 -5.40
CA PRO A 119 -6.20 27.77 -6.70
C PRO A 119 -5.75 26.44 -7.37
N GLY A 1 -16.91 -24.76 -8.46
CA GLY A 1 -16.01 -25.58 -9.30
C GLY A 1 -14.62 -24.96 -9.39
N SER A 2 -13.59 -25.79 -9.59
CA SER A 2 -12.15 -25.41 -9.62
C SER A 2 -11.71 -24.72 -10.94
N HIS A 3 -12.54 -23.81 -11.46
CA HIS A 3 -12.28 -22.94 -12.61
C HIS A 3 -12.45 -21.49 -12.17
N MET A 4 -13.66 -21.13 -11.72
CA MET A 4 -14.07 -19.89 -11.06
C MET A 4 -13.01 -19.20 -10.19
N PRO A 5 -12.28 -19.87 -9.27
CA PRO A 5 -11.30 -19.19 -8.45
C PRO A 5 -10.05 -18.78 -9.23
N GLU A 6 -9.65 -19.57 -10.23
CA GLU A 6 -8.60 -19.23 -11.21
C GLU A 6 -9.02 -18.02 -12.04
N LYS A 7 -10.30 -17.98 -12.46
CA LYS A 7 -10.92 -16.81 -13.12
C LYS A 7 -10.86 -15.57 -12.22
N LYS A 8 -11.27 -15.73 -10.96
CA LYS A 8 -11.32 -14.65 -9.98
C LYS A 8 -9.94 -14.10 -9.63
N VAL A 9 -8.89 -14.93 -9.52
CA VAL A 9 -7.53 -14.41 -9.32
C VAL A 9 -6.98 -13.69 -10.54
N ALA A 10 -7.28 -14.17 -11.75
CA ALA A 10 -6.86 -13.54 -13.02
C ALA A 10 -7.53 -12.16 -13.21
N GLU A 11 -8.81 -12.06 -12.88
CA GLU A 11 -9.51 -10.78 -12.78
C GLU A 11 -8.91 -9.86 -11.73
N ALA A 12 -8.70 -10.36 -10.50
CA ALA A 12 -8.01 -9.59 -9.47
C ALA A 12 -6.52 -9.32 -9.76
N GLU A 13 -5.93 -9.94 -10.77
CA GLU A 13 -4.53 -9.74 -11.18
C GLU A 13 -4.45 -8.49 -12.06
N LYS A 14 -5.49 -8.26 -12.86
CA LYS A 14 -5.71 -7.06 -13.67
C LYS A 14 -5.76 -5.81 -12.79
N LYS A 15 -6.39 -5.96 -11.63
CA LYS A 15 -6.37 -5.00 -10.53
C LYS A 15 -4.99 -4.85 -9.87
N VAL A 16 -4.35 -5.96 -9.51
CA VAL A 16 -2.98 -5.94 -8.92
C VAL A 16 -1.96 -5.26 -9.84
N GLU A 17 -2.28 -5.14 -11.14
CA GLU A 17 -1.43 -4.48 -12.14
C GLU A 17 -1.62 -2.95 -12.11
N GLU A 18 -2.85 -2.47 -11.94
CA GLU A 18 -3.13 -1.05 -11.63
C GLU A 18 -2.50 -0.65 -10.28
N ALA A 19 -2.61 -1.51 -9.27
CA ALA A 19 -1.94 -1.35 -7.96
C ALA A 19 -0.41 -1.23 -8.10
N LYS A 20 0.21 -2.11 -8.90
CA LYS A 20 1.63 -2.04 -9.28
C LYS A 20 1.97 -0.74 -10.03
N LYS A 21 1.15 -0.30 -10.99
CA LYS A 21 1.30 0.99 -11.70
C LYS A 21 1.33 2.16 -10.73
N LYS A 22 0.50 2.16 -9.67
CA LYS A 22 0.60 3.16 -8.61
C LYS A 22 1.90 3.06 -7.82
N ALA A 23 2.28 1.88 -7.33
CA ALA A 23 3.58 1.71 -6.66
C ALA A 23 4.79 2.13 -7.53
N GLU A 24 4.60 2.22 -8.86
CA GLU A 24 5.59 2.72 -9.82
C GLU A 24 5.64 4.25 -9.87
N ASP A 25 4.54 4.97 -9.60
CA ASP A 25 4.61 6.42 -9.37
C ASP A 25 5.36 6.76 -8.07
N GLN A 26 5.38 5.83 -7.11
CA GLN A 26 6.06 5.99 -5.83
C GLN A 26 7.55 5.61 -5.95
N LYS A 27 7.88 4.65 -6.80
CA LYS A 27 9.23 4.39 -7.33
C LYS A 27 9.81 5.61 -8.05
N GLU A 28 8.99 6.27 -8.87
CA GLU A 28 9.36 7.56 -9.46
C GLU A 28 9.67 8.65 -8.40
N GLU A 29 9.01 8.63 -7.23
CA GLU A 29 9.34 9.53 -6.12
C GLU A 29 10.77 9.32 -5.59
N ASP A 30 11.17 8.12 -5.15
CA ASP A 30 12.51 7.65 -4.86
C ASP A 30 13.55 8.19 -5.84
N ARG A 31 13.18 8.29 -7.11
CA ARG A 31 14.04 8.68 -8.22
C ARG A 31 14.17 10.18 -8.34
N ARG A 32 13.11 10.89 -7.96
CA ARG A 32 13.10 12.34 -7.83
C ARG A 32 13.70 12.86 -6.54
N ASN A 33 13.78 11.96 -5.58
CA ASN A 33 14.04 12.27 -4.19
C ASN A 33 15.40 11.73 -3.69
N TYR A 34 16.14 11.09 -4.56
CA TYR A 34 17.62 10.91 -4.59
C TYR A 34 18.44 12.19 -4.76
N PRO A 35 18.08 13.03 -5.74
CA PRO A 35 18.37 14.47 -5.79
C PRO A 35 18.44 15.15 -4.42
N THR A 36 17.48 14.80 -3.58
CA THR A 36 17.24 15.33 -2.24
C THR A 36 17.68 14.39 -1.10
N ASN A 37 17.83 13.10 -1.41
CA ASN A 37 18.07 11.94 -0.58
C ASN A 37 17.19 11.78 0.66
N THR A 38 15.90 11.97 0.39
CA THR A 38 14.80 11.34 1.14
C THR A 38 14.08 10.26 0.31
N TYR A 39 14.59 9.99 -0.91
CA TYR A 39 14.38 8.81 -1.76
C TYR A 39 13.71 7.55 -1.19
N LYS A 40 13.98 7.14 0.06
CA LYS A 40 13.43 5.93 0.67
C LYS A 40 11.93 6.02 0.91
N THR A 41 11.38 7.23 0.76
CA THR A 41 10.00 7.54 0.41
C THR A 41 9.02 6.53 0.97
N LEU A 42 8.75 6.68 2.25
CA LEU A 42 7.89 5.73 2.97
C LEU A 42 6.49 5.57 2.34
N GLU A 43 5.99 6.52 1.54
CA GLU A 43 4.78 6.32 0.72
C GLU A 43 4.92 5.36 -0.48
N LEU A 44 6.13 4.98 -0.90
CA LEU A 44 6.40 3.76 -1.66
C LEU A 44 6.19 2.53 -0.76
N GLU A 45 6.82 2.49 0.41
CA GLU A 45 6.75 1.35 1.33
C GLU A 45 5.34 1.05 1.86
N ILE A 46 4.57 2.10 2.20
CA ILE A 46 3.12 2.05 2.52
C ILE A 46 2.31 1.42 1.38
N ALA A 47 2.47 1.97 0.16
CA ALA A 47 1.79 1.46 -1.02
C ALA A 47 2.16 -0.01 -1.27
N GLU A 48 3.45 -0.36 -1.21
CA GLU A 48 3.94 -1.72 -1.43
C GLU A 48 3.34 -2.70 -0.41
N SER A 49 3.43 -2.41 0.89
CA SER A 49 2.91 -3.27 1.95
C SER A 49 1.38 -3.44 1.92
N ASP A 50 0.60 -2.37 1.69
CA ASP A 50 -0.84 -2.49 1.42
C ASP A 50 -1.17 -3.30 0.14
N VAL A 51 -0.45 -3.08 -0.97
CA VAL A 51 -0.67 -3.77 -2.25
C VAL A 51 -0.29 -5.25 -2.16
N GLU A 52 0.64 -5.60 -1.28
CA GLU A 52 0.92 -7.00 -0.97
C GLU A 52 -0.09 -7.65 0.00
N VAL A 53 -0.88 -6.88 0.77
CA VAL A 53 -2.07 -7.42 1.46
C VAL A 53 -3.11 -7.82 0.42
N LYS A 54 -3.21 -7.05 -0.67
CA LYS A 54 -4.09 -7.34 -1.80
C LYS A 54 -3.65 -8.63 -2.47
N LYS A 55 -2.36 -8.71 -2.79
CA LYS A 55 -1.70 -9.89 -3.34
C LYS A 55 -1.95 -11.15 -2.51
N ALA A 56 -1.77 -11.06 -1.20
CA ALA A 56 -1.96 -12.17 -0.28
C ALA A 56 -3.42 -12.64 -0.29
N GLU A 57 -4.38 -11.73 -0.25
CA GLU A 57 -5.80 -12.07 -0.40
C GLU A 57 -6.14 -12.76 -1.72
N LEU A 58 -5.49 -12.42 -2.85
CA LEU A 58 -5.70 -13.15 -4.10
C LEU A 58 -5.25 -14.63 -3.97
N GLU A 59 -4.19 -14.92 -3.21
CA GLU A 59 -3.80 -16.32 -2.96
C GLU A 59 -4.88 -17.08 -2.18
N LEU A 60 -5.55 -16.40 -1.23
CA LEU A 60 -6.67 -16.95 -0.50
C LEU A 60 -8.01 -16.98 -1.25
N VAL A 61 -8.21 -16.22 -2.35
CA VAL A 61 -9.32 -16.49 -3.30
C VAL A 61 -9.24 -17.93 -3.81
N LYS A 62 -8.03 -18.41 -4.13
CA LYS A 62 -7.80 -19.82 -4.48
C LYS A 62 -8.18 -20.74 -3.34
N GLU A 63 -7.57 -20.60 -2.15
CA GLU A 63 -7.77 -21.57 -1.08
C GLU A 63 -9.22 -21.61 -0.57
N GLU A 64 -9.94 -20.48 -0.58
CA GLU A 64 -11.34 -20.42 -0.16
C GLU A 64 -12.30 -21.13 -1.12
N ALA A 65 -11.88 -21.41 -2.35
CA ALA A 65 -12.59 -22.36 -3.22
C ALA A 65 -11.99 -23.77 -3.16
N LYS A 66 -10.67 -23.87 -3.24
CA LYS A 66 -9.91 -25.06 -3.64
C LYS A 66 -9.68 -26.14 -2.60
N GLU A 67 -9.45 -25.76 -1.33
CA GLU A 67 -8.83 -26.64 -0.32
C GLU A 67 -9.24 -28.06 0.05
N PRO A 68 -10.51 -28.40 0.00
CA PRO A 68 -11.61 -27.50 -0.14
C PRO A 68 -12.05 -26.82 1.12
N ARG A 69 -11.71 -25.52 1.14
CA ARG A 69 -12.53 -24.56 1.82
C ARG A 69 -12.71 -24.88 3.30
N ASN A 70 -11.76 -25.62 3.84
CA ASN A 70 -11.58 -25.74 5.26
C ASN A 70 -10.98 -24.42 5.77
N GLU A 71 -11.88 -23.46 5.82
CA GLU A 71 -11.78 -22.01 5.91
C GLU A 71 -10.99 -21.51 7.12
N GLU A 72 -10.69 -22.41 8.06
CA GLU A 72 -9.72 -22.20 9.11
C GLU A 72 -8.38 -21.69 8.55
N LYS A 73 -7.98 -22.15 7.35
CA LYS A 73 -6.67 -21.80 6.79
C LYS A 73 -6.62 -20.49 6.02
N VAL A 74 -7.70 -20.12 5.31
CA VAL A 74 -7.85 -18.79 4.70
C VAL A 74 -8.00 -17.70 5.77
N LYS A 75 -8.47 -18.07 6.98
CA LYS A 75 -8.67 -17.17 8.14
C LYS A 75 -7.52 -17.10 9.13
N GLN A 76 -6.76 -18.18 9.25
CA GLN A 76 -5.34 -18.06 9.62
C GLN A 76 -4.63 -17.04 8.71
N ALA A 77 -4.98 -16.95 7.42
CA ALA A 77 -4.25 -16.04 6.54
C ALA A 77 -4.79 -14.61 6.68
N LYS A 78 -6.06 -14.44 7.06
CA LYS A 78 -6.61 -13.15 7.48
C LYS A 78 -5.86 -12.57 8.66
N ALA A 79 -5.62 -13.36 9.72
CA ALA A 79 -4.82 -12.92 10.87
C ALA A 79 -3.41 -12.43 10.46
N GLU A 80 -2.83 -13.01 9.39
CA GLU A 80 -1.55 -12.56 8.85
C GLU A 80 -1.71 -11.26 8.07
N VAL A 81 -2.68 -11.15 7.14
CA VAL A 81 -2.84 -9.92 6.36
C VAL A 81 -3.33 -8.76 7.20
N GLU A 82 -4.03 -9.02 8.30
CA GLU A 82 -4.37 -8.02 9.32
C GLU A 82 -3.10 -7.46 10.00
N SER A 83 -2.08 -8.28 10.22
CA SER A 83 -0.80 -7.82 10.76
C SER A 83 -0.05 -6.98 9.73
N LYS A 84 0.00 -7.43 8.47
CA LYS A 84 0.64 -6.72 7.35
C LYS A 84 -0.04 -5.37 7.03
N LYS A 85 -1.37 -5.31 7.09
CA LYS A 85 -2.19 -4.09 6.98
C LYS A 85 -1.90 -3.10 8.11
N ALA A 86 -1.77 -3.59 9.34
CA ALA A 86 -1.47 -2.76 10.51
C ALA A 86 -0.06 -2.17 10.42
N GLU A 87 0.92 -2.98 10.01
CA GLU A 87 2.26 -2.56 9.60
C GLU A 87 2.21 -1.46 8.52
N ALA A 88 1.64 -1.74 7.34
CA ALA A 88 1.46 -0.78 6.24
C ALA A 88 0.90 0.58 6.69
N THR A 89 -0.14 0.56 7.51
CA THR A 89 -0.76 1.78 8.06
C THR A 89 0.04 2.41 9.22
N ARG A 90 0.92 1.65 9.91
CA ARG A 90 1.96 2.18 10.81
C ARG A 90 3.14 2.82 10.07
N LEU A 91 3.44 2.42 8.82
CA LEU A 91 4.34 3.18 7.95
C LEU A 91 3.72 4.54 7.61
N GLU A 92 2.40 4.65 7.52
CA GLU A 92 1.70 5.93 7.35
C GLU A 92 2.04 6.93 8.48
N LYS A 93 2.09 6.46 9.73
CA LYS A 93 2.59 7.22 10.88
C LYS A 93 4.10 7.52 10.78
N ILE A 94 4.89 6.68 10.11
CA ILE A 94 6.34 6.87 9.93
C ILE A 94 6.70 7.85 8.79
N LYS A 95 5.97 7.89 7.67
CA LYS A 95 6.13 8.98 6.68
C LYS A 95 5.94 10.36 7.31
N THR A 96 4.98 10.52 8.23
CA THR A 96 4.72 11.80 8.92
C THR A 96 5.75 12.11 10.01
N ASP A 97 6.39 11.10 10.60
CA ASP A 97 7.44 11.26 11.63
C ASP A 97 8.74 11.72 10.96
N ARG A 98 9.09 11.09 9.83
CA ARG A 98 10.12 11.56 8.90
C ARG A 98 9.87 13.01 8.48
N LYS A 99 8.64 13.38 8.07
CA LYS A 99 8.29 14.76 7.69
C LYS A 99 8.45 15.75 8.86
N LYS A 100 8.00 15.40 10.07
CA LYS A 100 8.16 16.20 11.30
C LYS A 100 9.64 16.50 11.61
N ALA A 101 10.50 15.49 11.44
CA ALA A 101 11.95 15.59 11.65
C ALA A 101 12.69 16.62 10.76
N GLU A 102 12.07 17.14 9.68
CA GLU A 102 12.60 18.26 8.90
C GLU A 102 12.75 19.57 9.73
N GLU A 103 11.86 19.79 10.71
CA GLU A 103 11.78 20.98 11.57
C GLU A 103 11.96 22.31 10.78
N GLU A 104 11.13 22.49 9.74
CA GLU A 104 11.32 23.50 8.68
C GLU A 104 11.25 24.95 9.18
N ALA A 105 10.28 25.27 10.04
CA ALA A 105 10.00 26.59 10.62
C ALA A 105 9.92 27.76 9.60
N LYS A 106 9.56 27.47 8.33
CA LYS A 106 9.43 28.44 7.23
C LYS A 106 8.33 29.47 7.49
N ARG A 107 8.49 30.69 6.96
CA ARG A 107 7.50 31.78 7.04
C ARG A 107 6.38 31.59 6.02
N LYS A 108 5.58 30.54 6.22
CA LYS A 108 4.40 30.17 5.42
C LYS A 108 3.38 31.30 5.21
N ALA A 109 3.40 32.36 6.02
CA ALA A 109 2.58 33.56 5.84
C ALA A 109 2.82 34.26 4.49
N ALA A 110 4.00 34.08 3.87
CA ALA A 110 4.35 34.63 2.56
C ALA A 110 3.75 33.85 1.36
N GLU A 111 3.17 32.66 1.60
CA GLU A 111 2.70 31.74 0.55
C GLU A 111 1.29 31.17 0.78
N GLU A 112 0.75 31.28 2.01
CA GLU A 112 -0.53 30.70 2.46
C GLU A 112 -1.72 30.93 1.52
N ASP A 113 -1.76 32.07 0.83
CA ASP A 113 -2.87 32.56 0.00
C ASP A 113 -3.37 31.57 -1.06
N LYS A 114 -2.49 30.69 -1.57
CA LYS A 114 -2.84 29.61 -2.52
C LYS A 114 -3.78 28.55 -1.94
N VAL A 115 -3.79 28.36 -0.61
CA VAL A 115 -4.59 27.31 0.07
C VAL A 115 -6.09 27.37 -0.24
N LYS A 116 -6.65 28.56 -0.49
CA LYS A 116 -8.08 28.73 -0.80
C LYS A 116 -8.49 28.12 -2.15
N GLU A 117 -7.55 27.97 -3.08
CA GLU A 117 -7.78 27.41 -4.42
C GLU A 117 -7.73 25.87 -4.45
N LYS A 118 -7.08 25.24 -3.46
CA LYS A 118 -6.94 23.78 -3.34
C LYS A 118 -8.29 23.08 -3.02
N PRO A 119 -8.49 21.81 -3.42
CA PRO A 119 -9.65 20.98 -3.06
C PRO A 119 -9.97 20.95 -1.55
N GLY A 1 -16.04 -24.95 -8.49
CA GLY A 1 -14.77 -25.53 -8.95
C GLY A 1 -13.70 -24.47 -9.18
N SER A 2 -12.45 -24.88 -9.44
CA SER A 2 -11.27 -24.03 -9.63
C SER A 2 -11.23 -23.34 -11.02
N HIS A 3 -12.33 -22.72 -11.44
CA HIS A 3 -12.48 -21.94 -12.70
C HIS A 3 -13.35 -20.70 -12.47
N MET A 4 -13.19 -20.16 -11.27
CA MET A 4 -13.86 -19.02 -10.66
C MET A 4 -12.87 -18.37 -9.67
N PRO A 5 -12.29 -19.09 -8.68
CA PRO A 5 -11.27 -18.49 -7.81
C PRO A 5 -9.97 -18.23 -8.56
N GLU A 6 -9.65 -19.07 -9.55
CA GLU A 6 -8.44 -18.95 -10.38
C GLU A 6 -8.61 -17.75 -11.32
N LYS A 7 -9.81 -17.65 -11.88
CA LYS A 7 -10.29 -16.51 -12.67
C LYS A 7 -10.20 -15.20 -11.90
N LYS A 8 -10.71 -15.19 -10.66
CA LYS A 8 -10.68 -14.04 -9.76
C LYS A 8 -9.27 -13.61 -9.37
N VAL A 9 -8.36 -14.53 -9.02
CA VAL A 9 -6.99 -14.14 -8.65
C VAL A 9 -6.19 -13.60 -9.82
N ALA A 10 -6.38 -14.18 -11.01
CA ALA A 10 -5.67 -13.80 -12.23
C ALA A 10 -6.06 -12.37 -12.63
N GLU A 11 -7.36 -12.09 -12.63
CA GLU A 11 -7.90 -10.73 -12.73
C GLU A 11 -7.39 -9.80 -11.62
N ALA A 12 -7.52 -10.17 -10.35
CA ALA A 12 -7.11 -9.32 -9.23
C ALA A 12 -5.58 -9.08 -9.16
N GLU A 13 -4.79 -9.87 -9.88
CA GLU A 13 -3.33 -9.79 -9.86
C GLU A 13 -2.87 -8.68 -10.80
N LYS A 14 -3.57 -8.57 -11.93
CA LYS A 14 -3.45 -7.53 -12.96
C LYS A 14 -3.55 -6.13 -12.33
N LYS A 15 -4.51 -6.02 -11.40
CA LYS A 15 -4.71 -4.88 -10.51
C LYS A 15 -3.58 -4.72 -9.50
N VAL A 16 -3.25 -5.77 -8.75
CA VAL A 16 -2.21 -5.72 -7.70
C VAL A 16 -0.81 -5.40 -8.29
N GLU A 17 -0.68 -5.49 -9.61
CA GLU A 17 0.53 -5.13 -10.37
C GLU A 17 0.56 -3.64 -10.72
N GLU A 18 -0.59 -3.04 -11.05
CA GLU A 18 -0.75 -1.57 -11.08
C GLU A 18 -0.44 -0.97 -9.70
N ALA A 19 -0.97 -1.60 -8.63
CA ALA A 19 -0.65 -1.28 -7.24
C ALA A 19 0.87 -1.35 -6.96
N LYS A 20 1.55 -2.43 -7.36
CA LYS A 20 3.01 -2.59 -7.25
C LYS A 20 3.76 -1.50 -8.02
N LYS A 21 3.40 -1.24 -9.28
CA LYS A 21 3.99 -0.20 -10.13
C LYS A 21 3.84 1.23 -9.56
N LYS A 22 2.77 1.52 -8.81
CA LYS A 22 2.68 2.75 -8.01
C LYS A 22 3.71 2.82 -6.88
N ALA A 23 3.98 1.73 -6.17
CA ALA A 23 5.11 1.71 -5.24
C ALA A 23 6.47 1.88 -5.95
N GLU A 24 6.62 1.41 -7.19
CA GLU A 24 7.81 1.69 -8.00
C GLU A 24 7.94 3.17 -8.41
N ASP A 25 6.83 3.91 -8.47
CA ASP A 25 6.83 5.37 -8.61
C ASP A 25 7.47 6.08 -7.41
N GLN A 26 7.37 5.46 -6.22
CA GLN A 26 8.04 5.94 -5.01
C GLN A 26 9.46 5.36 -4.83
N LYS A 27 9.76 4.22 -5.45
CA LYS A 27 11.13 3.74 -5.70
C LYS A 27 11.91 4.71 -6.58
N GLU A 28 11.22 5.27 -7.57
CA GLU A 28 11.74 6.41 -8.35
C GLU A 28 12.05 7.64 -7.48
N GLU A 29 11.27 7.88 -6.42
CA GLU A 29 11.67 8.84 -5.37
C GLU A 29 13.01 8.44 -4.70
N ASP A 30 13.13 7.33 -3.97
CA ASP A 30 14.35 6.77 -3.37
C ASP A 30 15.67 7.08 -4.08
N ARG A 31 15.80 6.81 -5.39
CA ARG A 31 17.07 6.91 -6.12
C ARG A 31 17.37 8.36 -6.49
N ARG A 32 16.31 9.17 -6.62
CA ARG A 32 16.39 10.63 -6.76
C ARG A 32 16.48 11.40 -5.46
N ASN A 33 16.05 10.77 -4.39
CA ASN A 33 15.90 11.38 -3.07
C ASN A 33 17.06 11.07 -2.11
N TYR A 34 18.02 10.28 -2.56
CA TYR A 34 19.44 10.12 -2.13
C TYR A 34 20.34 11.34 -2.27
N PRO A 35 20.34 12.00 -3.43
CA PRO A 35 20.69 13.40 -3.65
C PRO A 35 20.38 14.33 -2.48
N THR A 36 19.20 14.11 -1.90
CA THR A 36 18.62 14.84 -0.77
C THR A 36 18.73 14.09 0.57
N ASN A 37 18.93 12.78 0.52
CA ASN A 37 18.91 11.76 1.56
C ASN A 37 17.73 11.81 2.53
N THR A 38 16.56 11.97 1.93
CA THR A 38 15.29 11.46 2.45
C THR A 38 14.74 10.30 1.60
N TYR A 39 15.53 9.84 0.62
CA TYR A 39 15.51 8.52 -0.07
C TYR A 39 14.64 7.38 0.52
N LYS A 40 14.60 7.18 1.85
CA LYS A 40 13.89 6.10 2.51
C LYS A 40 12.37 6.23 2.37
N THR A 41 11.93 7.42 1.93
CA THR A 41 10.67 7.70 1.23
C THR A 41 9.53 6.78 1.70
N LEU A 42 9.04 7.10 2.89
CA LEU A 42 8.10 6.23 3.60
C LEU A 42 6.86 5.90 2.77
N GLU A 43 6.44 6.75 1.83
CA GLU A 43 5.39 6.46 0.84
C GLU A 43 5.71 5.35 -0.20
N LEU A 44 6.98 4.98 -0.42
CA LEU A 44 7.36 3.70 -1.01
C LEU A 44 6.93 2.57 -0.07
N GLU A 45 7.43 2.60 1.16
CA GLU A 45 7.27 1.51 2.14
C GLU A 45 5.80 1.28 2.56
N ILE A 46 5.03 2.36 2.75
CA ILE A 46 3.56 2.40 2.91
C ILE A 46 2.86 1.69 1.76
N ALA A 47 3.10 2.15 0.52
CA ALA A 47 2.46 1.59 -0.65
C ALA A 47 2.82 0.11 -0.81
N GLU A 48 4.10 -0.23 -0.66
CA GLU A 48 4.58 -1.60 -0.79
C GLU A 48 3.96 -2.54 0.27
N SER A 49 3.90 -2.11 1.54
CA SER A 49 3.32 -2.88 2.64
C SER A 49 1.82 -3.12 2.46
N ASP A 50 1.02 -2.08 2.14
CA ASP A 50 -0.39 -2.24 1.76
C ASP A 50 -0.58 -3.16 0.51
N VAL A 51 0.27 -3.03 -0.50
CA VAL A 51 0.20 -3.83 -1.75
C VAL A 51 0.54 -5.30 -1.50
N GLU A 52 1.45 -5.59 -0.58
CA GLU A 52 1.73 -6.95 -0.12
C GLU A 52 0.61 -7.56 0.74
N VAL A 53 -0.26 -6.76 1.36
CA VAL A 53 -1.48 -7.26 2.02
C VAL A 53 -2.50 -7.68 0.97
N LYS A 54 -2.52 -6.92 -0.13
CA LYS A 54 -3.28 -7.21 -1.35
C LYS A 54 -2.84 -8.53 -1.96
N LYS A 55 -1.54 -8.69 -2.19
CA LYS A 55 -0.89 -9.93 -2.65
C LYS A 55 -1.33 -11.17 -1.85
N ALA A 56 -1.39 -11.01 -0.53
CA ALA A 56 -1.75 -12.06 0.42
C ALA A 56 -3.25 -12.40 0.36
N GLU A 57 -4.13 -11.40 0.23
CA GLU A 57 -5.56 -11.64 0.12
C GLU A 57 -5.92 -12.35 -1.19
N LEU A 58 -5.23 -12.09 -2.31
CA LEU A 58 -5.46 -12.80 -3.57
C LEU A 58 -5.19 -14.31 -3.42
N GLU A 59 -4.05 -14.74 -2.88
CA GLU A 59 -3.76 -16.16 -2.71
C GLU A 59 -4.76 -16.85 -1.76
N LEU A 60 -5.36 -16.13 -0.82
CA LEU A 60 -6.49 -16.61 -0.04
C LEU A 60 -7.82 -16.74 -0.80
N VAL A 61 -8.09 -15.96 -1.86
CA VAL A 61 -9.25 -16.22 -2.75
C VAL A 61 -9.17 -17.64 -3.33
N LYS A 62 -7.96 -18.12 -3.63
CA LYS A 62 -7.73 -19.54 -3.96
C LYS A 62 -8.08 -20.47 -2.80
N GLU A 63 -7.53 -20.24 -1.60
CA GLU A 63 -7.62 -21.21 -0.53
C GLU A 63 -9.05 -21.34 -0.02
N GLU A 64 -9.82 -20.26 0.02
CA GLU A 64 -11.23 -20.31 0.43
C GLU A 64 -12.08 -21.19 -0.49
N ALA A 65 -12.04 -21.00 -1.82
CA ALA A 65 -12.92 -21.76 -2.73
C ALA A 65 -12.70 -23.29 -2.64
N LYS A 66 -11.43 -23.68 -2.55
CA LYS A 66 -10.96 -25.04 -2.22
C LYS A 66 -11.53 -25.63 -0.91
N GLU A 67 -11.74 -24.81 0.11
CA GLU A 67 -11.74 -25.20 1.53
C GLU A 67 -12.41 -26.40 2.16
N PRO A 68 -13.64 -26.71 1.84
CA PRO A 68 -14.50 -26.01 0.94
C PRO A 68 -15.37 -24.91 1.50
N ARG A 69 -14.85 -23.73 1.20
CA ARG A 69 -15.47 -22.45 1.38
C ARG A 69 -16.34 -22.34 2.64
N ASN A 70 -15.76 -22.79 3.75
CA ASN A 70 -16.25 -22.47 5.08
C ASN A 70 -15.89 -21.06 5.52
N GLU A 71 -14.96 -20.42 4.80
CA GLU A 71 -14.73 -18.98 4.81
C GLU A 71 -14.01 -18.45 6.07
N GLU A 72 -14.04 -19.16 7.19
CA GLU A 72 -13.28 -18.84 8.39
C GLU A 72 -11.77 -18.74 8.11
N LYS A 73 -11.25 -19.53 7.16
CA LYS A 73 -9.79 -19.64 6.93
C LYS A 73 -9.17 -18.49 6.12
N VAL A 74 -9.87 -17.92 5.14
CA VAL A 74 -9.48 -16.61 4.56
C VAL A 74 -9.47 -15.52 5.64
N LYS A 75 -10.38 -15.58 6.64
CA LYS A 75 -10.53 -14.56 7.70
C LYS A 75 -9.59 -14.69 8.89
N GLN A 76 -9.14 -15.91 9.18
CA GLN A 76 -7.87 -16.13 9.87
C GLN A 76 -6.73 -15.38 9.18
N ALA A 77 -6.69 -15.35 7.83
CA ALA A 77 -5.59 -14.65 7.17
C ALA A 77 -5.81 -13.14 7.27
N LYS A 78 -7.07 -12.70 7.12
CA LYS A 78 -7.47 -11.29 7.22
C LYS A 78 -7.08 -10.67 8.55
N ALA A 79 -7.25 -11.38 9.67
CA ALA A 79 -6.77 -10.94 10.98
C ALA A 79 -5.26 -10.65 11.01
N GLU A 80 -4.46 -11.50 10.35
CA GLU A 80 -2.99 -11.32 10.28
C GLU A 80 -2.63 -10.17 9.35
N VAL A 81 -3.23 -10.11 8.15
CA VAL A 81 -2.90 -9.08 7.16
C VAL A 81 -3.51 -7.71 7.49
N GLU A 82 -4.56 -7.66 8.32
CA GLU A 82 -5.04 -6.42 8.96
C GLU A 82 -3.97 -5.83 9.89
N SER A 83 -3.24 -6.66 10.64
CA SER A 83 -2.14 -6.19 11.49
C SER A 83 -0.99 -5.63 10.63
N LYS A 84 -0.66 -6.30 9.52
CA LYS A 84 0.30 -5.81 8.51
C LYS A 84 -0.14 -4.50 7.85
N LYS A 85 -1.43 -4.35 7.51
CA LYS A 85 -2.01 -3.11 6.99
C LYS A 85 -1.96 -1.96 8.00
N ALA A 86 -2.26 -2.23 9.27
CA ALA A 86 -2.13 -1.25 10.35
C ALA A 86 -0.68 -0.79 10.50
N GLU A 87 0.29 -1.69 10.34
CA GLU A 87 1.72 -1.39 10.26
C GLU A 87 2.09 -0.51 9.05
N ALA A 88 1.59 -0.80 7.85
CA ALA A 88 1.74 0.06 6.67
C ALA A 88 1.17 1.46 6.93
N THR A 89 -0.02 1.54 7.51
CA THR A 89 -0.68 2.80 7.89
C THR A 89 0.05 3.53 9.04
N ARG A 90 0.80 2.83 9.91
CA ARG A 90 1.73 3.43 10.88
C ARG A 90 2.93 4.11 10.22
N LEU A 91 3.38 3.67 9.04
CA LEU A 91 4.40 4.39 8.28
C LEU A 91 3.84 5.72 7.74
N GLU A 92 2.54 5.74 7.43
CA GLU A 92 1.80 6.96 7.09
C GLU A 92 1.92 8.01 8.21
N LYS A 93 1.96 7.54 9.46
CA LYS A 93 2.23 8.38 10.63
C LYS A 93 3.66 8.91 10.68
N ILE A 94 4.64 8.18 10.12
CA ILE A 94 6.05 8.63 10.02
C ILE A 94 6.22 9.80 9.06
N LYS A 95 5.79 9.66 7.80
CA LYS A 95 5.90 10.78 6.83
C LYS A 95 5.15 12.04 7.28
N THR A 96 4.12 11.88 8.11
CA THR A 96 3.38 13.03 8.67
C THR A 96 4.06 13.60 9.92
N ASP A 97 4.64 12.75 10.77
CA ASP A 97 5.44 13.18 11.93
C ASP A 97 6.71 13.94 11.50
N ARG A 98 7.41 13.44 10.47
CA ARG A 98 8.53 14.12 9.80
C ARG A 98 8.19 15.56 9.41
N LYS A 99 7.11 15.77 8.67
CA LYS A 99 6.63 17.10 8.28
C LYS A 99 6.35 18.00 9.49
N LYS A 100 5.66 17.50 10.52
CA LYS A 100 5.38 18.26 11.75
C LYS A 100 6.66 18.64 12.52
N ALA A 101 7.60 17.71 12.66
CA ALA A 101 8.88 17.91 13.34
C ALA A 101 9.79 18.92 12.62
N GLU A 102 9.91 18.82 11.29
CA GLU A 102 10.62 19.78 10.44
C GLU A 102 9.93 21.16 10.42
N GLU A 103 8.60 21.18 10.57
CA GLU A 103 7.67 22.30 10.79
C GLU A 103 7.53 23.26 9.58
N GLU A 104 8.62 23.62 8.92
CA GLU A 104 8.63 24.40 7.67
C GLU A 104 8.07 23.62 6.47
N ALA A 105 8.04 22.28 6.56
CA ALA A 105 7.69 21.35 5.48
C ALA A 105 6.25 21.46 4.95
N LYS A 106 5.37 22.19 5.64
CA LYS A 106 4.01 22.59 5.19
C LYS A 106 4.04 23.64 4.06
N ARG A 107 4.81 23.36 3.00
CA ARG A 107 5.07 24.21 1.82
C ARG A 107 3.87 24.25 0.86
N LYS A 108 2.82 24.88 1.36
CA LYS A 108 1.57 25.26 0.66
C LYS A 108 1.77 26.18 -0.57
N ALA A 109 2.96 26.75 -0.74
CA ALA A 109 3.38 27.68 -1.81
C ALA A 109 2.49 28.94 -2.02
N ALA A 110 1.52 29.18 -1.14
CA ALA A 110 0.49 30.23 -1.20
C ALA A 110 -0.19 30.33 -2.60
N GLU A 111 -0.42 29.18 -3.25
CA GLU A 111 -0.68 29.09 -4.69
C GLU A 111 -2.17 28.84 -5.06
N GLU A 112 -3.09 29.15 -4.14
CA GLU A 112 -4.55 28.87 -4.17
C GLU A 112 -4.91 27.36 -4.08
N ASP A 113 -4.09 26.49 -4.65
CA ASP A 113 -4.08 25.04 -4.38
C ASP A 113 -3.61 24.71 -2.93
N LYS A 114 -3.19 25.73 -2.16
CA LYS A 114 -2.73 25.71 -0.75
C LYS A 114 -3.55 24.85 0.21
N VAL A 115 -4.83 24.61 -0.09
CA VAL A 115 -5.69 23.60 0.57
C VAL A 115 -5.05 22.19 0.65
N LYS A 116 -4.06 21.89 -0.20
CA LYS A 116 -3.19 20.69 -0.15
C LYS A 116 -2.51 20.46 1.21
N GLU A 117 -2.17 21.53 1.94
CA GLU A 117 -1.63 21.48 3.31
C GLU A 117 -2.69 21.81 4.39
N LYS A 118 -3.92 22.12 3.98
CA LYS A 118 -5.05 22.57 4.81
C LYS A 118 -4.68 23.61 5.90
N PRO A 119 -4.21 24.81 5.50
CA PRO A 119 -3.84 25.90 6.40
C PRO A 119 -5.04 26.48 7.17
N GLY A 1 -15.65 -23.87 -3.44
CA GLY A 1 -14.24 -24.09 -3.82
C GLY A 1 -14.03 -25.49 -4.36
N SER A 2 -12.89 -26.12 -4.00
CA SER A 2 -12.55 -27.54 -4.26
C SER A 2 -12.93 -28.05 -5.67
N HIS A 3 -12.28 -27.48 -6.70
CA HIS A 3 -12.35 -27.86 -8.11
C HIS A 3 -10.92 -27.95 -8.61
N MET A 4 -10.30 -26.77 -8.74
CA MET A 4 -8.90 -26.48 -8.72
C MET A 4 -8.89 -24.97 -8.39
N PRO A 5 -8.50 -24.54 -7.19
CA PRO A 5 -8.39 -23.12 -6.80
C PRO A 5 -7.53 -22.25 -7.74
N GLU A 6 -6.86 -22.85 -8.72
CA GLU A 6 -6.30 -22.21 -9.91
C GLU A 6 -7.32 -21.29 -10.60
N LYS A 7 -8.58 -21.74 -10.68
CA LYS A 7 -9.74 -20.98 -11.15
C LYS A 7 -10.00 -19.75 -10.31
N LYS A 8 -10.01 -19.90 -8.99
CA LYS A 8 -10.26 -18.82 -8.05
C LYS A 8 -9.13 -17.80 -8.01
N VAL A 9 -7.87 -18.24 -8.09
CA VAL A 9 -6.74 -17.30 -8.18
C VAL A 9 -6.69 -16.59 -9.52
N ALA A 10 -7.11 -17.22 -10.63
CA ALA A 10 -7.18 -16.60 -11.96
C ALA A 10 -8.20 -15.46 -12.01
N GLU A 11 -9.39 -15.65 -11.44
CA GLU A 11 -10.36 -14.56 -11.24
C GLU A 11 -9.81 -13.47 -10.32
N ALA A 12 -9.21 -13.84 -9.19
CA ALA A 12 -8.56 -12.86 -8.32
C ALA A 12 -7.31 -12.20 -8.95
N GLU A 13 -6.72 -12.79 -10.00
CA GLU A 13 -5.56 -12.26 -10.72
C GLU A 13 -6.01 -11.11 -11.61
N LYS A 14 -7.21 -11.26 -12.17
CA LYS A 14 -7.91 -10.22 -12.93
C LYS A 14 -8.13 -8.96 -12.10
N LYS A 15 -8.33 -9.17 -10.81
CA LYS A 15 -8.55 -8.14 -9.81
C LYS A 15 -7.25 -7.48 -9.36
N VAL A 16 -6.22 -8.26 -9.03
CA VAL A 16 -4.93 -7.64 -8.64
C VAL A 16 -4.32 -6.80 -9.76
N GLU A 17 -4.74 -7.07 -10.99
CA GLU A 17 -4.35 -6.32 -12.19
C GLU A 17 -5.01 -4.94 -12.24
N GLU A 18 -6.31 -4.85 -11.96
CA GLU A 18 -7.01 -3.57 -11.75
C GLU A 18 -6.39 -2.77 -10.59
N ALA A 19 -6.08 -3.43 -9.47
CA ALA A 19 -5.35 -2.83 -8.35
C ALA A 19 -3.96 -2.29 -8.76
N LYS A 20 -3.17 -3.09 -9.50
CA LYS A 20 -1.85 -2.72 -10.05
C LYS A 20 -1.93 -1.52 -10.98
N LYS A 21 -2.91 -1.47 -11.90
CA LYS A 21 -3.09 -0.35 -12.85
C LYS A 21 -3.21 1.02 -12.15
N LYS A 22 -3.99 1.14 -11.08
CA LYS A 22 -4.00 2.36 -10.25
C LYS A 22 -2.69 2.61 -9.51
N ALA A 23 -2.10 1.60 -8.87
CA ALA A 23 -0.77 1.74 -8.29
C ALA A 23 0.29 2.20 -9.32
N GLU A 24 0.09 1.91 -10.61
CA GLU A 24 0.97 2.33 -11.71
C GLU A 24 0.79 3.81 -12.09
N ASP A 25 -0.38 4.42 -11.84
CA ASP A 25 -0.52 5.88 -11.93
C ASP A 25 0.30 6.59 -10.84
N GLN A 26 0.45 5.94 -9.68
CA GLN A 26 1.21 6.46 -8.55
C GLN A 26 2.71 6.12 -8.69
N LYS A 27 3.03 5.02 -9.39
CA LYS A 27 4.38 4.72 -9.90
C LYS A 27 4.87 5.71 -10.94
N GLU A 28 3.96 6.16 -11.80
CA GLU A 28 4.23 7.28 -12.72
C GLU A 28 4.83 8.45 -11.94
N GLU A 29 4.27 8.83 -10.78
CA GLU A 29 4.98 9.76 -9.88
C GLU A 29 6.39 9.27 -9.47
N ASP A 30 6.57 8.08 -8.93
CA ASP A 30 7.85 7.46 -8.59
C ASP A 30 8.74 7.06 -9.81
N ARG A 31 8.53 7.66 -10.97
CA ARG A 31 9.51 7.77 -12.08
C ARG A 31 9.55 9.14 -12.77
N ARG A 32 8.52 10.00 -12.57
CA ARG A 32 8.40 11.34 -13.16
C ARG A 32 8.56 12.49 -12.18
N ASN A 33 8.36 12.18 -10.92
CA ASN A 33 8.51 13.10 -9.80
C ASN A 33 9.88 12.94 -9.11
N TYR A 34 10.72 12.06 -9.65
CA TYR A 34 12.20 11.92 -9.62
C TYR A 34 13.03 13.09 -10.20
N PRO A 35 12.73 13.51 -11.44
CA PRO A 35 12.96 14.84 -11.98
C PRO A 35 12.96 15.97 -10.96
N THR A 36 11.98 15.89 -10.07
CA THR A 36 11.67 16.82 -8.99
C THR A 36 12.12 16.33 -7.60
N ASN A 37 12.32 15.01 -7.47
CA ASN A 37 12.57 14.22 -6.26
C ASN A 37 11.68 14.55 -5.06
N THR A 38 10.39 14.51 -5.38
CA THR A 38 9.32 14.15 -4.45
C THR A 38 8.73 12.76 -4.73
N TYR A 39 9.10 12.13 -5.86
CA TYR A 39 8.98 10.70 -6.22
C TYR A 39 8.39 9.67 -5.23
N LYS A 40 8.82 9.62 -3.96
CA LYS A 40 8.55 8.57 -2.98
C LYS A 40 7.08 8.56 -2.57
N THR A 41 6.42 9.70 -2.80
CA THR A 41 4.97 9.91 -2.89
C THR A 41 4.17 8.86 -2.14
N LEU A 42 4.07 9.04 -0.83
CA LEU A 42 3.63 7.97 0.09
C LEU A 42 2.31 7.26 -0.33
N GLU A 43 1.39 7.90 -1.05
CA GLU A 43 0.23 7.25 -1.69
C GLU A 43 0.55 6.18 -2.76
N LEU A 44 1.69 6.25 -3.44
CA LEU A 44 2.29 5.09 -4.12
C LEU A 44 2.65 4.01 -3.12
N GLU A 45 3.47 4.30 -2.11
CA GLU A 45 4.01 3.28 -1.21
C GLU A 45 2.90 2.56 -0.39
N ILE A 46 1.88 3.29 0.03
CA ILE A 46 0.59 2.83 0.58
C ILE A 46 -0.08 1.82 -0.35
N ALA A 47 -0.35 2.23 -1.59
CA ALA A 47 -1.00 1.38 -2.58
C ALA A 47 -0.14 0.14 -2.87
N GLU A 48 1.15 0.33 -3.12
CA GLU A 48 2.10 -0.74 -3.46
C GLU A 48 2.19 -1.79 -2.33
N SER A 49 2.19 -1.35 -1.07
CA SER A 49 2.06 -2.24 0.08
C SER A 49 0.71 -2.96 0.06
N ASP A 50 -0.43 -2.25 0.09
CA ASP A 50 -1.77 -2.83 0.09
C ASP A 50 -2.03 -3.84 -1.06
N VAL A 51 -1.65 -3.55 -2.30
CA VAL A 51 -1.89 -4.44 -3.47
C VAL A 51 -1.10 -5.74 -3.39
N GLU A 52 0.03 -5.74 -2.67
CA GLU A 52 0.76 -6.96 -2.33
C GLU A 52 0.24 -7.67 -1.08
N VAL A 53 -0.54 -7.03 -0.21
CA VAL A 53 -1.33 -7.74 0.80
C VAL A 53 -2.43 -8.56 0.12
N LYS A 54 -2.98 -8.02 -0.98
CA LYS A 54 -3.96 -8.68 -1.84
C LYS A 54 -3.33 -9.92 -2.46
N LYS A 55 -2.14 -9.74 -3.04
CA LYS A 55 -1.31 -10.82 -3.58
C LYS A 55 -1.07 -11.96 -2.58
N ALA A 56 -0.75 -11.62 -1.34
CA ALA A 56 -0.56 -12.59 -0.26
C ALA A 56 -1.85 -13.40 0.01
N GLU A 57 -3.00 -12.72 0.08
CA GLU A 57 -4.29 -13.40 0.20
C GLU A 57 -4.64 -14.31 -0.98
N LEU A 58 -4.24 -13.98 -2.21
CA LEU A 58 -4.46 -14.87 -3.36
C LEU A 58 -3.66 -16.19 -3.20
N GLU A 59 -2.49 -16.16 -2.59
CA GLU A 59 -1.76 -17.39 -2.26
C GLU A 59 -2.56 -18.26 -1.27
N LEU A 60 -3.23 -17.64 -0.30
CA LEU A 60 -4.12 -18.33 0.62
C LEU A 60 -5.46 -18.80 0.02
N VAL A 61 -5.97 -18.20 -1.06
CA VAL A 61 -7.09 -18.79 -1.84
C VAL A 61 -6.75 -20.21 -2.28
N LYS A 62 -5.49 -20.47 -2.65
CA LYS A 62 -4.97 -21.83 -2.92
C LYS A 62 -4.86 -22.68 -1.67
N GLU A 63 -4.24 -22.18 -0.59
CA GLU A 63 -3.95 -23.02 0.56
C GLU A 63 -5.22 -23.44 1.29
N GLU A 64 -6.22 -22.57 1.35
CA GLU A 64 -7.50 -22.90 2.00
C GLU A 64 -8.27 -23.97 1.24
N ALA A 65 -8.47 -23.81 -0.07
CA ALA A 65 -9.34 -24.70 -0.85
C ALA A 65 -8.84 -26.16 -0.87
N LYS A 66 -7.51 -26.33 -0.78
CA LYS A 66 -6.80 -27.59 -0.62
C LYS A 66 -6.86 -28.21 0.79
N GLU A 67 -7.10 -27.42 1.84
CA GLU A 67 -6.69 -27.72 3.23
C GLU A 67 -7.13 -28.89 4.11
N PRO A 68 -8.28 -29.50 3.92
CA PRO A 68 -9.36 -29.14 3.05
C PRO A 68 -10.35 -28.19 3.65
N ARG A 69 -9.99 -26.94 3.45
CA ARG A 69 -10.69 -25.79 3.93
C ARG A 69 -11.21 -25.96 5.36
N ASN A 70 -10.25 -26.34 6.19
CA ASN A 70 -10.35 -26.42 7.63
C ASN A 70 -10.14 -25.07 8.35
N GLU A 71 -9.83 -24.02 7.58
CA GLU A 71 -9.84 -22.63 7.97
C GLU A 71 -8.69 -22.22 8.93
N GLU A 72 -7.77 -23.11 9.25
CA GLU A 72 -6.63 -22.87 10.14
C GLU A 72 -5.50 -22.15 9.39
N LYS A 73 -5.16 -22.68 8.22
CA LYS A 73 -3.96 -22.29 7.48
C LYS A 73 -4.07 -20.88 6.92
N VAL A 74 -5.23 -20.57 6.33
CA VAL A 74 -5.62 -19.22 5.92
C VAL A 74 -5.66 -18.26 7.12
N LYS A 75 -6.18 -18.68 8.30
CA LYS A 75 -6.27 -17.84 9.52
C LYS A 75 -4.94 -17.36 10.07
N GLN A 76 -3.96 -18.25 10.16
CA GLN A 76 -2.58 -17.93 10.49
C GLN A 76 -2.02 -16.82 9.58
N ALA A 77 -2.32 -16.94 8.29
CA ALA A 77 -1.88 -15.95 7.32
C ALA A 77 -2.72 -14.67 7.43
N LYS A 78 -4.00 -14.75 7.82
CA LYS A 78 -4.88 -13.60 8.03
C LYS A 78 -4.37 -12.67 9.13
N ALA A 79 -3.90 -13.23 10.24
CA ALA A 79 -3.20 -12.47 11.28
C ALA A 79 -1.95 -11.75 10.73
N GLU A 80 -1.24 -12.37 9.79
CA GLU A 80 -0.07 -11.77 9.12
C GLU A 80 -0.49 -10.62 8.19
N VAL A 81 -1.42 -10.86 7.27
CA VAL A 81 -1.88 -9.86 6.30
C VAL A 81 -2.62 -8.68 6.96
N GLU A 82 -3.31 -8.91 8.07
CA GLU A 82 -3.87 -7.85 8.92
C GLU A 82 -2.76 -6.89 9.42
N SER A 83 -1.60 -7.42 9.83
CA SER A 83 -0.46 -6.60 10.26
C SER A 83 0.16 -5.85 9.09
N LYS A 84 0.28 -6.50 7.92
CA LYS A 84 0.77 -5.88 6.68
C LYS A 84 -0.10 -4.71 6.21
N LYS A 85 -1.43 -4.88 6.09
CA LYS A 85 -2.33 -3.78 5.70
C LYS A 85 -2.37 -2.65 6.73
N ALA A 86 -2.29 -2.97 8.02
CA ALA A 86 -2.16 -1.96 9.07
C ALA A 86 -0.92 -1.06 8.87
N GLU A 87 0.23 -1.61 8.46
CA GLU A 87 1.44 -0.81 8.18
C GLU A 87 1.48 -0.16 6.79
N ALA A 88 0.78 -0.68 5.78
CA ALA A 88 0.45 0.12 4.58
C ALA A 88 -0.37 1.36 4.97
N THR A 89 -1.40 1.16 5.79
CA THR A 89 -2.24 2.22 6.36
C THR A 89 -1.49 3.12 7.39
N ARG A 90 -0.33 2.69 7.90
CA ARG A 90 0.62 3.54 8.65
C ARG A 90 1.38 4.52 7.77
N LEU A 91 1.66 4.18 6.51
CA LEU A 91 2.22 5.13 5.54
C LEU A 91 1.22 6.24 5.21
N GLU A 92 -0.07 5.88 5.27
CA GLU A 92 -1.18 6.85 5.21
C GLU A 92 -1.00 7.94 6.26
N LYS A 93 -0.56 7.53 7.45
CA LYS A 93 -0.26 8.46 8.55
C LYS A 93 1.00 9.29 8.31
N ILE A 94 1.93 8.84 7.46
CA ILE A 94 3.09 9.63 6.98
C ILE A 94 2.66 10.78 6.10
N LYS A 95 1.93 10.54 5.00
CA LYS A 95 1.40 11.67 4.20
C LYS A 95 0.48 12.59 5.02
N THR A 96 -0.17 12.05 6.05
CA THR A 96 -0.98 12.87 6.98
C THR A 96 -0.08 13.78 7.82
N ASP A 97 0.99 13.22 8.40
CA ASP A 97 1.98 13.95 9.21
C ASP A 97 2.70 15.03 8.39
N ARG A 98 3.15 14.68 7.18
CA ARG A 98 3.83 15.60 6.26
C ARG A 98 2.93 16.76 5.82
N LYS A 99 1.67 16.51 5.44
CA LYS A 99 0.70 17.58 5.11
C LYS A 99 0.37 18.47 6.31
N LYS A 100 0.25 17.91 7.52
CA LYS A 100 0.17 18.70 8.76
C LYS A 100 1.41 19.55 9.00
N ALA A 101 2.61 19.00 8.83
CA ALA A 101 3.86 19.74 8.95
C ALA A 101 3.96 20.93 7.97
N GLU A 102 3.55 20.74 6.70
CA GLU A 102 3.50 21.82 5.70
C GLU A 102 2.53 22.96 6.11
N GLU A 103 1.38 22.63 6.72
CA GLU A 103 0.43 23.60 7.25
C GLU A 103 0.97 24.34 8.51
N GLU A 104 1.44 23.60 9.52
CA GLU A 104 1.93 24.15 10.79
C GLU A 104 3.21 24.99 10.65
N ALA A 105 4.05 24.72 9.63
CA ALA A 105 5.28 25.47 9.36
C ALA A 105 5.06 26.94 8.95
N LYS A 106 3.85 27.33 8.51
CA LYS A 106 3.51 28.68 8.06
C LYS A 106 3.33 29.66 9.24
N ARG A 107 3.95 30.84 9.15
CA ARG A 107 3.94 31.95 10.12
C ARG A 107 4.15 31.50 11.58
N LYS A 108 5.34 30.95 11.85
CA LYS A 108 5.83 30.55 13.19
C LYS A 108 6.22 31.72 14.13
N ALA A 109 6.03 32.97 13.67
CA ALA A 109 6.36 34.23 14.35
C ALA A 109 7.88 34.51 14.49
N ALA A 110 8.68 33.93 13.59
CA ALA A 110 10.08 34.27 13.33
C ALA A 110 10.36 34.13 11.81
N GLU A 111 9.99 32.96 11.27
CA GLU A 111 9.64 32.65 9.87
C GLU A 111 10.80 32.64 8.85
N GLU A 112 11.76 33.55 8.97
CA GLU A 112 12.90 33.74 8.04
C GLU A 112 13.78 32.50 7.83
N ASP A 113 13.70 31.50 8.71
CA ASP A 113 14.43 30.22 8.64
C ASP A 113 14.19 29.48 7.31
N LYS A 114 12.98 29.52 6.78
CA LYS A 114 12.65 28.97 5.45
C LYS A 114 13.43 29.64 4.31
N VAL A 115 13.66 30.96 4.42
CA VAL A 115 14.42 31.77 3.46
C VAL A 115 15.93 31.49 3.59
N LYS A 116 16.43 31.41 4.82
CA LYS A 116 17.80 30.98 5.15
C LYS A 116 18.14 29.59 4.60
N GLU A 117 17.20 28.64 4.70
CA GLU A 117 17.35 27.26 4.22
C GLU A 117 17.19 27.13 2.69
N LYS A 118 16.28 27.92 2.09
CA LYS A 118 16.06 28.03 0.63
C LYS A 118 16.20 29.49 0.12
N PRO A 119 17.44 29.96 -0.12
CA PRO A 119 17.71 31.28 -0.74
C PRO A 119 16.97 31.53 -2.06
N GLY A 1 -12.80 -30.12 -9.20
CA GLY A 1 -11.73 -29.12 -8.97
C GLY A 1 -11.93 -28.34 -7.67
N SER A 2 -11.14 -27.31 -7.35
CA SER A 2 -10.01 -26.68 -8.10
C SER A 2 -10.44 -25.79 -9.28
N HIS A 3 -11.67 -25.26 -9.26
CA HIS A 3 -12.25 -24.42 -10.34
C HIS A 3 -13.21 -23.37 -9.74
N MET A 4 -12.66 -22.68 -8.75
CA MET A 4 -13.23 -21.67 -7.87
C MET A 4 -12.05 -20.97 -7.16
N PRO A 5 -11.15 -21.69 -6.45
CA PRO A 5 -9.90 -21.08 -5.97
C PRO A 5 -9.01 -20.64 -7.13
N GLU A 6 -8.90 -21.45 -8.19
CA GLU A 6 -8.17 -21.14 -9.41
C GLU A 6 -8.63 -19.81 -10.05
N LYS A 7 -9.94 -19.63 -10.10
CA LYS A 7 -10.62 -18.44 -10.65
C LYS A 7 -10.35 -17.21 -9.80
N LYS A 8 -10.46 -17.35 -8.47
CA LYS A 8 -10.13 -16.32 -7.49
C LYS A 8 -8.66 -15.91 -7.52
N VAL A 9 -7.71 -16.85 -7.57
CA VAL A 9 -6.29 -16.49 -7.63
C VAL A 9 -5.95 -15.79 -8.93
N ALA A 10 -6.55 -16.24 -10.05
CA ALA A 10 -6.36 -15.65 -11.38
C ALA A 10 -6.87 -14.20 -11.45
N GLU A 11 -8.12 -13.94 -11.06
CA GLU A 11 -8.69 -12.58 -11.07
C GLU A 11 -8.04 -11.62 -10.04
N ALA A 12 -7.41 -12.14 -8.98
CA ALA A 12 -6.74 -11.31 -7.99
C ALA A 12 -5.20 -11.25 -8.12
N GLU A 13 -4.57 -12.14 -8.88
CA GLU A 13 -3.26 -11.92 -9.51
C GLU A 13 -3.30 -10.68 -10.43
N LYS A 14 -4.43 -10.49 -11.11
CA LYS A 14 -4.70 -9.36 -12.02
C LYS A 14 -4.85 -8.05 -11.25
N LYS A 15 -5.44 -8.12 -10.06
CA LYS A 15 -5.38 -7.05 -9.08
C LYS A 15 -3.96 -6.75 -8.60
N VAL A 16 -3.17 -7.78 -8.27
CA VAL A 16 -1.74 -7.63 -7.92
C VAL A 16 -0.94 -6.91 -9.02
N GLU A 17 -1.41 -6.94 -10.27
CA GLU A 17 -0.73 -6.28 -11.38
C GLU A 17 -0.95 -4.76 -11.34
N GLU A 18 -2.17 -4.30 -11.06
CA GLU A 18 -2.47 -2.87 -10.82
C GLU A 18 -1.72 -2.34 -9.58
N ALA A 19 -1.74 -3.10 -8.48
CA ALA A 19 -1.01 -2.79 -7.24
C ALA A 19 0.51 -2.65 -7.49
N LYS A 20 1.12 -3.62 -8.20
CA LYS A 20 2.52 -3.56 -8.67
C LYS A 20 2.79 -2.39 -9.61
N LYS A 21 1.88 -2.08 -10.55
CA LYS A 21 1.96 -0.91 -11.43
C LYS A 21 2.07 0.41 -10.65
N LYS A 22 1.28 0.59 -9.59
CA LYS A 22 1.44 1.76 -8.68
C LYS A 22 2.80 1.81 -7.99
N ALA A 23 3.35 0.69 -7.55
CA ALA A 23 4.74 0.67 -7.08
C ALA A 23 5.74 1.07 -8.19
N GLU A 24 5.54 0.65 -9.44
CA GLU A 24 6.42 1.02 -10.56
C GLU A 24 6.29 2.51 -10.92
N ASP A 25 5.10 3.06 -10.84
CA ASP A 25 4.85 4.50 -10.99
C ASP A 25 5.55 5.34 -9.89
N GLN A 26 5.87 4.73 -8.74
CA GLN A 26 6.65 5.36 -7.69
C GLN A 26 8.16 5.05 -7.79
N LYS A 27 8.53 3.99 -8.51
CA LYS A 27 9.92 3.79 -8.97
C LYS A 27 10.34 4.86 -9.97
N GLU A 28 9.44 5.14 -10.91
CA GLU A 28 9.56 6.33 -11.78
C GLU A 28 9.81 7.60 -10.93
N GLU A 29 9.14 7.75 -9.78
CA GLU A 29 9.49 8.79 -8.80
C GLU A 29 10.95 8.67 -8.27
N ASP A 30 11.40 7.54 -7.71
CA ASP A 30 12.76 7.15 -7.32
C ASP A 30 13.75 7.14 -8.50
N ARG A 31 13.36 7.68 -9.66
CA ARG A 31 14.18 7.85 -10.86
C ARG A 31 14.11 9.26 -11.44
N ARG A 32 13.07 10.03 -11.08
CA ARG A 32 12.93 11.45 -11.33
C ARG A 32 13.31 12.36 -10.18
N ASN A 33 13.40 11.75 -9.01
CA ASN A 33 13.47 12.43 -7.72
C ASN A 33 14.77 12.14 -6.94
N TYR A 34 15.70 11.41 -7.54
CA TYR A 34 17.19 11.59 -7.43
C TYR A 34 18.00 11.52 -8.72
N PRO A 35 17.72 12.45 -9.63
CA PRO A 35 17.85 13.92 -9.65
C PRO A 35 18.03 14.70 -8.33
N THR A 36 16.93 14.90 -7.60
CA THR A 36 16.74 15.86 -6.50
C THR A 36 17.06 15.31 -5.10
N ASN A 37 16.99 14.00 -4.92
CA ASN A 37 17.07 13.24 -3.68
C ASN A 37 16.07 13.56 -2.57
N THR A 38 14.81 13.47 -2.99
CA THR A 38 13.68 13.03 -2.16
C THR A 38 13.19 11.60 -2.54
N TYR A 39 13.58 11.10 -3.72
CA TYR A 39 13.54 9.71 -4.25
C TYR A 39 12.98 8.52 -3.46
N LYS A 40 13.29 8.36 -2.17
CA LYS A 40 13.00 7.21 -1.33
C LYS A 40 11.58 7.39 -0.81
N THR A 41 10.71 7.59 -1.80
CA THR A 41 9.41 8.23 -1.68
C THR A 41 8.51 7.26 -0.91
N LEU A 42 8.03 7.69 0.26
CA LEU A 42 7.24 6.80 1.13
C LEU A 42 5.99 6.23 0.43
N GLU A 43 5.49 6.88 -0.63
CA GLU A 43 4.49 6.32 -1.56
C GLU A 43 4.94 5.06 -2.35
N LEU A 44 6.23 4.86 -2.63
CA LEU A 44 6.77 3.57 -3.06
C LEU A 44 6.58 2.51 -1.97
N GLU A 45 6.96 2.86 -0.74
CA GLU A 45 6.92 1.99 0.44
C GLU A 45 5.47 1.59 0.79
N ILE A 46 4.55 2.56 0.78
CA ILE A 46 3.09 2.39 0.88
C ILE A 46 2.55 1.44 -0.18
N ALA A 47 2.89 1.67 -1.46
CA ALA A 47 2.46 0.79 -2.54
C ALA A 47 2.99 -0.64 -2.38
N GLU A 48 4.22 -0.81 -1.91
CA GLU A 48 4.84 -2.13 -1.70
C GLU A 48 4.18 -2.89 -0.53
N SER A 49 3.99 -2.23 0.62
CA SER A 49 3.31 -2.81 1.79
C SER A 49 1.84 -3.13 1.52
N ASP A 50 1.06 -2.25 0.88
CA ASP A 50 -0.26 -2.59 0.33
C ASP A 50 -0.24 -3.78 -0.67
N VAL A 51 0.77 -3.88 -1.54
CA VAL A 51 0.94 -5.00 -2.50
C VAL A 51 1.07 -6.33 -1.75
N GLU A 52 1.67 -6.31 -0.56
CA GLU A 52 1.78 -7.49 0.29
C GLU A 52 0.51 -7.81 1.10
N VAL A 53 -0.43 -6.88 1.26
CA VAL A 53 -1.80 -7.21 1.73
C VAL A 53 -2.48 -8.07 0.67
N LYS A 54 -2.26 -7.68 -0.60
CA LYS A 54 -2.86 -8.27 -1.79
C LYS A 54 -2.36 -9.69 -1.95
N LYS A 55 -1.04 -9.82 -1.92
CA LYS A 55 -0.28 -11.07 -1.89
C LYS A 55 -0.84 -12.09 -0.90
N ALA A 56 -1.01 -11.65 0.35
CA ALA A 56 -1.44 -12.49 1.45
C ALA A 56 -2.88 -13.03 1.25
N GLU A 57 -3.76 -12.23 0.65
CA GLU A 57 -5.09 -12.70 0.24
C GLU A 57 -5.08 -13.71 -0.91
N LEU A 58 -4.25 -13.52 -1.95
CA LEU A 58 -4.22 -14.46 -3.08
C LEU A 58 -3.82 -15.87 -2.61
N GLU A 59 -2.85 -15.96 -1.70
CA GLU A 59 -2.29 -17.25 -1.30
C GLU A 59 -3.21 -18.03 -0.35
N LEU A 60 -4.07 -17.36 0.41
CA LEU A 60 -5.09 -18.03 1.22
C LEU A 60 -6.47 -18.20 0.56
N VAL A 61 -6.88 -17.44 -0.46
CA VAL A 61 -8.11 -17.80 -1.19
C VAL A 61 -7.97 -19.17 -1.90
N LYS A 62 -6.73 -19.52 -2.28
CA LYS A 62 -6.33 -20.89 -2.66
C LYS A 62 -6.46 -21.90 -1.53
N GLU A 63 -5.81 -21.62 -0.39
CA GLU A 63 -5.52 -22.64 0.63
C GLU A 63 -6.62 -22.72 1.68
N GLU A 64 -7.60 -21.82 1.57
CA GLU A 64 -9.00 -22.11 1.75
C GLU A 64 -9.46 -23.26 0.85
N ALA A 65 -10.01 -22.99 -0.35
CA ALA A 65 -11.16 -23.74 -0.86
C ALA A 65 -10.88 -25.23 -1.08
N LYS A 66 -9.61 -25.53 -1.38
CA LYS A 66 -9.03 -26.86 -1.49
C LYS A 66 -9.15 -27.74 -0.24
N GLU A 67 -8.83 -27.20 0.94
CA GLU A 67 -8.09 -27.95 1.97
C GLU A 67 -8.53 -29.11 2.85
N PRO A 68 -9.81 -29.35 3.01
CA PRO A 68 -10.89 -28.43 2.83
C PRO A 68 -11.09 -27.49 4.00
N ARG A 69 -10.52 -26.32 3.75
CA ARG A 69 -11.20 -25.02 3.85
C ARG A 69 -11.88 -24.68 5.17
N ASN A 70 -11.46 -25.33 6.25
CA ASN A 70 -12.12 -25.31 7.56
C ASN A 70 -12.02 -23.98 8.32
N GLU A 71 -11.92 -22.84 7.61
CA GLU A 71 -12.12 -21.47 8.03
C GLU A 71 -10.97 -20.90 8.89
N GLU A 72 -10.34 -21.74 9.69
CA GLU A 72 -9.18 -21.44 10.54
C GLU A 72 -8.00 -20.95 9.70
N LYS A 73 -7.86 -21.52 8.50
CA LYS A 73 -6.73 -21.33 7.59
C LYS A 73 -6.73 -19.94 6.97
N VAL A 74 -7.87 -19.56 6.38
CA VAL A 74 -8.08 -18.21 5.83
C VAL A 74 -8.06 -17.14 6.94
N LYS A 75 -8.61 -17.46 8.12
CA LYS A 75 -8.60 -16.58 9.32
C LYS A 75 -7.19 -16.24 9.82
N GLN A 76 -6.32 -17.24 9.92
CA GLN A 76 -4.90 -17.03 10.22
C GLN A 76 -4.25 -16.05 9.24
N ALA A 77 -4.60 -16.12 7.95
CA ALA A 77 -4.09 -15.17 6.97
C ALA A 77 -4.71 -13.79 7.17
N LYS A 78 -6.01 -13.71 7.49
CA LYS A 78 -6.69 -12.42 7.70
C LYS A 78 -6.10 -11.63 8.87
N ALA A 79 -5.69 -12.31 9.93
CA ALA A 79 -4.92 -11.70 11.03
C ALA A 79 -3.58 -11.11 10.55
N GLU A 80 -2.92 -11.75 9.57
CA GLU A 80 -1.72 -11.22 8.92
C GLU A 80 -2.09 -10.00 8.07
N VAL A 81 -3.05 -10.13 7.15
CA VAL A 81 -3.43 -9.05 6.23
C VAL A 81 -3.93 -7.80 6.94
N GLU A 82 -4.61 -7.96 8.08
CA GLU A 82 -5.00 -6.88 8.99
C GLU A 82 -3.77 -6.12 9.52
N SER A 83 -2.69 -6.83 9.87
CA SER A 83 -1.43 -6.21 10.30
C SER A 83 -0.71 -5.53 9.13
N LYS A 84 -0.70 -6.18 7.95
CA LYS A 84 -0.09 -5.64 6.72
C LYS A 84 -0.77 -4.34 6.28
N LYS A 85 -2.11 -4.30 6.25
CA LYS A 85 -2.86 -3.09 5.86
C LYS A 85 -2.74 -1.98 6.90
N ALA A 86 -2.76 -2.33 8.19
CA ALA A 86 -2.48 -1.37 9.27
C ALA A 86 -1.11 -0.70 9.10
N GLU A 87 -0.03 -1.47 8.92
CA GLU A 87 1.31 -0.88 8.76
C GLU A 87 1.46 -0.10 7.43
N ALA A 88 0.89 -0.60 6.32
CA ALA A 88 0.87 0.10 5.03
C ALA A 88 0.15 1.45 5.07
N THR A 89 -0.99 1.51 5.76
CA THR A 89 -1.80 2.74 5.91
C THR A 89 -1.27 3.67 7.02
N ARG A 90 -0.60 3.15 8.06
CA ARG A 90 0.28 3.95 8.93
C ARG A 90 1.48 4.53 8.17
N LEU A 91 1.96 3.85 7.13
CA LEU A 91 2.93 4.42 6.20
C LEU A 91 2.37 5.61 5.40
N GLU A 92 1.08 5.58 5.05
CA GLU A 92 0.38 6.75 4.48
C GLU A 92 0.44 7.97 5.41
N LYS A 93 0.51 7.73 6.72
CA LYS A 93 0.67 8.82 7.71
C LYS A 93 2.08 9.42 7.68
N ILE A 94 3.13 8.62 7.45
CA ILE A 94 4.50 9.17 7.30
C ILE A 94 4.66 10.02 6.03
N LYS A 95 4.14 9.62 4.86
CA LYS A 95 4.16 10.53 3.68
C LYS A 95 3.40 11.84 3.94
N THR A 96 2.32 11.79 4.71
CA THR A 96 1.52 12.98 5.11
C THR A 96 2.34 13.91 6.01
N ASP A 97 3.13 13.38 6.93
CA ASP A 97 4.05 14.18 7.76
C ASP A 97 5.07 14.93 6.88
N ARG A 98 5.65 14.24 5.90
CA ARG A 98 6.62 14.84 4.97
C ARG A 98 5.99 15.91 4.06
N LYS A 99 4.77 15.67 3.59
CA LYS A 99 3.95 16.62 2.82
C LYS A 99 3.71 17.93 3.59
N LYS A 100 3.29 17.86 4.86
CA LYS A 100 3.01 19.05 5.69
C LYS A 100 4.24 19.71 6.35
N ALA A 101 5.43 19.09 6.25
CA ALA A 101 6.65 19.50 6.96
C ALA A 101 7.05 20.99 6.76
N GLU A 102 6.71 21.57 5.61
CA GLU A 102 6.96 22.98 5.28
C GLU A 102 6.35 24.00 6.27
N GLU A 103 5.32 23.59 7.04
CA GLU A 103 4.74 24.39 8.13
C GLU A 103 5.72 24.65 9.28
N GLU A 104 6.66 23.73 9.54
CA GLU A 104 7.64 23.75 10.65
C GLU A 104 7.05 24.24 11.98
N ALA A 105 6.11 23.47 12.55
CA ALA A 105 5.43 23.73 13.82
C ALA A 105 4.76 25.12 13.95
N LYS A 106 4.22 25.65 12.84
CA LYS A 106 3.33 26.82 12.70
C LYS A 106 4.01 28.18 12.91
N ARG A 107 4.65 28.38 14.07
CA ARG A 107 5.34 29.61 14.55
C ARG A 107 4.50 30.88 14.37
N LYS A 108 3.67 31.24 15.37
CA LYS A 108 2.77 32.41 15.34
C LYS A 108 3.43 33.75 14.92
N ALA A 109 4.72 33.92 15.21
CA ALA A 109 5.51 35.11 14.86
C ALA A 109 5.96 35.18 13.38
N ALA A 110 5.65 34.13 12.58
CA ALA A 110 6.04 33.98 11.17
C ALA A 110 4.86 33.52 10.30
N GLU A 111 4.03 32.62 10.84
CA GLU A 111 2.71 32.23 10.36
C GLU A 111 2.72 31.67 8.94
N GLU A 112 3.38 30.52 8.74
CA GLU A 112 3.42 29.77 7.47
C GLU A 112 2.04 29.26 7.00
N ASP A 113 1.05 29.31 7.88
CA ASP A 113 -0.38 29.03 7.64
C ASP A 113 -0.94 29.75 6.40
N LYS A 114 -0.41 30.94 6.09
CA LYS A 114 -0.74 31.78 4.93
C LYS A 114 -0.60 31.09 3.58
N VAL A 115 0.27 30.07 3.48
CA VAL A 115 0.54 29.30 2.25
C VAL A 115 -0.72 28.65 1.66
N LYS A 116 -1.72 28.32 2.48
CA LYS A 116 -3.04 27.83 2.06
C LYS A 116 -3.82 28.85 1.19
N GLU A 117 -3.63 30.14 1.43
CA GLU A 117 -4.27 31.24 0.68
C GLU A 117 -3.35 31.83 -0.41
N LYS A 118 -2.07 32.03 -0.07
CA LYS A 118 -1.04 32.67 -0.92
C LYS A 118 0.29 31.88 -0.92
N PRO A 119 0.39 30.78 -1.69
CA PRO A 119 1.61 29.97 -1.81
C PRO A 119 2.74 30.70 -2.57
N GLY A 1 -13.22 -30.24 -9.91
CA GLY A 1 -12.57 -29.44 -8.87
C GLY A 1 -11.79 -28.26 -9.45
N SER A 2 -11.29 -27.36 -8.59
CA SER A 2 -10.55 -26.13 -8.95
C SER A 2 -11.30 -25.22 -9.96
N HIS A 3 -12.62 -25.02 -9.78
CA HIS A 3 -13.45 -24.15 -10.62
C HIS A 3 -14.54 -23.44 -9.79
N MET A 4 -14.01 -22.68 -8.83
CA MET A 4 -14.63 -22.02 -7.69
C MET A 4 -13.51 -21.20 -7.01
N PRO A 5 -12.39 -21.82 -6.55
CA PRO A 5 -11.26 -21.04 -6.05
C PRO A 5 -10.58 -20.25 -7.14
N GLU A 6 -10.35 -20.85 -8.31
CA GLU A 6 -9.64 -20.22 -9.44
C GLU A 6 -10.42 -19.01 -9.97
N LYS A 7 -11.75 -19.05 -9.82
CA LYS A 7 -12.67 -17.93 -10.06
C LYS A 7 -12.55 -16.85 -9.00
N LYS A 8 -12.62 -17.22 -7.72
CA LYS A 8 -12.52 -16.27 -6.61
C LYS A 8 -11.18 -15.56 -6.53
N VAL A 9 -10.07 -16.27 -6.80
CA VAL A 9 -8.73 -15.66 -6.79
C VAL A 9 -8.51 -14.73 -7.98
N ALA A 10 -9.09 -15.03 -9.14
CA ALA A 10 -9.06 -14.18 -10.33
C ALA A 10 -9.85 -12.87 -10.11
N GLU A 11 -11.04 -12.94 -9.51
CA GLU A 11 -11.77 -11.75 -9.07
C GLU A 11 -10.98 -10.92 -8.05
N ALA A 12 -10.36 -11.56 -7.06
CA ALA A 12 -9.52 -10.89 -6.08
C ALA A 12 -8.16 -10.42 -6.64
N GLU A 13 -7.66 -11.03 -7.72
CA GLU A 13 -6.47 -10.58 -8.44
C GLU A 13 -6.79 -9.22 -9.05
N LYS A 14 -8.03 -9.06 -9.52
CA LYS A 14 -8.51 -7.87 -10.20
C LYS A 14 -8.52 -6.65 -9.28
N LYS A 15 -8.91 -6.90 -8.03
CA LYS A 15 -8.70 -5.98 -6.91
C LYS A 15 -7.22 -5.72 -6.59
N VAL A 16 -6.40 -6.78 -6.52
CA VAL A 16 -4.94 -6.67 -6.31
C VAL A 16 -4.30 -5.81 -7.41
N GLU A 17 -4.97 -5.72 -8.56
CA GLU A 17 -4.53 -5.06 -9.79
C GLU A 17 -4.88 -3.58 -9.75
N GLU A 18 -6.09 -3.23 -9.31
CA GLU A 18 -6.46 -1.84 -8.96
C GLU A 18 -5.51 -1.27 -7.89
N ALA A 19 -5.26 -2.03 -6.82
CA ALA A 19 -4.33 -1.68 -5.76
C ALA A 19 -2.89 -1.50 -6.28
N LYS A 20 -2.38 -2.43 -7.11
CA LYS A 20 -1.08 -2.32 -7.80
C LYS A 20 -0.99 -1.12 -8.76
N LYS A 21 -2.01 -0.83 -9.55
CA LYS A 21 -2.06 0.35 -10.45
C LYS A 21 -2.00 1.67 -9.66
N LYS A 22 -2.69 1.78 -8.53
CA LYS A 22 -2.54 2.93 -7.60
C LYS A 22 -1.19 2.96 -6.89
N ALA A 23 -0.57 1.83 -6.56
CA ALA A 23 0.83 1.79 -6.16
C ALA A 23 1.76 2.31 -7.29
N GLU A 24 1.49 1.99 -8.56
CA GLU A 24 2.31 2.43 -9.68
C GLU A 24 2.19 3.95 -9.96
N ASP A 25 1.02 4.53 -9.74
CA ASP A 25 0.85 5.99 -9.69
C ASP A 25 1.70 6.66 -8.59
N GLN A 26 1.90 5.98 -7.46
CA GLN A 26 2.66 6.49 -6.32
C GLN A 26 4.17 6.22 -6.49
N LYS A 27 4.54 5.17 -7.22
CA LYS A 27 5.87 4.90 -7.76
C LYS A 27 6.33 5.92 -8.80
N GLU A 28 5.41 6.33 -9.65
CA GLU A 28 5.62 7.49 -10.52
C GLU A 28 6.10 8.69 -9.69
N GLU A 29 5.55 8.90 -8.48
CA GLU A 29 6.15 9.87 -7.54
C GLU A 29 7.54 9.48 -7.00
N ASP A 30 7.85 8.27 -6.59
CA ASP A 30 9.20 7.73 -6.36
C ASP A 30 10.11 7.66 -7.62
N ARG A 31 9.79 8.39 -8.71
CA ARG A 31 10.75 8.88 -9.73
C ARG A 31 10.51 10.31 -10.22
N ARG A 32 9.45 10.99 -9.75
CA ARG A 32 9.15 12.42 -9.98
C ARG A 32 9.54 13.31 -8.83
N ASN A 33 9.50 12.72 -7.65
CA ASN A 33 9.69 13.38 -6.38
C ASN A 33 11.13 13.16 -5.82
N TYR A 34 11.96 12.44 -6.56
CA TYR A 34 13.44 12.41 -6.63
C TYR A 34 14.15 13.71 -7.04
N PRO A 35 13.74 14.34 -8.14
CA PRO A 35 13.87 15.76 -8.43
C PRO A 35 13.87 16.67 -7.20
N THR A 36 12.95 16.35 -6.30
CA THR A 36 12.66 17.05 -5.03
C THR A 36 13.21 16.33 -3.79
N ASN A 37 13.53 15.03 -3.94
CA ASN A 37 13.88 14.03 -2.96
C ASN A 37 13.05 14.01 -1.67
N THR A 38 11.74 13.97 -1.92
CA THR A 38 10.75 13.37 -1.03
C THR A 38 10.18 12.04 -1.58
N TYR A 39 10.53 11.67 -2.82
CA TYR A 39 10.49 10.34 -3.47
C TYR A 39 9.95 9.10 -2.70
N LYS A 40 10.42 8.82 -1.47
CA LYS A 40 10.15 7.60 -0.72
C LYS A 40 8.67 7.42 -0.40
N THR A 41 7.95 8.55 -0.39
CA THR A 41 6.51 8.66 -0.52
C THR A 41 5.77 7.52 0.16
N LEU A 42 5.76 7.56 1.49
CA LEU A 42 5.29 6.44 2.34
C LEU A 42 3.87 5.96 2.01
N GLU A 43 3.02 6.79 1.40
CA GLU A 43 1.77 6.39 0.73
C GLU A 43 1.93 5.22 -0.30
N LEU A 44 3.00 5.21 -1.10
CA LEU A 44 3.47 4.04 -1.85
C LEU A 44 3.79 2.88 -0.92
N GLU A 45 4.65 3.07 0.07
CA GLU A 45 5.11 2.00 0.97
C GLU A 45 3.95 1.28 1.68
N ILE A 46 2.97 2.05 2.17
CA ILE A 46 1.67 1.60 2.70
C ILE A 46 0.92 0.75 1.66
N ALA A 47 0.63 1.33 0.49
CA ALA A 47 -0.14 0.66 -0.56
C ALA A 47 0.53 -0.65 -1.02
N GLU A 48 1.85 -0.62 -1.22
CA GLU A 48 2.66 -1.75 -1.68
C GLU A 48 2.69 -2.89 -0.65
N SER A 49 2.77 -2.56 0.64
CA SER A 49 2.70 -3.55 1.72
C SER A 49 1.28 -4.14 1.87
N ASP A 50 0.23 -3.30 1.96
CA ASP A 50 -1.17 -3.74 2.07
C ASP A 50 -1.62 -4.62 0.90
N VAL A 51 -1.26 -4.27 -0.34
CA VAL A 51 -1.65 -5.03 -1.54
C VAL A 51 -1.04 -6.43 -1.54
N GLU A 52 0.15 -6.57 -0.96
CA GLU A 52 0.84 -7.85 -0.85
C GLU A 52 0.49 -8.65 0.41
N VAL A 53 -0.29 -8.09 1.35
CA VAL A 53 -1.06 -8.90 2.30
C VAL A 53 -2.16 -9.63 1.54
N LYS A 54 -2.79 -8.92 0.61
CA LYS A 54 -3.88 -9.47 -0.20
C LYS A 54 -3.33 -10.57 -1.09
N LYS A 55 -2.24 -10.29 -1.80
CA LYS A 55 -1.52 -11.26 -2.63
C LYS A 55 -1.32 -12.62 -1.98
N ALA A 56 -0.86 -12.64 -0.73
CA ALA A 56 -0.57 -13.88 -0.01
C ALA A 56 -1.86 -14.65 0.34
N GLU A 57 -2.92 -13.96 0.76
CA GLU A 57 -4.20 -14.60 1.03
C GLU A 57 -4.84 -15.15 -0.26
N LEU A 58 -4.72 -14.47 -1.42
CA LEU A 58 -5.24 -14.97 -2.70
C LEU A 58 -4.58 -16.31 -3.08
N GLU A 59 -3.25 -16.42 -2.98
CA GLU A 59 -2.53 -17.66 -3.28
C GLU A 59 -3.04 -18.84 -2.45
N LEU A 60 -3.27 -18.66 -1.15
CA LEU A 60 -3.77 -19.74 -0.30
C LEU A 60 -5.27 -20.05 -0.48
N VAL A 61 -6.11 -19.14 -1.03
CA VAL A 61 -7.49 -19.52 -1.41
C VAL A 61 -7.49 -20.65 -2.45
N LYS A 62 -6.54 -20.62 -3.41
CA LYS A 62 -6.23 -21.76 -4.29
C LYS A 62 -5.79 -22.98 -3.49
N GLU A 63 -4.72 -22.84 -2.70
CA GLU A 63 -3.91 -23.98 -2.29
C GLU A 63 -4.58 -24.82 -1.20
N GLU A 64 -5.69 -24.33 -0.62
CA GLU A 64 -6.55 -25.12 0.25
C GLU A 64 -7.89 -25.56 -0.34
N ALA A 65 -8.41 -24.93 -1.41
CA ALA A 65 -9.55 -25.49 -2.16
C ALA A 65 -9.17 -26.75 -2.96
N LYS A 66 -7.85 -26.95 -3.13
CA LYS A 66 -7.11 -28.07 -3.69
C LYS A 66 -7.18 -29.39 -2.89
N GLU A 67 -7.94 -29.40 -1.79
CA GLU A 67 -7.52 -29.82 -0.50
C GLU A 67 -8.72 -29.68 0.35
N PRO A 68 -8.58 -30.14 1.60
CA PRO A 68 -9.75 -30.67 2.21
C PRO A 68 -10.73 -29.65 2.72
N ARG A 69 -10.32 -28.41 2.48
CA ARG A 69 -10.79 -27.22 3.05
C ARG A 69 -10.98 -27.34 4.54
N ASN A 70 -9.87 -27.79 5.10
CA ASN A 70 -9.64 -27.87 6.55
C ASN A 70 -9.56 -26.48 7.19
N GLU A 71 -9.26 -25.46 6.39
CA GLU A 71 -9.54 -24.06 6.59
C GLU A 71 -8.57 -23.37 7.56
N GLU A 72 -7.82 -24.11 8.37
CA GLU A 72 -6.76 -23.59 9.22
C GLU A 72 -5.60 -23.02 8.40
N LYS A 73 -5.27 -23.61 7.24
CA LYS A 73 -4.03 -23.29 6.52
C LYS A 73 -4.16 -22.04 5.66
N VAL A 74 -5.30 -21.83 5.00
CA VAL A 74 -5.65 -20.56 4.33
C VAL A 74 -5.59 -19.38 5.30
N LYS A 75 -6.11 -19.56 6.53
CA LYS A 75 -6.07 -18.54 7.60
C LYS A 75 -4.69 -18.34 8.19
N GLN A 76 -3.92 -19.41 8.41
CA GLN A 76 -2.53 -19.36 8.82
C GLN A 76 -1.67 -18.52 7.87
N ALA A 77 -1.90 -18.62 6.55
CA ALA A 77 -1.14 -17.83 5.59
C ALA A 77 -1.41 -16.34 5.80
N LYS A 78 -2.70 -15.99 5.99
CA LYS A 78 -3.12 -14.66 6.40
C LYS A 78 -2.59 -14.23 7.77
N ALA A 79 -2.23 -15.13 8.70
CA ALA A 79 -1.69 -14.72 10.00
C ALA A 79 -0.28 -14.12 9.90
N GLU A 80 0.55 -14.62 8.97
CA GLU A 80 1.87 -14.06 8.70
C GLU A 80 1.76 -12.69 8.07
N VAL A 81 0.92 -12.58 7.04
CA VAL A 81 0.66 -11.27 6.44
C VAL A 81 -0.25 -10.37 7.29
N GLU A 82 -0.86 -10.84 8.37
CA GLU A 82 -1.41 -9.96 9.42
C GLU A 82 -0.29 -9.22 10.17
N SER A 83 0.91 -9.81 10.31
CA SER A 83 2.08 -9.07 10.80
C SER A 83 2.48 -8.00 9.79
N LYS A 84 2.39 -8.32 8.49
CA LYS A 84 2.65 -7.36 7.38
C LYS A 84 1.58 -6.27 7.24
N LYS A 85 0.31 -6.56 7.53
CA LYS A 85 -0.77 -5.57 7.72
C LYS A 85 -0.37 -4.57 8.81
N ALA A 86 0.12 -5.06 9.95
CA ALA A 86 0.61 -4.21 11.03
C ALA A 86 1.83 -3.38 10.61
N GLU A 87 2.72 -3.89 9.75
CA GLU A 87 3.75 -3.06 9.09
C GLU A 87 3.12 -1.96 8.22
N ALA A 88 2.38 -2.31 7.17
CA ALA A 88 1.65 -1.39 6.27
C ALA A 88 0.91 -0.27 7.01
N THR A 89 0.21 -0.63 8.09
CA THR A 89 -0.55 0.31 8.92
C THR A 89 0.31 1.08 9.94
N ARG A 90 1.48 0.57 10.34
CA ARG A 90 2.55 1.38 10.99
C ARG A 90 3.24 2.34 10.02
N LEU A 91 3.37 2.00 8.72
CA LEU A 91 3.74 3.01 7.71
C LEU A 91 2.69 4.13 7.64
N GLU A 92 1.40 3.87 7.91
CA GLU A 92 0.36 4.91 7.96
C GLU A 92 0.67 6.01 8.99
N LYS A 93 1.03 5.66 10.23
CA LYS A 93 1.50 6.65 11.21
C LYS A 93 2.86 7.29 10.85
N ILE A 94 3.62 6.71 9.91
CA ILE A 94 4.88 7.26 9.40
C ILE A 94 4.69 8.21 8.20
N LYS A 95 3.75 7.97 7.27
CA LYS A 95 3.25 9.04 6.37
C LYS A 95 2.63 10.21 7.16
N THR A 96 2.02 9.94 8.32
CA THR A 96 1.50 10.98 9.22
C THR A 96 2.62 11.82 9.85
N ASP A 97 3.80 11.23 10.11
CA ASP A 97 4.97 11.99 10.57
C ASP A 97 5.50 12.90 9.45
N ARG A 98 5.46 12.41 8.20
CA ARG A 98 5.67 13.21 6.98
C ARG A 98 4.72 14.40 6.89
N LYS A 99 3.41 14.16 7.05
CA LYS A 99 2.35 15.18 7.07
C LYS A 99 2.61 16.27 8.13
N LYS A 100 3.05 15.88 9.33
CA LYS A 100 3.52 16.80 10.37
C LYS A 100 4.77 17.59 9.97
N ALA A 101 5.79 16.94 9.44
CA ALA A 101 7.03 17.58 8.96
C ALA A 101 6.78 18.62 7.84
N GLU A 102 5.78 18.38 6.99
CA GLU A 102 5.32 19.30 5.93
C GLU A 102 4.66 20.60 6.44
N GLU A 103 4.54 20.82 7.77
CA GLU A 103 4.06 22.08 8.37
C GLU A 103 4.90 23.32 7.99
N GLU A 104 6.09 23.14 7.42
CA GLU A 104 6.88 24.21 6.77
C GLU A 104 6.10 24.99 5.69
N ALA A 105 5.10 24.36 5.05
CA ALA A 105 4.17 25.04 4.15
C ALA A 105 3.31 26.12 4.86
N LYS A 106 2.89 25.86 6.11
CA LYS A 106 2.17 26.81 6.98
C LYS A 106 3.12 27.85 7.61
N ARG A 107 4.31 27.42 8.04
CA ARG A 107 5.40 28.25 8.61
C ARG A 107 6.13 29.05 7.52
N LYS A 108 5.38 29.95 6.89
CA LYS A 108 5.79 30.94 5.87
C LYS A 108 6.84 31.98 6.31
N ALA A 109 7.41 31.86 7.51
CA ALA A 109 8.51 32.63 8.11
C ALA A 109 8.35 34.18 8.15
N ALA A 110 7.16 34.68 7.83
CA ALA A 110 6.81 36.10 7.60
C ALA A 110 7.58 36.64 6.39
N GLU A 111 7.66 35.79 5.36
CA GLU A 111 8.66 35.83 4.30
C GLU A 111 8.04 35.61 2.92
N GLU A 112 7.01 34.74 2.81
CA GLU A 112 6.22 34.56 1.59
C GLU A 112 5.65 35.89 1.04
N ASP A 113 5.27 36.80 1.93
CA ASP A 113 4.80 38.15 1.60
C ASP A 113 5.84 39.01 0.86
N LYS A 114 7.14 38.70 1.00
CA LYS A 114 8.24 39.30 0.23
C LYS A 114 8.45 38.51 -1.07
N VAL A 115 8.60 37.19 -0.93
CA VAL A 115 8.89 36.23 -2.01
C VAL A 115 7.90 36.29 -3.18
N LYS A 116 6.62 36.61 -2.92
CA LYS A 116 5.58 36.77 -3.94
C LYS A 116 5.91 37.77 -5.06
N GLU A 117 6.75 38.76 -4.78
CA GLU A 117 7.22 39.79 -5.74
C GLU A 117 8.75 39.86 -5.86
N LYS A 118 9.49 39.58 -4.77
CA LYS A 118 10.95 39.60 -4.69
C LYS A 118 11.50 38.27 -4.11
N PRO A 119 11.57 37.19 -4.91
CA PRO A 119 12.13 35.90 -4.49
C PRO A 119 13.66 35.94 -4.29
N GLY A 1 -15.38 -26.13 -4.22
CA GLY A 1 -15.42 -25.42 -5.51
C GLY A 1 -14.06 -25.41 -6.18
N SER A 2 -13.98 -25.83 -7.46
CA SER A 2 -12.71 -26.09 -8.17
C SER A 2 -12.62 -25.46 -9.58
N HIS A 3 -13.44 -24.45 -9.89
CA HIS A 3 -13.31 -23.64 -11.11
C HIS A 3 -13.15 -22.17 -10.71
N MET A 4 -14.20 -21.58 -10.15
CA MET A 4 -14.31 -20.28 -9.50
C MET A 4 -13.05 -19.74 -8.82
N PRO A 5 -12.34 -20.49 -7.95
CA PRO A 5 -11.17 -19.91 -7.28
C PRO A 5 -10.01 -19.70 -8.25
N GLU A 6 -9.87 -20.53 -9.28
CA GLU A 6 -8.91 -20.35 -10.38
C GLU A 6 -9.23 -19.07 -11.17
N LYS A 7 -10.53 -18.83 -11.40
CA LYS A 7 -11.06 -17.62 -12.05
C LYS A 7 -10.73 -16.37 -11.25
N LYS A 8 -11.03 -16.42 -9.95
CA LYS A 8 -10.80 -15.36 -8.98
C LYS A 8 -9.31 -15.06 -8.78
N VAL A 9 -8.42 -16.06 -8.69
CA VAL A 9 -6.97 -15.78 -8.63
C VAL A 9 -6.40 -15.22 -9.92
N ALA A 10 -6.90 -15.64 -11.07
CA ALA A 10 -6.44 -15.17 -12.40
C ALA A 10 -6.83 -13.70 -12.60
N GLU A 11 -8.08 -13.36 -12.28
CA GLU A 11 -8.53 -11.97 -12.13
C GLU A 11 -7.69 -11.18 -11.10
N ALA A 12 -7.47 -11.72 -9.91
CA ALA A 12 -6.65 -11.06 -8.88
C ALA A 12 -5.16 -10.98 -9.21
N GLU A 13 -4.62 -11.85 -10.06
CA GLU A 13 -3.24 -11.83 -10.54
C GLU A 13 -3.00 -10.58 -11.39
N LYS A 14 -4.02 -10.20 -12.14
CA LYS A 14 -4.08 -9.04 -13.02
C LYS A 14 -4.01 -7.75 -12.22
N LYS A 15 -4.75 -7.72 -11.12
CA LYS A 15 -4.62 -6.71 -10.07
C LYS A 15 -3.25 -6.71 -9.37
N VAL A 16 -2.71 -7.89 -9.07
CA VAL A 16 -1.38 -8.07 -8.46
C VAL A 16 -0.28 -7.45 -9.33
N GLU A 17 -0.56 -7.28 -10.62
CA GLU A 17 0.38 -6.76 -11.62
C GLU A 17 0.31 -5.23 -11.72
N GLU A 18 -0.88 -4.62 -11.62
CA GLU A 18 -1.03 -3.16 -11.45
C GLU A 18 -0.37 -2.68 -10.15
N ALA A 19 -0.59 -3.41 -9.05
CA ALA A 19 0.08 -3.18 -7.76
C ALA A 19 1.61 -3.25 -7.89
N LYS A 20 2.15 -4.32 -8.52
CA LYS A 20 3.58 -4.48 -8.81
C LYS A 20 4.13 -3.35 -9.69
N LYS A 21 3.41 -2.97 -10.76
CA LYS A 21 3.77 -1.84 -11.64
C LYS A 21 3.95 -0.55 -10.84
N LYS A 22 3.05 -0.23 -9.90
CA LYS A 22 3.22 0.91 -9.00
C LYS A 22 4.43 0.81 -8.07
N ALA A 23 4.73 -0.35 -7.51
CA ALA A 23 5.98 -0.55 -6.77
C ALA A 23 7.22 -0.25 -7.66
N GLU A 24 7.19 -0.60 -8.94
CA GLU A 24 8.24 -0.26 -9.90
C GLU A 24 8.25 1.23 -10.30
N ASP A 25 7.11 1.93 -10.23
CA ASP A 25 7.09 3.39 -10.33
C ASP A 25 7.79 4.08 -9.14
N GLN A 26 8.07 3.36 -8.05
CA GLN A 26 8.88 3.84 -6.92
C GLN A 26 10.31 3.27 -6.88
N LYS A 27 10.59 2.18 -7.61
CA LYS A 27 11.95 1.81 -8.04
C LYS A 27 12.56 2.94 -8.87
N GLU A 28 11.75 3.51 -9.75
CA GLU A 28 12.04 4.81 -10.39
C GLU A 28 12.22 5.94 -9.35
N GLU A 29 11.30 6.10 -8.39
CA GLU A 29 11.39 7.16 -7.37
C GLU A 29 12.70 7.15 -6.55
N ASP A 30 13.18 6.00 -6.08
CA ASP A 30 14.51 5.72 -5.57
C ASP A 30 15.64 6.29 -6.44
N ARG A 31 15.78 5.89 -7.70
CA ARG A 31 16.96 6.21 -8.52
C ARG A 31 16.91 7.66 -8.99
N ARG A 32 15.74 8.30 -8.83
CA ARG A 32 15.53 9.72 -9.05
C ARG A 32 15.62 10.61 -7.82
N ASN A 33 15.36 10.05 -6.64
CA ASN A 33 15.62 10.71 -5.36
C ASN A 33 16.95 10.30 -4.73
N TYR A 34 17.84 9.63 -5.46
CA TYR A 34 19.31 9.52 -5.28
C TYR A 34 20.09 10.81 -5.55
N PRO A 35 19.84 11.47 -6.68
CA PRO A 35 20.03 12.90 -6.95
C PRO A 35 19.95 13.80 -5.71
N THR A 36 18.92 13.54 -4.93
CA THR A 36 18.55 14.24 -3.68
C THR A 36 18.92 13.45 -2.42
N ASN A 37 18.92 12.12 -2.53
CA ASN A 37 19.08 11.12 -1.49
C ASN A 37 18.05 11.16 -0.36
N THR A 38 16.79 11.20 -0.83
CA THR A 38 15.59 10.75 -0.12
C THR A 38 15.06 9.40 -0.66
N TYR A 39 15.54 8.94 -1.83
CA TYR A 39 15.47 7.62 -2.48
C TYR A 39 14.82 6.40 -1.79
N LYS A 40 14.97 6.24 -0.48
CA LYS A 40 14.54 5.11 0.35
C LYS A 40 13.07 5.37 0.67
N THR A 41 12.33 5.61 -0.41
CA THR A 41 11.07 6.33 -0.38
C THR A 41 10.04 5.42 0.27
N LEU A 42 9.39 5.97 1.29
CA LEU A 42 8.36 5.21 2.03
C LEU A 42 7.24 4.81 1.06
N GLU A 43 7.03 5.64 0.04
CA GLU A 43 6.30 5.41 -1.20
C GLU A 43 6.56 4.05 -1.89
N LEU A 44 7.83 3.59 -1.95
CA LEU A 44 8.17 2.22 -2.39
C LEU A 44 7.55 1.17 -1.48
N GLU A 45 7.82 1.26 -0.17
CA GLU A 45 7.41 0.24 0.80
C GLU A 45 5.90 0.26 1.12
N ILE A 46 5.24 1.42 0.99
CA ILE A 46 3.77 1.58 0.88
C ILE A 46 3.22 0.65 -0.22
N ALA A 47 3.72 0.83 -1.44
CA ALA A 47 3.29 0.03 -2.59
C ALA A 47 3.65 -1.45 -2.43
N GLU A 48 4.82 -1.77 -1.88
CA GLU A 48 5.25 -3.15 -1.64
C GLU A 48 4.36 -3.86 -0.59
N SER A 49 4.05 -3.18 0.52
CA SER A 49 3.17 -3.68 1.56
C SER A 49 1.72 -3.85 1.07
N ASP A 50 1.14 -2.86 0.37
CA ASP A 50 -0.14 -3.04 -0.34
C ASP A 50 -0.10 -4.16 -1.41
N VAL A 51 1.00 -4.34 -2.15
CA VAL A 51 1.22 -5.45 -3.10
C VAL A 51 1.07 -6.79 -2.36
N GLU A 52 1.58 -6.87 -1.14
CA GLU A 52 1.42 -8.05 -0.31
C GLU A 52 0.02 -8.26 0.27
N VAL A 53 -0.84 -7.24 0.36
CA VAL A 53 -2.28 -7.44 0.62
C VAL A 53 -2.91 -8.20 -0.55
N LYS A 54 -2.49 -7.79 -1.76
CA LYS A 54 -2.97 -8.24 -3.05
C LYS A 54 -2.57 -9.68 -3.30
N LYS A 55 -1.33 -9.98 -2.94
CA LYS A 55 -0.73 -11.31 -2.91
C LYS A 55 -1.46 -12.26 -1.95
N ALA A 56 -1.63 -11.81 -0.72
CA ALA A 56 -2.05 -12.65 0.40
C ALA A 56 -3.53 -13.04 0.26
N GLU A 57 -4.36 -12.14 -0.28
CA GLU A 57 -5.74 -12.46 -0.58
C GLU A 57 -5.88 -13.53 -1.68
N LEU A 58 -5.14 -13.43 -2.82
CA LEU A 58 -5.30 -14.40 -3.90
C LEU A 58 -4.76 -15.81 -3.59
N GLU A 59 -3.73 -15.97 -2.78
CA GLU A 59 -3.32 -17.31 -2.35
C GLU A 59 -4.35 -17.97 -1.43
N LEU A 60 -5.05 -17.21 -0.57
CA LEU A 60 -6.16 -17.72 0.22
C LEU A 60 -7.49 -17.85 -0.55
N VAL A 61 -7.72 -17.16 -1.67
CA VAL A 61 -8.82 -17.50 -2.60
C VAL A 61 -8.77 -18.99 -2.98
N LYS A 62 -7.56 -19.49 -3.27
CA LYS A 62 -7.36 -20.93 -3.50
C LYS A 62 -7.77 -21.76 -2.30
N GLU A 63 -7.21 -21.48 -1.11
CA GLU A 63 -7.42 -22.36 0.03
C GLU A 63 -8.89 -22.34 0.45
N GLU A 64 -9.54 -21.16 0.37
CA GLU A 64 -10.91 -20.98 0.84
C GLU A 64 -11.96 -21.84 0.13
N ALA A 65 -11.72 -22.15 -1.13
CA ALA A 65 -12.71 -22.87 -1.94
C ALA A 65 -12.42 -24.35 -2.15
N LYS A 66 -11.15 -24.76 -2.11
CA LYS A 66 -10.73 -26.13 -2.44
C LYS A 66 -11.22 -27.20 -1.46
N GLU A 67 -11.00 -27.00 -0.15
CA GLU A 67 -10.97 -28.09 0.83
C GLU A 67 -12.23 -28.82 1.27
N PRO A 68 -13.26 -28.10 1.68
CA PRO A 68 -13.27 -26.68 1.89
C PRO A 68 -13.08 -26.22 3.34
N ARG A 69 -11.82 -25.82 3.49
CA ARG A 69 -11.19 -24.73 4.19
C ARG A 69 -11.29 -24.64 5.71
N ASN A 70 -12.34 -25.21 6.25
CA ASN A 70 -12.90 -25.08 7.59
C ASN A 70 -12.85 -23.69 8.24
N GLU A 71 -12.59 -22.63 7.45
CA GLU A 71 -12.74 -21.22 7.72
C GLU A 71 -11.77 -20.64 8.77
N GLU A 72 -11.04 -21.48 9.50
CA GLU A 72 -9.97 -21.07 10.42
C GLU A 72 -8.74 -20.60 9.65
N LYS A 73 -8.40 -21.33 8.57
CA LYS A 73 -7.14 -21.16 7.84
C LYS A 73 -7.08 -19.88 7.00
N VAL A 74 -8.17 -19.58 6.31
CA VAL A 74 -8.36 -18.35 5.54
C VAL A 74 -8.32 -17.14 6.48
N LYS A 75 -8.92 -17.26 7.69
CA LYS A 75 -8.97 -16.21 8.73
C LYS A 75 -7.65 -15.95 9.43
N GLN A 76 -6.91 -17.00 9.77
CA GLN A 76 -5.52 -16.93 10.22
C GLN A 76 -4.66 -16.10 9.25
N ALA A 77 -4.85 -16.32 7.96
CA ALA A 77 -4.14 -15.58 6.94
C ALA A 77 -4.73 -14.17 6.72
N LYS A 78 -6.03 -13.96 7.01
CA LYS A 78 -6.65 -12.63 6.99
C LYS A 78 -6.10 -11.71 8.07
N ALA A 79 -5.83 -12.24 9.26
CA ALA A 79 -5.05 -11.52 10.29
C ALA A 79 -3.68 -11.08 9.74
N GLU A 80 -3.05 -11.90 8.90
CA GLU A 80 -1.82 -11.49 8.18
C GLU A 80 -2.08 -10.45 7.07
N VAL A 81 -3.15 -10.58 6.28
CA VAL A 81 -3.55 -9.57 5.26
C VAL A 81 -3.75 -8.21 5.92
N GLU A 82 -4.36 -8.21 7.12
CA GLU A 82 -4.55 -7.01 7.93
C GLU A 82 -3.21 -6.35 8.35
N SER A 83 -2.16 -7.13 8.61
CA SER A 83 -0.83 -6.59 8.93
C SER A 83 -0.21 -5.93 7.69
N LYS A 84 -0.34 -6.57 6.52
CA LYS A 84 0.12 -6.01 5.23
C LYS A 84 -0.54 -4.67 4.94
N LYS A 85 -1.86 -4.59 5.10
CA LYS A 85 -2.67 -3.37 4.90
C LYS A 85 -2.31 -2.30 5.92
N ALA A 86 -2.29 -2.64 7.20
CA ALA A 86 -1.95 -1.73 8.30
C ALA A 86 -0.56 -1.11 8.12
N GLU A 87 0.49 -1.89 7.84
CA GLU A 87 1.85 -1.32 7.67
C GLU A 87 1.98 -0.48 6.40
N ALA A 88 1.36 -0.89 5.27
CA ALA A 88 1.29 -0.07 4.06
C ALA A 88 0.69 1.31 4.37
N THR A 89 -0.48 1.30 5.03
CA THR A 89 -1.22 2.51 5.39
C THR A 89 -0.54 3.32 6.51
N ARG A 90 0.25 2.69 7.39
CA ARG A 90 1.12 3.37 8.36
C ARG A 90 2.24 4.14 7.71
N LEU A 91 2.90 3.60 6.68
CA LEU A 91 3.91 4.37 5.93
C LEU A 91 3.28 5.54 5.18
N GLU A 92 2.04 5.40 4.72
CA GLU A 92 1.28 6.53 4.16
C GLU A 92 1.15 7.66 5.20
N LYS A 93 1.12 7.35 6.51
CA LYS A 93 1.18 8.36 7.57
C LYS A 93 2.56 9.01 7.69
N ILE A 94 3.64 8.30 7.36
CA ILE A 94 5.00 8.87 7.28
C ILE A 94 5.11 9.87 6.13
N LYS A 95 4.65 9.49 4.93
CA LYS A 95 4.51 10.44 3.81
C LYS A 95 3.60 11.61 4.13
N THR A 96 2.61 11.41 5.00
CA THR A 96 1.73 12.51 5.47
C THR A 96 2.46 13.44 6.45
N ASP A 97 3.33 12.90 7.30
CA ASP A 97 4.08 13.66 8.31
C ASP A 97 5.19 14.47 7.62
N ARG A 98 5.88 13.82 6.68
CA ARG A 98 6.79 14.45 5.70
C ARG A 98 6.12 15.60 4.95
N LYS A 99 4.94 15.38 4.35
CA LYS A 99 4.16 16.42 3.63
C LYS A 99 3.78 17.60 4.54
N LYS A 100 3.22 17.31 5.72
CA LYS A 100 2.72 18.32 6.69
C LYS A 100 3.78 18.87 7.66
N ALA A 101 5.07 18.64 7.40
CA ALA A 101 6.19 19.12 8.23
C ALA A 101 6.19 20.65 8.49
N GLU A 102 5.56 21.44 7.61
CA GLU A 102 5.31 22.88 7.80
C GLU A 102 4.43 23.22 9.04
N GLU A 103 3.91 22.23 9.77
CA GLU A 103 3.42 22.37 11.16
C GLU A 103 4.45 23.05 12.09
N GLU A 104 5.76 22.84 11.87
CA GLU A 104 6.83 23.55 12.59
C GLU A 104 6.81 25.08 12.39
N ALA A 105 6.16 25.55 11.31
CA ALA A 105 5.87 26.96 11.03
C ALA A 105 4.35 27.26 11.04
N LYS A 106 3.56 26.43 11.76
CA LYS A 106 2.09 26.46 11.88
C LYS A 106 1.35 26.63 10.55
N ARG A 107 1.91 26.07 9.46
CA ARG A 107 1.55 26.29 8.05
C ARG A 107 1.16 27.74 7.71
N LYS A 108 2.04 28.69 8.05
CA LYS A 108 1.93 30.13 7.73
C LYS A 108 1.73 30.47 6.25
N ALA A 109 1.87 29.50 5.34
CA ALA A 109 1.65 29.66 3.89
C ALA A 109 0.25 29.21 3.41
N ALA A 110 -0.49 28.44 4.23
CA ALA A 110 -1.72 27.75 3.84
C ALA A 110 -2.88 27.89 4.86
N GLU A 111 -2.77 28.80 5.84
CA GLU A 111 -3.77 29.04 6.91
C GLU A 111 -5.02 29.81 6.47
N GLU A 112 -5.30 29.90 5.15
CA GLU A 112 -6.37 30.65 4.47
C GLU A 112 -6.28 32.19 4.58
N ASP A 113 -5.76 32.73 5.68
CA ASP A 113 -5.55 34.16 5.93
C ASP A 113 -4.73 34.85 4.83
N LYS A 114 -3.75 34.14 4.27
CA LYS A 114 -2.85 34.64 3.22
C LYS A 114 -3.58 34.94 1.92
N VAL A 115 -4.56 34.11 1.60
CA VAL A 115 -5.46 34.24 0.42
C VAL A 115 -6.21 35.58 0.43
N LYS A 116 -6.60 36.07 1.61
CA LYS A 116 -7.22 37.38 1.82
C LYS A 116 -6.24 38.55 1.62
N GLU A 117 -5.00 38.42 2.10
CA GLU A 117 -3.95 39.44 2.01
C GLU A 117 -3.33 39.55 0.60
N LYS A 118 -3.25 38.44 -0.13
CA LYS A 118 -2.54 38.26 -1.41
C LYS A 118 -1.09 38.80 -1.40
N PRO A 119 -0.20 38.24 -0.56
CA PRO A 119 1.20 38.66 -0.44
C PRO A 119 2.03 38.37 -1.72
N GLY A 1 -17.82 -22.09 -3.77
CA GLY A 1 -16.43 -22.62 -3.66
C GLY A 1 -16.33 -24.04 -4.20
N SER A 2 -15.09 -24.49 -4.44
CA SER A 2 -14.78 -25.81 -5.06
C SER A 2 -15.42 -25.97 -6.45
N HIS A 3 -14.87 -25.25 -7.43
CA HIS A 3 -15.39 -25.09 -8.79
C HIS A 3 -14.22 -25.36 -9.73
N MET A 4 -13.40 -24.30 -9.90
CA MET A 4 -11.98 -24.27 -10.07
C MET A 4 -11.62 -22.93 -9.42
N PRO A 5 -11.04 -22.88 -8.21
CA PRO A 5 -10.60 -21.65 -7.56
C PRO A 5 -9.69 -20.79 -8.44
N GLU A 6 -9.07 -21.40 -9.46
CA GLU A 6 -8.37 -20.76 -10.58
C GLU A 6 -9.18 -19.60 -11.19
N LYS A 7 -10.50 -19.77 -11.31
CA LYS A 7 -11.45 -18.76 -11.79
C LYS A 7 -11.51 -17.54 -10.86
N LYS A 8 -11.63 -17.79 -9.56
CA LYS A 8 -11.68 -16.76 -8.52
C LYS A 8 -10.33 -16.07 -8.33
N VAL A 9 -9.20 -16.78 -8.43
CA VAL A 9 -7.89 -16.09 -8.39
C VAL A 9 -7.63 -15.31 -9.68
N ALA A 10 -8.01 -15.81 -10.86
CA ALA A 10 -7.84 -15.08 -12.13
C ALA A 10 -8.57 -13.71 -12.12
N GLU A 11 -9.85 -13.65 -11.77
CA GLU A 11 -10.56 -12.37 -11.64
C GLU A 11 -10.02 -11.50 -10.49
N ALA A 12 -9.65 -12.08 -9.34
CA ALA A 12 -9.03 -11.36 -8.24
C ALA A 12 -7.58 -10.86 -8.53
N GLU A 13 -6.85 -11.54 -9.40
CA GLU A 13 -5.49 -11.16 -9.84
C GLU A 13 -5.55 -9.88 -10.67
N LYS A 14 -6.65 -9.73 -11.41
CA LYS A 14 -6.96 -8.57 -12.25
C LYS A 14 -7.09 -7.30 -11.41
N LYS A 15 -7.83 -7.43 -10.30
CA LYS A 15 -7.87 -6.45 -9.21
C LYS A 15 -6.50 -6.24 -8.55
N VAL A 16 -5.69 -7.28 -8.39
CA VAL A 16 -4.34 -7.18 -7.80
C VAL A 16 -3.37 -6.42 -8.73
N GLU A 17 -3.56 -6.48 -10.04
CA GLU A 17 -2.80 -5.72 -11.04
C GLU A 17 -3.20 -4.24 -11.04
N GLU A 18 -4.49 -3.93 -10.93
CA GLU A 18 -4.99 -2.57 -10.68
C GLU A 18 -4.44 -1.99 -9.35
N ALA A 19 -4.43 -2.80 -8.28
CA ALA A 19 -3.78 -2.47 -7.02
C ALA A 19 -2.26 -2.16 -7.20
N LYS A 20 -1.53 -3.02 -7.93
CA LYS A 20 -0.11 -2.83 -8.28
C LYS A 20 0.14 -1.53 -9.06
N LYS A 21 -0.69 -1.21 -10.06
CA LYS A 21 -0.67 0.07 -10.81
C LYS A 21 -0.71 1.28 -9.88
N LYS A 22 -1.59 1.30 -8.87
CA LYS A 22 -1.62 2.37 -7.85
C LYS A 22 -0.40 2.37 -6.93
N ALA A 23 0.13 1.21 -6.54
CA ALA A 23 1.43 1.16 -5.86
C ALA A 23 2.58 1.72 -6.72
N GLU A 24 2.54 1.54 -8.05
CA GLU A 24 3.54 2.08 -8.99
C GLU A 24 3.40 3.61 -9.18
N ASP A 25 2.19 4.15 -9.11
CA ASP A 25 1.99 5.61 -9.01
C ASP A 25 2.59 6.20 -7.72
N GLN A 26 2.58 5.44 -6.62
CA GLN A 26 3.19 5.83 -5.35
C GLN A 26 4.72 5.65 -5.36
N LYS A 27 5.21 4.71 -6.17
CA LYS A 27 6.62 4.50 -6.52
C LYS A 27 7.17 5.65 -7.35
N GLU A 28 6.34 6.20 -8.24
CA GLU A 28 6.67 7.44 -8.94
C GLU A 28 6.98 8.60 -8.00
N GLU A 29 6.24 8.76 -6.89
CA GLU A 29 6.65 9.69 -5.84
C GLU A 29 7.99 9.34 -5.17
N ASP A 30 8.27 8.09 -4.86
CA ASP A 30 9.57 7.45 -4.57
C ASP A 30 10.59 7.50 -5.73
N ARG A 31 10.30 8.29 -6.77
CA ARG A 31 11.31 8.97 -7.59
C ARG A 31 10.90 10.40 -7.99
N ARG A 32 10.12 11.06 -7.12
CA ARG A 32 10.27 12.48 -6.73
C ARG A 32 11.05 12.67 -5.42
N ASN A 33 11.00 11.72 -4.47
CA ASN A 33 11.81 11.73 -3.24
C ASN A 33 13.32 11.94 -3.44
N TYR A 34 13.77 11.72 -4.67
CA TYR A 34 15.20 11.89 -5.08
C TYR A 34 15.53 13.11 -5.93
N PRO A 35 14.75 13.38 -6.99
CA PRO A 35 14.66 14.69 -7.62
C PRO A 35 14.49 15.86 -6.66
N THR A 36 13.73 15.66 -5.57
CA THR A 36 13.08 16.78 -4.89
C THR A 36 12.88 16.63 -3.39
N ASN A 37 12.60 15.42 -2.87
CA ASN A 37 11.88 15.26 -1.59
C ASN A 37 10.65 16.17 -1.41
N THR A 38 9.84 16.13 -2.46
CA THR A 38 8.38 16.01 -2.32
C THR A 38 7.99 14.71 -1.67
N TYR A 39 8.64 13.63 -2.17
CA TYR A 39 8.28 12.26 -1.98
C TYR A 39 6.75 12.08 -2.00
N LYS A 40 6.18 11.59 -0.90
CA LYS A 40 4.87 10.96 -0.68
C LYS A 40 4.87 9.47 -0.99
N THR A 41 5.48 8.73 -0.06
CA THR A 41 6.20 7.48 -0.32
C THR A 41 6.15 6.45 0.82
N LEU A 42 5.96 6.85 2.09
CA LEU A 42 5.56 5.91 3.14
C LEU A 42 4.18 5.35 2.80
N GLU A 43 3.34 6.20 2.21
CA GLU A 43 2.11 5.87 1.49
C GLU A 43 2.27 5.00 0.21
N LEU A 44 3.48 4.74 -0.27
CA LEU A 44 3.77 3.60 -1.15
C LEU A 44 3.68 2.32 -0.32
N GLU A 45 4.47 2.21 0.75
CA GLU A 45 4.54 1.01 1.58
C GLU A 45 3.27 0.73 2.41
N ILE A 46 2.51 1.76 2.82
CA ILE A 46 1.12 1.58 3.32
C ILE A 46 0.28 0.85 2.28
N ALA A 47 0.18 1.42 1.08
CA ALA A 47 -0.62 0.86 -0.01
C ALA A 47 -0.13 -0.55 -0.37
N GLU A 48 1.18 -0.73 -0.54
CA GLU A 48 1.80 -2.01 -0.90
C GLU A 48 1.53 -3.08 0.18
N SER A 49 1.67 -2.75 1.46
CA SER A 49 1.37 -3.68 2.56
C SER A 49 -0.10 -4.10 2.60
N ASP A 50 -1.07 -3.18 2.53
CA ASP A 50 -2.50 -3.49 2.37
C ASP A 50 -2.82 -4.30 1.10
N VAL A 51 -2.17 -3.99 -0.03
CA VAL A 51 -2.31 -4.73 -1.30
C VAL A 51 -1.75 -6.15 -1.16
N GLU A 52 -0.69 -6.32 -0.38
CA GLU A 52 -0.17 -7.63 -0.01
C GLU A 52 -1.00 -8.40 1.04
N VAL A 53 -1.97 -7.77 1.70
CA VAL A 53 -2.99 -8.49 2.49
C VAL A 53 -3.87 -9.27 1.51
N LYS A 54 -4.23 -8.58 0.43
CA LYS A 54 -5.02 -9.11 -0.66
C LYS A 54 -4.27 -10.26 -1.32
N LYS A 55 -3.02 -10.01 -1.70
CA LYS A 55 -2.10 -10.99 -2.28
C LYS A 55 -2.03 -12.31 -1.50
N ALA A 56 -1.91 -12.25 -0.18
CA ALA A 56 -1.77 -13.43 0.67
C ALA A 56 -3.05 -14.27 0.66
N GLU A 57 -4.21 -13.61 0.72
CA GLU A 57 -5.48 -14.31 0.73
C GLU A 57 -5.93 -14.80 -0.67
N LEU A 58 -5.53 -14.17 -1.78
CA LEU A 58 -5.75 -14.75 -3.13
C LEU A 58 -5.01 -16.09 -3.28
N GLU A 59 -3.74 -16.18 -2.88
CA GLU A 59 -3.00 -17.46 -2.90
C GLU A 59 -3.70 -18.54 -2.07
N LEU A 60 -4.42 -18.17 -0.99
CA LEU A 60 -5.24 -19.13 -0.24
C LEU A 60 -6.67 -19.36 -0.77
N VAL A 61 -7.21 -18.56 -1.72
CA VAL A 61 -8.39 -18.99 -2.49
C VAL A 61 -8.12 -20.31 -3.21
N LYS A 62 -6.91 -20.44 -3.80
CA LYS A 62 -6.42 -21.74 -4.30
C LYS A 62 -6.35 -22.78 -3.20
N GLU A 63 -5.54 -22.56 -2.15
CA GLU A 63 -5.11 -23.67 -1.32
C GLU A 63 -6.18 -24.11 -0.29
N GLU A 64 -7.35 -23.46 -0.30
CA GLU A 64 -8.54 -23.94 0.39
C GLU A 64 -9.40 -24.87 -0.50
N ALA A 65 -9.70 -24.50 -1.74
CA ALA A 65 -10.60 -25.29 -2.61
C ALA A 65 -9.89 -26.41 -3.40
N LYS A 66 -8.56 -26.47 -3.30
CA LYS A 66 -7.62 -27.52 -3.73
C LYS A 66 -7.73 -28.88 -3.01
N GLU A 67 -8.65 -28.96 -2.06
CA GLU A 67 -8.45 -29.40 -0.71
C GLU A 67 -9.82 -29.51 -0.14
N PRO A 68 -9.88 -30.11 1.06
CA PRO A 68 -11.15 -30.50 1.52
C PRO A 68 -12.00 -29.41 2.12
N ARG A 69 -11.39 -28.26 2.02
CA ARG A 69 -11.68 -27.07 2.68
C ARG A 69 -11.75 -27.29 4.18
N ASN A 70 -10.61 -27.82 4.61
CA ASN A 70 -10.19 -27.73 5.98
C ASN A 70 -9.71 -26.30 6.20
N GLU A 71 -10.70 -25.47 6.49
CA GLU A 71 -10.70 -24.04 6.79
C GLU A 71 -9.53 -23.53 7.66
N GLU A 72 -8.84 -24.42 8.37
CA GLU A 72 -7.56 -24.15 9.03
C GLU A 72 -6.53 -23.52 8.08
N LYS A 73 -6.50 -23.94 6.81
CA LYS A 73 -5.51 -23.47 5.83
C LYS A 73 -5.76 -22.03 5.35
N VAL A 74 -7.01 -21.66 5.03
CA VAL A 74 -7.35 -20.25 4.75
C VAL A 74 -7.12 -19.38 6.00
N LYS A 75 -7.42 -19.89 7.21
CA LYS A 75 -7.16 -19.21 8.50
C LYS A 75 -5.67 -18.98 8.79
N GLN A 76 -4.79 -19.90 8.40
CA GLN A 76 -3.34 -19.69 8.40
C GLN A 76 -2.93 -18.48 7.53
N ALA A 77 -3.61 -18.23 6.41
CA ALA A 77 -3.40 -17.02 5.62
C ALA A 77 -4.12 -15.79 6.21
N LYS A 78 -5.12 -15.98 7.07
CA LYS A 78 -5.76 -14.88 7.80
C LYS A 78 -4.89 -14.35 8.95
N ALA A 79 -4.09 -15.21 9.57
CA ALA A 79 -2.98 -14.79 10.43
C ALA A 79 -1.94 -13.95 9.65
N GLU A 80 -1.73 -14.26 8.36
CA GLU A 80 -0.93 -13.42 7.45
C GLU A 80 -1.62 -12.08 7.16
N VAL A 81 -2.92 -12.10 6.84
CA VAL A 81 -3.74 -10.88 6.64
C VAL A 81 -3.59 -9.92 7.83
N GLU A 82 -3.68 -10.45 9.05
CA GLU A 82 -3.49 -9.68 10.28
C GLU A 82 -2.10 -9.02 10.39
N SER A 83 -1.02 -9.68 9.96
CA SER A 83 0.35 -9.14 10.03
C SER A 83 0.51 -7.97 9.04
N LYS A 84 0.01 -8.18 7.82
CA LYS A 84 0.19 -7.26 6.69
C LYS A 84 -0.74 -6.04 6.79
N LYS A 85 -1.95 -6.23 7.34
CA LYS A 85 -2.84 -5.14 7.75
C LYS A 85 -2.19 -4.29 8.85
N ALA A 86 -1.68 -4.93 9.91
CA ALA A 86 -1.03 -4.25 11.03
C ALA A 86 0.14 -3.35 10.57
N GLU A 87 1.07 -3.86 9.76
CA GLU A 87 2.20 -3.03 9.27
C GLU A 87 1.76 -1.91 8.30
N ALA A 88 0.80 -2.17 7.40
CA ALA A 88 0.21 -1.14 6.53
C ALA A 88 -0.37 0.01 7.37
N THR A 89 -1.19 -0.35 8.35
CA THR A 89 -1.87 0.60 9.26
C THR A 89 -0.90 1.28 10.24
N ARG A 90 0.19 0.62 10.64
CA ARG A 90 1.32 1.22 11.37
C ARG A 90 2.02 2.31 10.56
N LEU A 91 2.24 2.13 9.26
CA LEU A 91 2.71 3.24 8.42
C LEU A 91 1.67 4.36 8.25
N GLU A 92 0.36 4.08 8.35
CA GLU A 92 -0.63 5.17 8.46
C GLU A 92 -0.36 6.06 9.69
N LYS A 93 0.31 5.51 10.72
CA LYS A 93 0.85 6.28 11.86
C LYS A 93 2.14 7.04 11.49
N ILE A 94 3.00 6.52 10.61
CA ILE A 94 4.16 7.25 10.07
C ILE A 94 3.74 8.41 9.17
N LYS A 95 2.67 8.28 8.39
CA LYS A 95 2.02 9.41 7.71
C LYS A 95 1.56 10.53 8.65
N THR A 96 1.09 10.17 9.85
CA THR A 96 0.77 11.15 10.90
C THR A 96 2.02 11.90 11.39
N ASP A 97 3.19 11.23 11.45
CA ASP A 97 4.48 11.89 11.72
C ASP A 97 4.86 12.85 10.58
N ARG A 98 4.68 12.42 9.32
CA ARG A 98 4.96 13.28 8.15
C ARG A 98 4.10 14.55 8.14
N LYS A 99 2.78 14.42 8.37
CA LYS A 99 1.85 15.54 8.55
C LYS A 99 2.31 16.51 9.65
N LYS A 100 2.66 16.00 10.83
CA LYS A 100 3.18 16.79 11.95
C LYS A 100 4.50 17.51 11.63
N ALA A 101 5.44 16.83 10.98
CA ALA A 101 6.70 17.42 10.52
C ALA A 101 6.47 18.55 9.50
N GLU A 102 5.65 18.30 8.47
CA GLU A 102 5.33 19.27 7.40
C GLU A 102 4.63 20.53 7.92
N GLU A 103 3.73 20.40 8.91
CA GLU A 103 3.04 21.51 9.59
C GLU A 103 4.02 22.61 10.05
N GLU A 104 5.13 22.23 10.67
CA GLU A 104 6.17 23.16 11.16
C GLU A 104 7.25 23.47 10.12
N ALA A 105 7.64 22.50 9.28
CA ALA A 105 8.64 22.67 8.22
C ALA A 105 8.22 23.64 7.12
N LYS A 106 6.91 23.79 6.85
CA LYS A 106 6.32 24.77 5.92
C LYS A 106 6.74 26.20 6.31
N ARG A 107 7.64 26.82 5.52
CA ARG A 107 8.16 28.17 5.74
C ARG A 107 8.35 28.88 4.39
N LYS A 108 9.52 29.46 4.13
CA LYS A 108 9.88 30.23 2.93
C LYS A 108 9.89 29.40 1.64
N ALA A 109 10.54 28.24 1.69
CA ALA A 109 10.68 27.30 0.58
C ALA A 109 9.34 26.69 0.11
N ALA A 110 8.28 26.84 0.92
CA ALA A 110 6.93 26.38 0.59
C ALA A 110 6.14 27.36 -0.29
N GLU A 111 6.62 28.60 -0.46
CA GLU A 111 6.01 29.64 -1.29
C GLU A 111 7.00 30.22 -2.32
N GLU A 112 8.25 30.50 -1.92
CA GLU A 112 9.34 31.14 -2.68
C GLU A 112 9.05 32.55 -3.25
N ASP A 113 7.78 32.93 -3.34
CA ASP A 113 7.25 34.13 -3.99
C ASP A 113 7.94 35.43 -3.55
N LYS A 114 8.07 35.62 -2.24
CA LYS A 114 8.75 36.76 -1.61
C LYS A 114 10.25 36.83 -1.90
N VAL A 115 10.89 35.69 -2.13
CA VAL A 115 12.32 35.56 -2.47
C VAL A 115 12.55 35.88 -3.94
N LYS A 116 11.80 35.24 -4.85
CA LYS A 116 11.93 35.43 -6.30
C LYS A 116 11.48 36.81 -6.79
N GLU A 117 10.47 37.41 -6.18
CA GLU A 117 10.08 38.82 -6.44
C GLU A 117 11.02 39.84 -5.79
N LYS A 118 11.61 39.51 -4.63
CA LYS A 118 12.43 40.38 -3.75
C LYS A 118 12.02 41.88 -3.75
N PRO A 119 10.79 42.23 -3.29
CA PRO A 119 10.29 43.60 -3.26
C PRO A 119 11.04 44.51 -2.25
N GLY A 1 -14.00 -16.18 -5.38
CA GLY A 1 -13.53 -17.12 -6.43
C GLY A 1 -13.88 -18.56 -6.08
N SER A 2 -14.67 -19.23 -6.93
CA SER A 2 -15.23 -20.57 -6.68
C SER A 2 -15.35 -21.43 -7.96
N HIS A 3 -14.50 -21.19 -8.96
CA HIS A 3 -14.40 -21.95 -10.21
C HIS A 3 -13.32 -23.02 -10.00
N MET A 4 -12.07 -22.63 -10.33
CA MET A 4 -10.85 -23.04 -9.68
C MET A 4 -10.08 -21.73 -9.52
N PRO A 5 -10.12 -21.05 -8.37
CA PRO A 5 -9.40 -19.81 -8.11
C PRO A 5 -7.89 -19.81 -8.38
N GLU A 6 -7.30 -20.94 -8.78
CA GLU A 6 -6.06 -21.02 -9.57
C GLU A 6 -6.05 -20.00 -10.72
N LYS A 7 -7.17 -19.90 -11.44
CA LYS A 7 -7.44 -18.91 -12.50
C LYS A 7 -7.43 -17.49 -11.97
N LYS A 8 -8.19 -17.26 -10.89
CA LYS A 8 -8.32 -15.95 -10.25
C LYS A 8 -6.99 -15.47 -9.65
N VAL A 9 -6.17 -16.35 -9.06
CA VAL A 9 -4.86 -15.95 -8.51
C VAL A 9 -3.84 -15.65 -9.62
N ALA A 10 -3.83 -16.43 -10.69
CA ALA A 10 -2.97 -16.22 -11.86
C ALA A 10 -3.27 -14.86 -12.52
N GLU A 11 -4.54 -14.49 -12.68
CA GLU A 11 -4.88 -13.14 -13.12
C GLU A 11 -4.61 -12.07 -12.06
N ALA A 12 -4.91 -12.30 -10.79
CA ALA A 12 -4.53 -11.38 -9.71
C ALA A 12 -3.01 -11.27 -9.49
N GLU A 13 -2.22 -12.12 -10.14
CA GLU A 13 -0.74 -12.09 -10.11
C GLU A 13 -0.24 -11.12 -11.18
N LYS A 14 -0.98 -11.03 -12.29
CA LYS A 14 -0.79 -10.04 -13.36
C LYS A 14 -0.95 -8.62 -12.84
N LYS A 15 -1.87 -8.45 -11.90
CA LYS A 15 -2.10 -7.24 -11.12
C LYS A 15 -1.02 -6.97 -10.08
N VAL A 16 -0.65 -8.00 -9.32
CA VAL A 16 0.48 -7.94 -8.35
C VAL A 16 1.79 -7.53 -9.04
N GLU A 17 1.88 -7.70 -10.36
CA GLU A 17 3.02 -7.32 -11.19
C GLU A 17 3.02 -5.82 -11.50
N GLU A 18 1.88 -5.24 -11.90
CA GLU A 18 1.73 -3.79 -12.05
C GLU A 18 1.99 -3.06 -10.72
N ALA A 19 1.48 -3.59 -9.60
CA ALA A 19 1.71 -3.07 -8.26
C ALA A 19 3.22 -3.10 -7.91
N LYS A 20 3.90 -4.23 -8.15
CA LYS A 20 5.36 -4.35 -8.04
C LYS A 20 6.13 -3.34 -8.90
N LYS A 21 5.76 -3.14 -10.18
CA LYS A 21 6.43 -2.20 -11.10
C LYS A 21 6.35 -0.75 -10.62
N LYS A 22 5.19 -0.29 -10.12
CA LYS A 22 5.08 1.02 -9.46
C LYS A 22 5.83 1.10 -8.13
N ALA A 23 5.81 0.04 -7.33
CA ALA A 23 6.71 -0.05 -6.16
C ALA A 23 8.20 -0.02 -6.56
N GLU A 24 8.59 -0.44 -7.77
CA GLU A 24 9.97 -0.40 -8.27
C GLU A 24 10.41 0.99 -8.75
N ASP A 25 9.50 1.79 -9.32
CA ASP A 25 9.71 3.24 -9.50
C ASP A 25 9.92 3.97 -8.17
N GLN A 26 9.26 3.49 -7.12
CA GLN A 26 9.33 4.06 -5.77
C GLN A 26 10.53 3.50 -4.99
N LYS A 27 10.99 2.30 -5.34
CA LYS A 27 12.31 1.77 -5.00
C LYS A 27 13.44 2.60 -5.61
N GLU A 28 13.28 3.00 -6.86
CA GLU A 28 14.17 4.02 -7.46
C GLU A 28 14.22 5.30 -6.60
N GLU A 29 13.19 5.63 -5.80
CA GLU A 29 13.27 6.68 -4.76
C GLU A 29 14.08 6.33 -3.47
N ASP A 30 14.14 5.05 -3.12
CA ASP A 30 14.76 4.27 -2.04
C ASP A 30 15.97 3.47 -2.58
N ARG A 31 16.61 4.04 -3.62
CA ARG A 31 17.79 3.56 -4.35
C ARG A 31 18.50 4.63 -5.21
N ARG A 32 17.81 5.69 -5.66
CA ARG A 32 18.46 7.01 -5.58
C ARG A 32 18.77 7.20 -4.11
N ASN A 33 17.75 7.02 -3.26
CA ASN A 33 17.85 6.68 -1.84
C ASN A 33 18.18 7.99 -1.12
N TYR A 34 19.42 8.38 -1.34
CA TYR A 34 20.23 9.33 -0.54
C TYR A 34 20.68 10.70 -1.12
N PRO A 35 20.58 10.96 -2.43
CA PRO A 35 20.21 12.24 -3.04
C PRO A 35 19.13 12.96 -2.25
N THR A 36 18.12 12.17 -1.92
CA THR A 36 16.89 12.58 -1.25
C THR A 36 17.04 12.42 0.26
N ASN A 37 17.50 11.25 0.71
CA ASN A 37 17.61 10.79 2.10
C ASN A 37 16.37 10.98 2.97
N THR A 38 15.27 11.03 2.25
CA THR A 38 13.98 10.50 2.68
C THR A 38 13.78 9.06 2.19
N TYR A 39 14.56 8.58 1.18
CA TYR A 39 14.57 7.19 0.67
C TYR A 39 13.30 6.32 0.75
N LYS A 40 12.89 5.85 1.95
CA LYS A 40 11.73 5.01 2.19
C LYS A 40 10.42 5.75 1.96
N THR A 41 10.51 7.07 1.76
CA THR A 41 9.61 7.96 1.02
C THR A 41 8.19 7.39 0.97
N LEU A 42 7.44 7.70 2.03
CA LEU A 42 6.28 6.89 2.45
C LEU A 42 5.25 6.47 1.38
N GLU A 43 5.16 7.09 0.19
CA GLU A 43 4.49 6.47 -0.98
C GLU A 43 5.04 5.07 -1.38
N LEU A 44 6.36 4.86 -1.33
CA LEU A 44 7.02 3.56 -1.36
C LEU A 44 6.55 2.71 -0.18
N GLU A 45 6.62 3.23 1.05
CA GLU A 45 6.25 2.43 2.24
C GLU A 45 4.79 1.94 2.20
N ILE A 46 3.86 2.79 1.75
CA ILE A 46 2.46 2.48 1.40
C ILE A 46 2.41 1.36 0.36
N ALA A 47 3.08 1.52 -0.77
CA ALA A 47 3.09 0.54 -1.85
C ALA A 47 3.64 -0.82 -1.40
N GLU A 48 4.74 -0.85 -0.63
CA GLU A 48 5.30 -2.11 -0.10
C GLU A 48 4.34 -2.82 0.86
N SER A 49 3.62 -2.06 1.70
CA SER A 49 2.60 -2.60 2.60
C SER A 49 1.35 -3.09 1.83
N ASP A 50 0.74 -2.26 0.97
CA ASP A 50 -0.45 -2.59 0.19
C ASP A 50 -0.20 -3.75 -0.81
N VAL A 51 0.98 -3.84 -1.43
CA VAL A 51 1.29 -4.93 -2.36
C VAL A 51 1.35 -6.28 -1.65
N GLU A 52 1.74 -6.29 -0.38
CA GLU A 52 1.63 -7.47 0.47
C GLU A 52 0.22 -7.73 1.03
N VAL A 53 -0.69 -6.73 1.06
CA VAL A 53 -2.13 -7.00 1.29
C VAL A 53 -2.66 -7.81 0.12
N LYS A 54 -2.22 -7.43 -1.08
CA LYS A 54 -2.56 -8.06 -2.34
C LYS A 54 -2.06 -9.49 -2.31
N LYS A 55 -0.79 -9.69 -1.95
CA LYS A 55 -0.20 -11.01 -1.75
C LYS A 55 -1.02 -11.91 -0.83
N ALA A 56 -1.45 -11.40 0.32
CA ALA A 56 -2.22 -12.15 1.30
C ALA A 56 -3.63 -12.48 0.78
N GLU A 57 -4.27 -11.55 0.06
CA GLU A 57 -5.59 -11.77 -0.52
C GLU A 57 -5.57 -12.74 -1.70
N LEU A 58 -4.48 -12.84 -2.49
CA LEU A 58 -4.36 -13.87 -3.52
C LEU A 58 -4.33 -15.29 -2.89
N GLU A 59 -3.55 -15.51 -1.84
CA GLU A 59 -3.56 -16.79 -1.11
C GLU A 59 -4.96 -17.15 -0.58
N LEU A 60 -5.65 -16.19 0.06
CA LEU A 60 -7.04 -16.30 0.46
C LEU A 60 -8.00 -16.64 -0.69
N VAL A 61 -7.88 -16.10 -1.91
CA VAL A 61 -8.78 -16.46 -3.02
C VAL A 61 -8.81 -17.97 -3.30
N LYS A 62 -7.65 -18.64 -3.26
CA LYS A 62 -7.57 -20.10 -3.25
C LYS A 62 -8.36 -20.69 -2.08
N GLU A 63 -8.17 -20.19 -0.86
CA GLU A 63 -8.85 -20.74 0.31
C GLU A 63 -10.39 -20.57 0.20
N GLU A 64 -10.91 -19.53 -0.46
CA GLU A 64 -12.36 -19.37 -0.70
C GLU A 64 -12.99 -20.59 -1.38
N ALA A 65 -12.33 -21.16 -2.39
CA ALA A 65 -12.78 -22.47 -2.91
C ALA A 65 -12.34 -23.66 -2.02
N LYS A 66 -11.06 -23.67 -1.63
CA LYS A 66 -10.32 -24.89 -1.26
C LYS A 66 -10.50 -25.41 0.16
N GLU A 67 -10.89 -24.57 1.11
CA GLU A 67 -10.57 -24.73 2.53
C GLU A 67 -11.41 -25.54 3.52
N PRO A 68 -12.07 -26.57 3.04
CA PRO A 68 -13.09 -26.49 2.03
C PRO A 68 -14.24 -25.59 2.40
N ARG A 69 -13.84 -24.34 2.30
CA ARG A 69 -14.36 -23.24 3.01
C ARG A 69 -14.91 -23.61 4.40
N ASN A 70 -14.02 -24.13 5.24
CA ASN A 70 -14.29 -24.47 6.64
C ASN A 70 -14.08 -23.29 7.62
N GLU A 71 -13.77 -22.11 7.10
CA GLU A 71 -13.89 -20.80 7.70
C GLU A 71 -12.73 -20.38 8.62
N GLU A 72 -11.93 -21.31 9.15
CA GLU A 72 -10.79 -21.01 10.02
C GLU A 72 -9.57 -20.50 9.23
N LYS A 73 -9.17 -21.19 8.16
CA LYS A 73 -7.91 -20.91 7.44
C LYS A 73 -8.04 -19.82 6.39
N VAL A 74 -9.24 -19.56 5.86
CA VAL A 74 -9.55 -18.30 5.17
C VAL A 74 -9.33 -17.11 6.11
N LYS A 75 -9.83 -17.17 7.36
CA LYS A 75 -9.62 -16.12 8.37
C LYS A 75 -8.17 -15.87 8.72
N GLN A 76 -7.34 -16.92 8.76
CA GLN A 76 -5.90 -16.77 8.91
C GLN A 76 -5.29 -15.86 7.82
N ALA A 77 -5.70 -16.00 6.56
CA ALA A 77 -5.13 -15.19 5.48
C ALA A 77 -5.74 -13.78 5.49
N LYS A 78 -7.03 -13.69 5.84
CA LYS A 78 -7.74 -12.41 6.00
C LYS A 78 -7.21 -11.57 7.17
N ALA A 79 -6.70 -12.18 8.24
CA ALA A 79 -6.01 -11.51 9.33
C ALA A 79 -4.73 -10.81 8.86
N GLU A 80 -3.95 -11.46 7.98
CA GLU A 80 -2.77 -10.86 7.34
C GLU A 80 -3.17 -9.68 6.43
N VAL A 81 -4.20 -9.87 5.58
CA VAL A 81 -4.81 -8.78 4.79
C VAL A 81 -5.18 -7.60 5.69
N GLU A 82 -5.90 -7.85 6.78
CA GLU A 82 -6.40 -6.82 7.70
C GLU A 82 -5.26 -6.04 8.38
N SER A 83 -4.22 -6.75 8.86
CA SER A 83 -3.08 -6.14 9.55
C SER A 83 -2.28 -5.26 8.58
N LYS A 84 -1.96 -5.82 7.40
CA LYS A 84 -1.17 -5.14 6.37
C LYS A 84 -1.90 -3.93 5.77
N LYS A 85 -3.23 -4.01 5.58
CA LYS A 85 -4.08 -2.92 5.07
C LYS A 85 -4.14 -1.75 6.04
N ALA A 86 -4.26 -2.03 7.33
CA ALA A 86 -4.34 -1.01 8.38
C ALA A 86 -3.00 -0.28 8.53
N GLU A 87 -1.90 -1.04 8.51
CA GLU A 87 -0.53 -0.53 8.36
C GLU A 87 -0.40 0.36 7.11
N ALA A 88 -0.55 -0.19 5.90
CA ALA A 88 -0.42 0.52 4.61
C ALA A 88 -1.15 1.85 4.58
N THR A 89 -2.40 1.84 5.01
CA THR A 89 -3.25 3.04 5.00
C THR A 89 -3.00 3.99 6.19
N ARG A 90 -2.31 3.54 7.25
CA ARG A 90 -1.65 4.43 8.24
C ARG A 90 -0.39 5.11 7.67
N LEU A 91 0.36 4.48 6.76
CA LEU A 91 1.48 5.16 6.08
C LEU A 91 0.97 6.29 5.18
N GLU A 92 -0.26 6.15 4.67
CA GLU A 92 -1.01 7.23 4.02
C GLU A 92 -1.13 8.47 4.92
N LYS A 93 -1.50 8.25 6.20
CA LYS A 93 -1.58 9.30 7.20
C LYS A 93 -0.20 9.84 7.59
N ILE A 94 0.86 9.01 7.55
CA ILE A 94 2.25 9.46 7.74
C ILE A 94 2.74 10.34 6.59
N LYS A 95 2.54 9.98 5.31
CA LYS A 95 2.87 10.94 4.21
C LYS A 95 2.09 12.26 4.33
N THR A 96 0.84 12.22 4.78
CA THR A 96 0.01 13.41 5.05
C THR A 96 0.55 14.24 6.23
N ASP A 97 0.93 13.58 7.33
CA ASP A 97 1.50 14.22 8.53
C ASP A 97 2.87 14.84 8.21
N ARG A 98 3.72 14.09 7.50
CA ARG A 98 4.98 14.60 6.92
C ARG A 98 4.78 15.85 6.06
N LYS A 99 3.82 15.83 5.11
CA LYS A 99 3.46 17.02 4.30
C LYS A 99 3.08 18.21 5.19
N LYS A 100 2.19 18.01 6.17
CA LYS A 100 1.75 19.07 7.10
C LYS A 100 2.88 19.61 7.99
N ALA A 101 3.81 18.77 8.43
CA ALA A 101 4.95 19.16 9.27
C ALA A 101 5.87 20.22 8.63
N GLU A 102 5.90 20.36 7.30
CA GLU A 102 6.62 21.41 6.58
C GLU A 102 6.03 22.84 6.78
N GLU A 103 4.92 22.98 7.52
CA GLU A 103 4.26 24.25 7.86
C GLU A 103 5.22 25.37 8.28
N GLU A 104 6.22 25.08 9.13
CA GLU A 104 7.17 26.08 9.62
C GLU A 104 8.04 26.72 8.52
N ALA A 105 8.25 26.03 7.39
CA ALA A 105 8.82 26.61 6.17
C ALA A 105 7.76 27.39 5.36
N LYS A 106 6.54 26.86 5.24
CA LYS A 106 5.43 27.45 4.46
C LYS A 106 4.86 28.76 5.03
N ARG A 107 4.89 28.98 6.35
CA ARG A 107 4.42 30.21 7.05
C ARG A 107 5.37 31.40 6.84
N LYS A 108 5.48 31.82 5.58
CA LYS A 108 6.16 33.05 5.08
C LYS A 108 5.49 34.38 5.43
N ALA A 109 4.45 34.35 6.27
CA ALA A 109 3.62 35.47 6.74
C ALA A 109 2.77 36.15 5.64
N ALA A 110 2.38 35.38 4.61
CA ALA A 110 1.36 35.72 3.63
C ALA A 110 0.54 34.47 3.28
N GLU A 111 1.24 33.36 2.99
CA GLU A 111 0.66 32.04 2.74
C GLU A 111 0.05 31.40 4.01
N GLU A 112 0.45 31.87 5.19
CA GLU A 112 -0.13 31.51 6.49
C GLU A 112 -1.67 31.62 6.52
N ASP A 113 -2.22 32.59 5.78
CA ASP A 113 -3.66 32.78 5.60
C ASP A 113 -4.40 31.53 5.12
N LYS A 114 -3.75 30.71 4.27
CA LYS A 114 -4.20 29.41 3.80
C LYS A 114 -3.74 28.28 4.74
N VAL A 115 -2.43 28.26 5.02
CA VAL A 115 -1.70 27.20 5.76
C VAL A 115 -2.20 27.00 7.20
N LYS A 116 -2.87 28.00 7.81
CA LYS A 116 -3.55 27.85 9.10
C LYS A 116 -4.67 26.79 9.12
N GLU A 117 -5.19 26.41 7.95
CA GLU A 117 -6.23 25.38 7.75
C GLU A 117 -5.79 24.29 6.76
N LYS A 118 -5.28 24.68 5.58
CA LYS A 118 -4.74 23.79 4.55
C LYS A 118 -3.37 23.19 4.95
N PRO A 119 -2.86 22.14 4.25
CA PRO A 119 -1.51 21.61 4.45
C PRO A 119 -0.41 22.69 4.43
N GLY A 1 -13.32 -28.91 -2.78
CA GLY A 1 -12.71 -29.25 -4.08
C GLY A 1 -11.42 -28.48 -4.29
N SER A 2 -10.33 -29.16 -4.65
CA SER A 2 -8.94 -28.65 -4.55
C SER A 2 -8.28 -28.24 -5.87
N HIS A 3 -8.94 -28.47 -7.01
CA HIS A 3 -8.43 -28.32 -8.39
C HIS A 3 -9.48 -27.61 -9.26
N MET A 4 -9.68 -26.36 -8.86
CA MET A 4 -10.78 -25.43 -9.12
C MET A 4 -10.42 -24.11 -8.41
N PRO A 5 -10.13 -24.11 -7.08
CA PRO A 5 -9.62 -22.92 -6.41
C PRO A 5 -8.21 -22.59 -6.87
N GLU A 6 -7.33 -23.58 -6.93
CA GLU A 6 -5.95 -23.44 -7.37
C GLU A 6 -5.83 -22.86 -8.78
N LYS A 7 -6.79 -23.20 -9.65
CA LYS A 7 -6.93 -22.64 -11.01
C LYS A 7 -7.25 -21.14 -11.00
N LYS A 8 -8.16 -20.71 -10.12
CA LYS A 8 -8.46 -19.30 -9.89
C LYS A 8 -7.30 -18.55 -9.23
N VAL A 9 -6.62 -19.20 -8.30
CA VAL A 9 -5.40 -18.69 -7.63
C VAL A 9 -4.22 -18.58 -8.61
N ALA A 10 -4.15 -19.38 -9.67
CA ALA A 10 -3.16 -19.25 -10.75
C ALA A 10 -3.50 -18.10 -11.72
N GLU A 11 -4.76 -17.97 -12.12
CA GLU A 11 -5.24 -16.78 -12.85
C GLU A 11 -5.04 -15.48 -12.05
N ALA A 12 -5.25 -15.51 -10.74
CA ALA A 12 -4.96 -14.41 -9.84
C ALA A 12 -3.50 -14.35 -9.35
N GLU A 13 -2.65 -15.32 -9.66
CA GLU A 13 -1.19 -15.15 -9.57
C GLU A 13 -0.77 -14.17 -10.67
N LYS A 14 -1.39 -14.27 -11.84
CA LYS A 14 -1.12 -13.41 -12.98
C LYS A 14 -1.47 -11.95 -12.68
N LYS A 15 -2.59 -11.76 -11.97
CA LYS A 15 -2.96 -10.51 -11.31
C LYS A 15 -1.93 -10.04 -10.27
N VAL A 16 -1.46 -10.93 -9.41
CA VAL A 16 -0.44 -10.62 -8.38
C VAL A 16 0.87 -10.19 -9.03
N GLU A 17 1.11 -10.68 -10.24
CA GLU A 17 2.31 -10.47 -11.05
C GLU A 17 2.29 -9.09 -11.73
N GLU A 18 1.17 -8.67 -12.35
CA GLU A 18 1.02 -7.27 -12.79
C GLU A 18 0.98 -6.27 -11.62
N ALA A 19 0.35 -6.62 -10.48
CA ALA A 19 0.44 -5.86 -9.23
C ALA A 19 1.91 -5.69 -8.76
N LYS A 20 2.69 -6.77 -8.69
CA LYS A 20 4.14 -6.74 -8.38
C LYS A 20 4.93 -5.90 -9.39
N LYS A 21 4.67 -6.05 -10.69
CA LYS A 21 5.29 -5.22 -11.74
C LYS A 21 4.93 -3.73 -11.62
N LYS A 22 3.76 -3.35 -11.09
CA LYS A 22 3.52 -1.95 -10.71
C LYS A 22 4.40 -1.46 -9.55
N ALA A 23 4.69 -2.30 -8.56
CA ALA A 23 5.73 -1.94 -7.58
C ALA A 23 7.13 -1.83 -8.21
N GLU A 24 7.45 -2.63 -9.23
CA GLU A 24 8.65 -2.42 -10.08
C GLU A 24 8.62 -1.08 -10.85
N ASP A 25 7.43 -0.53 -11.18
CA ASP A 25 7.30 0.84 -11.71
C ASP A 25 7.74 1.90 -10.68
N GLN A 26 7.63 1.57 -9.40
CA GLN A 26 7.99 2.45 -8.28
C GLN A 26 9.45 2.21 -7.84
N LYS A 27 10.01 1.03 -8.10
CA LYS A 27 11.46 0.83 -8.15
C LYS A 27 12.12 1.70 -9.19
N GLU A 28 11.55 1.73 -10.39
CA GLU A 28 11.99 2.67 -11.42
C GLU A 28 12.00 4.12 -10.90
N GLU A 29 11.07 4.50 -10.01
CA GLU A 29 11.17 5.74 -9.24
C GLU A 29 12.43 5.79 -8.33
N ASP A 30 12.68 4.82 -7.44
CA ASP A 30 13.85 4.54 -6.61
C ASP A 30 15.11 4.20 -7.43
N ARG A 31 15.12 4.60 -8.71
CA ARG A 31 16.23 4.59 -9.64
C ARG A 31 16.37 5.92 -10.39
N ARG A 32 15.24 6.55 -10.73
CA ARG A 32 15.19 7.89 -11.37
C ARG A 32 15.26 9.04 -10.40
N ASN A 33 14.95 8.73 -9.16
CA ASN A 33 14.73 9.70 -8.09
C ASN A 33 15.86 9.68 -7.04
N TYR A 34 16.87 8.83 -7.25
CA TYR A 34 18.29 8.89 -6.81
C TYR A 34 19.12 10.07 -7.32
N PRO A 35 19.10 10.34 -8.63
CA PRO A 35 19.38 11.62 -9.26
C PRO A 35 19.03 12.84 -8.41
N THR A 36 17.85 12.74 -7.79
CA THR A 36 17.22 13.75 -6.94
C THR A 36 17.31 13.43 -5.44
N ASN A 37 17.54 12.17 -5.08
CA ASN A 37 17.47 11.53 -3.78
C ASN A 37 16.26 11.90 -2.93
N THR A 38 15.11 11.72 -3.58
CA THR A 38 13.84 11.40 -2.94
C THR A 38 13.39 9.95 -3.22
N TYR A 39 14.11 9.22 -4.09
CA TYR A 39 14.18 7.75 -4.28
C TYR A 39 13.34 6.79 -3.41
N LYS A 40 13.34 6.92 -2.07
CA LYS A 40 12.74 6.04 -1.09
C LYS A 40 11.25 6.33 -1.03
N THR A 41 10.63 6.04 -2.16
CA THR A 41 9.34 6.55 -2.58
C THR A 41 8.27 5.74 -1.85
N LEU A 42 7.66 6.36 -0.85
CA LEU A 42 6.68 5.65 0.01
C LEU A 42 5.53 5.01 -0.79
N GLU A 43 5.22 5.47 -2.00
CA GLU A 43 4.31 4.79 -2.93
C GLU A 43 4.81 3.47 -3.55
N LEU A 44 6.13 3.22 -3.58
CA LEU A 44 6.70 1.88 -3.70
C LEU A 44 6.23 1.01 -2.52
N GLU A 45 6.39 1.50 -1.29
CA GLU A 45 5.93 0.79 -0.09
C GLU A 45 4.41 0.62 -0.03
N ILE A 46 3.60 1.59 -0.47
CA ILE A 46 2.15 1.40 -0.72
C ILE A 46 1.90 0.21 -1.65
N ALA A 47 2.47 0.26 -2.87
CA ALA A 47 2.25 -0.76 -3.88
C ALA A 47 2.71 -2.15 -3.39
N GLU A 48 3.88 -2.22 -2.73
CA GLU A 48 4.43 -3.46 -2.17
C GLU A 48 3.54 -4.01 -1.04
N SER A 49 3.18 -3.20 -0.05
CA SER A 49 2.34 -3.63 1.07
C SER A 49 0.94 -4.08 0.61
N ASP A 50 0.26 -3.33 -0.27
CA ASP A 50 -0.98 -3.80 -0.92
C ASP A 50 -0.79 -5.08 -1.75
N VAL A 51 0.32 -5.25 -2.48
CA VAL A 51 0.61 -6.46 -3.29
C VAL A 51 0.72 -7.70 -2.40
N GLU A 52 1.28 -7.56 -1.22
CA GLU A 52 1.36 -8.64 -0.25
C GLU A 52 0.03 -8.90 0.50
N VAL A 53 -0.90 -7.95 0.55
CA VAL A 53 -2.28 -8.19 1.01
C VAL A 53 -2.99 -9.05 -0.03
N LYS A 54 -2.71 -8.80 -1.30
CA LYS A 54 -3.21 -9.55 -2.45
C LYS A 54 -2.69 -10.98 -2.39
N LYS A 55 -1.38 -11.11 -2.21
CA LYS A 55 -0.70 -12.38 -2.01
C LYS A 55 -1.38 -13.23 -0.94
N ALA A 56 -1.65 -12.64 0.21
CA ALA A 56 -2.26 -13.36 1.33
C ALA A 56 -3.70 -13.81 1.02
N GLU A 57 -4.51 -12.95 0.40
CA GLU A 57 -5.87 -13.30 -0.04
C GLU A 57 -5.90 -14.48 -1.01
N LEU A 58 -5.10 -14.44 -2.09
CA LEU A 58 -5.05 -15.54 -3.04
C LEU A 58 -4.47 -16.83 -2.44
N GLU A 59 -3.60 -16.76 -1.42
CA GLU A 59 -3.22 -17.95 -0.66
C GLU A 59 -4.43 -18.54 0.08
N LEU A 60 -5.24 -17.72 0.75
CA LEU A 60 -6.45 -18.17 1.39
C LEU A 60 -7.58 -18.60 0.45
N VAL A 61 -7.63 -18.18 -0.83
CA VAL A 61 -8.55 -18.78 -1.81
C VAL A 61 -8.28 -20.29 -1.97
N LYS A 62 -7.00 -20.71 -1.91
CA LYS A 62 -6.66 -22.14 -1.76
C LYS A 62 -7.20 -22.70 -0.46
N GLU A 63 -6.80 -22.14 0.68
CA GLU A 63 -6.95 -22.77 1.99
C GLU A 63 -8.42 -22.90 2.40
N GLU A 64 -9.29 -22.01 1.92
CA GLU A 64 -10.73 -22.13 2.13
C GLU A 64 -11.34 -23.32 1.36
N ALA A 65 -11.02 -23.49 0.08
CA ALA A 65 -11.64 -24.53 -0.76
C ALA A 65 -10.99 -25.93 -0.60
N LYS A 66 -9.77 -25.97 -0.05
CA LYS A 66 -9.06 -27.14 0.52
C LYS A 66 -9.67 -27.67 1.81
N GLU A 67 -10.31 -26.78 2.57
CA GLU A 67 -11.18 -27.04 3.68
C GLU A 67 -12.52 -27.26 3.10
N PRO A 68 -13.49 -27.60 3.95
CA PRO A 68 -14.79 -27.82 3.43
C PRO A 68 -15.62 -26.58 3.20
N ARG A 69 -14.81 -25.57 3.03
CA ARG A 69 -15.06 -24.20 3.21
C ARG A 69 -15.72 -23.98 4.56
N ASN A 70 -14.93 -24.46 5.51
CA ASN A 70 -14.92 -24.04 6.88
C ASN A 70 -14.28 -22.65 6.94
N GLU A 71 -15.11 -21.70 6.57
CA GLU A 71 -14.92 -20.25 6.49
C GLU A 71 -14.09 -19.65 7.63
N GLU A 72 -14.14 -20.25 8.81
CA GLU A 72 -13.39 -19.81 9.98
C GLU A 72 -11.89 -19.73 9.72
N LYS A 73 -11.32 -20.60 8.87
CA LYS A 73 -9.87 -20.67 8.65
C LYS A 73 -9.33 -19.60 7.71
N VAL A 74 -10.03 -19.31 6.61
CA VAL A 74 -9.76 -18.11 5.79
C VAL A 74 -9.94 -16.84 6.64
N LYS A 75 -11.05 -16.74 7.39
CA LYS A 75 -11.38 -15.56 8.21
C LYS A 75 -10.38 -15.24 9.32
N GLN A 76 -9.91 -16.25 10.03
CA GLN A 76 -8.78 -16.15 10.96
C GLN A 76 -7.58 -15.45 10.32
N ALA A 77 -7.20 -15.88 9.11
CA ALA A 77 -6.03 -15.33 8.45
C ALA A 77 -6.36 -13.93 7.91
N LYS A 78 -7.57 -13.74 7.38
CA LYS A 78 -8.05 -12.48 6.83
C LYS A 78 -8.12 -11.35 7.86
N ALA A 79 -8.48 -11.64 9.11
CA ALA A 79 -8.37 -10.68 10.21
C ALA A 79 -6.93 -10.18 10.40
N GLU A 80 -5.94 -11.08 10.32
CA GLU A 80 -4.52 -10.69 10.29
C GLU A 80 -4.15 -9.91 9.02
N VAL A 81 -4.66 -10.29 7.84
CA VAL A 81 -4.40 -9.58 6.58
C VAL A 81 -5.02 -8.17 6.59
N GLU A 82 -6.13 -7.98 7.28
CA GLU A 82 -6.75 -6.67 7.46
C GLU A 82 -5.90 -5.72 8.32
N SER A 83 -5.08 -6.23 9.25
CA SER A 83 -4.05 -5.41 9.92
C SER A 83 -3.00 -4.95 8.91
N LYS A 84 -2.62 -5.82 7.97
CA LYS A 84 -1.68 -5.50 6.89
C LYS A 84 -2.25 -4.53 5.85
N LYS A 85 -3.53 -4.61 5.48
CA LYS A 85 -4.21 -3.62 4.62
C LYS A 85 -4.30 -2.25 5.30
N ALA A 86 -4.50 -2.23 6.63
CA ALA A 86 -4.60 -1.02 7.43
C ALA A 86 -3.24 -0.29 7.48
N GLU A 87 -2.15 -1.04 7.59
CA GLU A 87 -0.78 -0.59 7.35
C GLU A 87 -0.59 -0.04 5.93
N ALA A 88 -0.81 -0.84 4.89
CA ALA A 88 -0.70 -0.46 3.47
C ALA A 88 -1.38 0.86 3.12
N THR A 89 -2.63 1.00 3.56
CA THR A 89 -3.43 2.21 3.33
C THR A 89 -3.04 3.38 4.28
N ARG A 90 -2.25 3.12 5.33
CA ARG A 90 -1.51 4.14 6.09
C ARG A 90 -0.13 4.50 5.50
N LEU A 91 0.43 3.74 4.57
CA LEU A 91 1.52 4.27 3.71
C LEU A 91 0.93 5.33 2.76
N GLU A 92 -0.34 5.19 2.36
CA GLU A 92 -1.09 6.26 1.68
C GLU A 92 -1.13 7.55 2.50
N LYS A 93 -1.42 7.45 3.82
CA LYS A 93 -1.30 8.57 4.76
C LYS A 93 0.14 9.07 4.91
N ILE A 94 1.14 8.19 4.97
CA ILE A 94 2.57 8.59 5.10
C ILE A 94 3.07 9.40 3.89
N LYS A 95 2.79 8.99 2.65
CA LYS A 95 3.11 9.84 1.48
C LYS A 95 2.38 11.19 1.52
N THR A 96 1.16 11.22 2.07
CA THR A 96 0.37 12.47 2.21
C THR A 96 0.99 13.39 3.25
N ASP A 97 1.47 12.85 4.36
CA ASP A 97 2.20 13.60 5.40
C ASP A 97 3.49 14.23 4.87
N ARG A 98 4.25 13.48 4.03
CA ARG A 98 5.43 14.00 3.31
C ARG A 98 5.05 15.10 2.30
N LYS A 99 3.95 14.93 1.54
CA LYS A 99 3.42 15.91 0.59
C LYS A 99 3.06 17.24 1.26
N LYS A 100 2.24 17.22 2.33
CA LYS A 100 1.80 18.44 3.04
C LYS A 100 2.90 19.11 3.88
N ALA A 101 3.77 18.31 4.50
CA ALA A 101 4.78 18.67 5.52
C ALA A 101 4.23 19.27 6.83
N GLU A 102 3.23 20.15 6.76
CA GLU A 102 2.53 20.90 7.81
C GLU A 102 3.38 21.88 8.64
N GLU A 103 4.63 21.53 8.96
CA GLU A 103 5.58 22.39 9.68
C GLU A 103 5.92 23.68 8.92
N GLU A 104 5.89 23.63 7.58
CA GLU A 104 6.11 24.77 6.69
C GLU A 104 4.92 25.74 6.57
N ALA A 105 3.75 25.44 7.15
CA ALA A 105 2.54 26.27 7.01
C ALA A 105 2.74 27.75 7.46
N LYS A 106 3.66 27.99 8.41
CA LYS A 106 4.08 29.30 8.91
C LYS A 106 4.85 30.20 7.92
N ARG A 107 5.38 29.64 6.81
CA ARG A 107 6.45 30.17 5.93
C ARG A 107 6.55 31.70 5.86
N LYS A 108 5.50 32.32 5.30
CA LYS A 108 5.24 33.77 5.27
C LYS A 108 3.93 34.14 5.96
N ALA A 109 3.13 33.15 6.35
CA ALA A 109 1.85 33.32 7.05
C ALA A 109 1.98 34.04 8.41
N ALA A 110 3.10 33.86 9.13
CA ALA A 110 3.36 34.54 10.39
C ALA A 110 3.49 36.06 10.21
N GLU A 111 4.23 36.48 9.18
CA GLU A 111 4.40 37.87 8.75
C GLU A 111 3.10 38.45 8.17
N GLU A 112 2.38 37.68 7.35
CA GLU A 112 1.07 38.06 6.77
C GLU A 112 0.07 38.55 7.82
N ASP A 113 0.01 37.85 8.96
CA ASP A 113 -0.83 38.18 10.10
C ASP A 113 -0.50 39.55 10.73
N LYS A 114 0.71 40.07 10.54
CA LYS A 114 1.14 41.41 10.99
C LYS A 114 0.83 42.44 9.92
N VAL A 115 1.36 42.26 8.72
CA VAL A 115 1.28 43.24 7.62
C VAL A 115 -0.15 43.50 7.11
N LYS A 116 -1.13 42.62 7.40
CA LYS A 116 -2.56 42.91 7.18
C LYS A 116 -3.05 44.17 7.92
N GLU A 117 -2.49 44.45 9.10
CA GLU A 117 -2.78 45.65 9.91
C GLU A 117 -1.93 46.88 9.50
N LYS A 118 -0.90 46.66 8.66
CA LYS A 118 0.11 47.64 8.22
C LYS A 118 0.75 48.44 9.38
N PRO A 119 1.58 47.79 10.24
CA PRO A 119 2.31 48.42 11.34
C PRO A 119 3.11 49.69 10.95
N GLY A 1 -13.10 -27.45 -2.56
CA GLY A 1 -12.57 -27.48 -3.94
C GLY A 1 -11.07 -27.22 -3.97
N SER A 2 -10.32 -27.94 -4.81
CA SER A 2 -8.84 -27.93 -4.85
C SER A 2 -8.22 -27.76 -6.24
N HIS A 3 -9.01 -27.36 -7.25
CA HIS A 3 -8.57 -27.24 -8.65
C HIS A 3 -9.35 -26.14 -9.39
N MET A 4 -9.44 -25.01 -8.69
CA MET A 4 -10.11 -23.76 -9.03
C MET A 4 -9.49 -22.65 -8.17
N PRO A 5 -9.43 -22.75 -6.82
CA PRO A 5 -8.71 -21.77 -6.01
C PRO A 5 -7.20 -21.87 -6.19
N GLU A 6 -6.67 -23.09 -6.33
CA GLU A 6 -5.23 -23.33 -6.52
C GLU A 6 -4.75 -22.75 -7.86
N LYS A 7 -5.60 -22.88 -8.87
CA LYS A 7 -5.41 -22.30 -10.21
C LYS A 7 -5.45 -20.78 -10.17
N LYS A 8 -6.37 -20.22 -9.36
CA LYS A 8 -6.54 -18.78 -9.22
C LYS A 8 -5.37 -18.14 -8.48
N VAL A 9 -4.86 -18.75 -7.41
CA VAL A 9 -3.68 -18.21 -6.71
C VAL A 9 -2.38 -18.34 -7.52
N ALA A 10 -2.28 -19.38 -8.35
CA ALA A 10 -1.12 -19.66 -9.20
C ALA A 10 -1.04 -18.65 -10.37
N GLU A 11 -2.16 -18.39 -11.05
CA GLU A 11 -2.29 -17.21 -11.90
C GLU A 11 -1.97 -15.93 -11.12
N ALA A 12 -2.59 -15.70 -9.96
CA ALA A 12 -2.28 -14.51 -9.17
C ALA A 12 -0.87 -14.48 -8.55
N GLU A 13 -0.05 -15.52 -8.71
CA GLU A 13 1.36 -15.53 -8.28
C GLU A 13 2.20 -14.83 -9.34
N LYS A 14 1.86 -15.03 -10.60
CA LYS A 14 2.40 -14.31 -11.77
C LYS A 14 2.25 -12.80 -11.58
N LYS A 15 1.06 -12.41 -11.13
CA LYS A 15 0.69 -11.05 -10.75
C LYS A 15 1.45 -10.56 -9.50
N VAL A 16 1.56 -11.38 -8.46
CA VAL A 16 2.33 -11.04 -7.23
C VAL A 16 3.81 -10.80 -7.56
N GLU A 17 4.38 -11.54 -8.53
CA GLU A 17 5.77 -11.36 -8.98
C GLU A 17 5.94 -10.07 -9.78
N GLU A 18 4.99 -9.69 -10.63
CA GLU A 18 4.95 -8.38 -11.29
C GLU A 18 4.81 -7.22 -10.29
N ALA A 19 3.94 -7.36 -9.28
CA ALA A 19 3.79 -6.43 -8.16
C ALA A 19 5.11 -6.23 -7.38
N LYS A 20 5.77 -7.33 -6.99
CA LYS A 20 7.11 -7.39 -6.38
C LYS A 20 8.17 -6.72 -7.26
N LYS A 21 8.19 -7.01 -8.57
CA LYS A 21 9.10 -6.41 -9.56
C LYS A 21 9.00 -4.89 -9.59
N LYS A 22 7.79 -4.31 -9.58
CA LYS A 22 7.60 -2.86 -9.47
C LYS A 22 8.03 -2.29 -8.11
N ALA A 23 7.81 -3.00 -7.01
CA ALA A 23 8.38 -2.56 -5.72
C ALA A 23 9.91 -2.55 -5.72
N GLU A 24 10.56 -3.50 -6.40
CA GLU A 24 12.00 -3.45 -6.69
C GLU A 24 12.42 -2.24 -7.55
N ASP A 25 11.53 -1.69 -8.40
CA ASP A 25 11.78 -0.43 -9.12
C ASP A 25 11.89 0.79 -8.18
N GLN A 26 11.26 0.70 -7.02
CA GLN A 26 11.23 1.73 -5.99
C GLN A 26 12.33 1.50 -4.92
N LYS A 27 12.74 0.24 -4.72
CA LYS A 27 14.00 -0.16 -4.07
C LYS A 27 15.22 0.37 -4.83
N GLU A 28 15.15 0.32 -6.15
CA GLU A 28 16.11 1.03 -7.02
C GLU A 28 16.13 2.53 -6.73
N GLU A 29 14.97 3.18 -6.51
CA GLU A 29 14.93 4.60 -6.12
C GLU A 29 15.70 4.90 -4.82
N ASP A 30 15.44 4.24 -3.68
CA ASP A 30 16.22 4.24 -2.46
C ASP A 30 17.74 4.31 -2.67
N ARG A 31 18.35 3.42 -3.47
CA ARG A 31 19.81 3.34 -3.63
C ARG A 31 20.31 4.27 -4.73
N ARG A 32 19.38 4.92 -5.44
CA ARG A 32 19.63 6.08 -6.27
C ARG A 32 19.53 7.40 -5.54
N ASN A 33 18.77 7.38 -4.46
CA ASN A 33 18.32 8.55 -3.74
C ASN A 33 19.00 8.66 -2.36
N TYR A 34 19.87 7.73 -2.02
CA TYR A 34 21.02 7.72 -1.07
C TYR A 34 22.19 8.64 -1.42
N PRO A 35 22.65 8.61 -2.67
CA PRO A 35 23.34 9.70 -3.37
C PRO A 35 22.92 11.10 -2.93
N THR A 36 21.60 11.25 -2.78
CA THR A 36 20.89 12.49 -2.40
C THR A 36 20.37 12.48 -0.95
N ASN A 37 20.32 11.30 -0.33
CA ASN A 37 19.76 10.89 0.94
C ASN A 37 18.37 11.46 1.28
N THR A 38 17.50 11.29 0.29
CA THR A 38 16.05 11.22 0.46
C THR A 38 15.49 9.81 0.17
N TYR A 39 16.36 8.85 -0.20
CA TYR A 39 16.26 7.38 -0.23
C TYR A 39 15.08 6.66 0.44
N LYS A 40 14.56 7.16 1.56
CA LYS A 40 13.46 6.60 2.32
C LYS A 40 12.21 6.99 1.58
N THR A 41 12.01 6.24 0.51
CA THR A 41 11.10 6.54 -0.58
C THR A 41 9.76 5.91 -0.18
N LEU A 42 8.89 6.75 0.40
CA LEU A 42 7.58 6.29 0.90
C LEU A 42 6.76 5.66 -0.22
N GLU A 43 6.95 6.16 -1.44
CA GLU A 43 6.78 5.49 -2.73
C GLU A 43 6.90 3.95 -2.72
N LEU A 44 8.03 3.42 -2.25
CA LEU A 44 8.29 1.99 -2.03
C LEU A 44 7.33 1.39 -0.98
N GLU A 45 7.20 2.05 0.18
CA GLU A 45 6.34 1.61 1.29
C GLU A 45 4.83 1.57 0.95
N ILE A 46 4.34 2.53 0.15
CA ILE A 46 2.97 2.52 -0.41
C ILE A 46 2.71 1.21 -1.17
N ALA A 47 3.57 0.92 -2.14
CA ALA A 47 3.47 -0.27 -2.95
C ALA A 47 3.59 -1.52 -2.09
N GLU A 48 4.57 -1.61 -1.19
CA GLU A 48 4.74 -2.76 -0.30
C GLU A 48 3.47 -3.03 0.53
N SER A 49 2.87 -1.99 1.12
CA SER A 49 1.65 -2.10 1.92
C SER A 49 0.44 -2.60 1.09
N ASP A 50 0.15 -1.99 -0.07
CA ASP A 50 -0.89 -2.46 -1.00
C ASP A 50 -0.63 -3.87 -1.58
N VAL A 51 0.62 -4.19 -1.94
CA VAL A 51 1.03 -5.46 -2.56
C VAL A 51 0.98 -6.61 -1.55
N GLU A 52 1.28 -6.36 -0.28
CA GLU A 52 1.06 -7.34 0.78
C GLU A 52 -0.41 -7.49 1.21
N VAL A 53 -1.29 -6.54 0.88
CA VAL A 53 -2.74 -6.74 1.01
C VAL A 53 -3.21 -7.73 -0.05
N LYS A 54 -2.61 -7.65 -1.23
CA LYS A 54 -2.79 -8.59 -2.32
C LYS A 54 -2.33 -9.97 -1.88
N LYS A 55 -1.12 -10.04 -1.35
CA LYS A 55 -0.56 -11.27 -0.78
C LYS A 55 -1.49 -11.95 0.24
N ALA A 56 -2.07 -11.18 1.15
CA ALA A 56 -2.94 -11.69 2.20
C ALA A 56 -4.27 -12.20 1.62
N GLU A 57 -4.90 -11.42 0.75
CA GLU A 57 -6.20 -11.78 0.16
C GLU A 57 -6.10 -12.94 -0.85
N LEU A 58 -5.01 -13.06 -1.63
CA LEU A 58 -4.77 -14.21 -2.51
C LEU A 58 -4.51 -15.50 -1.71
N GLU A 59 -3.70 -15.48 -0.64
CA GLU A 59 -3.64 -16.62 0.28
C GLU A 59 -5.01 -17.00 0.83
N LEU A 60 -5.92 -16.05 1.07
CA LEU A 60 -7.31 -16.35 1.40
C LEU A 60 -8.19 -16.81 0.22
N VAL A 61 -7.83 -16.64 -1.07
CA VAL A 61 -8.54 -17.34 -2.17
C VAL A 61 -8.46 -18.86 -1.96
N LYS A 62 -7.32 -19.37 -1.49
CA LYS A 62 -7.22 -20.76 -1.01
C LYS A 62 -8.07 -21.02 0.23
N GLU A 63 -7.89 -20.24 1.30
CA GLU A 63 -8.37 -20.64 2.64
C GLU A 63 -9.85 -20.29 2.85
N GLU A 64 -10.46 -19.69 1.83
CA GLU A 64 -11.84 -19.87 1.46
C GLU A 64 -12.05 -21.31 0.93
N ALA A 65 -11.84 -21.60 -0.35
CA ALA A 65 -12.51 -22.70 -1.05
C ALA A 65 -12.00 -24.10 -0.66
N LYS A 66 -10.76 -24.19 -0.15
CA LYS A 66 -10.14 -25.40 0.40
C LYS A 66 -10.83 -25.95 1.65
N GLU A 67 -11.11 -25.08 2.62
CA GLU A 67 -10.73 -25.35 4.01
C GLU A 67 -11.31 -26.35 5.00
N PRO A 68 -12.58 -26.66 4.90
CA PRO A 68 -13.52 -25.80 4.26
C PRO A 68 -13.61 -24.46 4.95
N ARG A 69 -13.48 -23.43 4.12
CA ARG A 69 -14.71 -22.87 3.60
C ARG A 69 -15.82 -22.83 4.66
N ASN A 70 -15.52 -22.11 5.73
CA ASN A 70 -16.46 -21.73 6.77
C ASN A 70 -16.84 -20.24 6.68
N GLU A 71 -16.38 -19.55 5.63
CA GLU A 71 -16.87 -18.29 5.08
C GLU A 71 -16.51 -17.05 5.91
N GLU A 72 -16.51 -17.19 7.23
CA GLU A 72 -15.99 -16.19 8.17
C GLU A 72 -14.48 -15.97 7.98
N LYS A 73 -13.78 -16.94 7.40
CA LYS A 73 -12.33 -16.95 7.22
C LYS A 73 -11.82 -15.93 6.21
N VAL A 74 -12.41 -15.88 5.01
CA VAL A 74 -12.11 -14.81 4.04
C VAL A 74 -12.50 -13.42 4.58
N LYS A 75 -13.64 -13.33 5.30
CA LYS A 75 -14.13 -12.10 5.94
C LYS A 75 -13.20 -11.55 7.02
N GLN A 76 -12.70 -12.42 7.89
CA GLN A 76 -11.68 -12.13 8.89
C GLN A 76 -10.42 -11.55 8.25
N ALA A 77 -10.01 -12.07 7.09
CA ALA A 77 -8.87 -11.52 6.36
C ALA A 77 -9.20 -10.14 5.78
N LYS A 78 -10.45 -9.93 5.32
CA LYS A 78 -10.90 -8.63 4.80
C LYS A 78 -10.78 -7.51 5.82
N ALA A 79 -11.18 -7.76 7.06
CA ALA A 79 -10.98 -6.81 8.17
C ALA A 79 -9.50 -6.45 8.40
N GLU A 80 -8.60 -7.42 8.21
CA GLU A 80 -7.16 -7.21 8.32
C GLU A 80 -6.67 -6.34 7.16
N VAL A 81 -6.96 -6.73 5.92
CA VAL A 81 -6.53 -5.97 4.75
C VAL A 81 -7.16 -4.59 4.67
N GLU A 82 -8.36 -4.38 5.22
CA GLU A 82 -8.95 -3.05 5.43
C GLU A 82 -8.05 -2.13 6.28
N SER A 83 -7.38 -2.64 7.32
CA SER A 83 -6.43 -1.82 8.10
C SER A 83 -5.19 -1.51 7.27
N LYS A 84 -4.63 -2.53 6.63
CA LYS A 84 -3.35 -2.45 5.90
C LYS A 84 -3.45 -1.63 4.61
N LYS A 85 -4.57 -1.68 3.87
CA LYS A 85 -4.83 -0.81 2.71
C LYS A 85 -5.05 0.65 3.12
N ALA A 86 -5.70 0.88 4.27
CA ALA A 86 -5.84 2.23 4.82
C ALA A 86 -4.47 2.83 5.14
N GLU A 87 -3.57 2.06 5.77
CA GLU A 87 -2.16 2.45 5.92
C GLU A 87 -1.49 2.75 4.58
N ALA A 88 -1.45 1.80 3.64
CA ALA A 88 -0.90 1.98 2.27
C ALA A 88 -1.32 3.30 1.61
N THR A 89 -2.63 3.59 1.65
CA THR A 89 -3.22 4.81 1.09
C THR A 89 -2.97 6.07 1.93
N ARG A 90 -2.73 5.94 3.25
CA ARG A 90 -2.19 7.02 4.10
C ARG A 90 -0.69 7.27 3.86
N LEU A 91 0.12 6.26 3.49
CA LEU A 91 1.47 6.49 2.97
C LEU A 91 1.43 7.33 1.69
N GLU A 92 0.37 7.22 0.86
CA GLU A 92 0.16 8.08 -0.30
C GLU A 92 0.01 9.57 0.09
N LYS A 93 -0.69 9.88 1.18
CA LYS A 93 -0.69 11.21 1.79
C LYS A 93 0.70 11.59 2.32
N ILE A 94 1.42 10.66 2.96
CA ILE A 94 2.75 10.92 3.54
C ILE A 94 3.85 11.15 2.49
N LYS A 95 3.87 10.48 1.33
CA LYS A 95 4.72 10.91 0.18
C LYS A 95 4.41 12.33 -0.30
N THR A 96 3.14 12.76 -0.23
CA THR A 96 2.71 14.12 -0.61
C THR A 96 3.16 15.16 0.43
N ASP A 97 3.15 14.81 1.71
CA ASP A 97 3.64 15.66 2.80
C ASP A 97 5.17 15.83 2.73
N ARG A 98 5.88 14.73 2.44
CA ARG A 98 7.30 14.70 2.04
C ARG A 98 7.57 15.66 0.87
N LYS A 99 6.79 15.58 -0.21
CA LYS A 99 6.90 16.47 -1.38
C LYS A 99 6.67 17.94 -1.03
N LYS A 100 5.69 18.23 -0.18
CA LYS A 100 5.27 19.59 0.25
C LYS A 100 5.88 20.04 1.60
N ALA A 101 7.00 19.44 2.03
CA ALA A 101 7.65 19.65 3.33
C ALA A 101 7.96 21.11 3.73
N GLU A 102 7.99 22.06 2.78
CA GLU A 102 7.99 23.51 3.05
C GLU A 102 6.89 23.95 4.04
N GLU A 103 5.74 23.25 4.03
CA GLU A 103 4.63 23.44 4.96
C GLU A 103 5.05 23.36 6.44
N GLU A 104 6.01 22.48 6.79
CA GLU A 104 6.50 22.32 8.17
C GLU A 104 7.21 23.57 8.72
N ALA A 105 7.86 24.35 7.85
CA ALA A 105 8.39 25.67 8.18
C ALA A 105 7.29 26.75 8.09
N LYS A 106 6.52 26.76 6.99
CA LYS A 106 5.45 27.71 6.66
C LYS A 106 4.13 27.46 7.44
N ARG A 107 4.20 27.24 8.76
CA ARG A 107 3.03 27.07 9.64
C ARG A 107 2.43 28.41 10.08
N LYS A 108 1.91 29.15 9.10
CA LYS A 108 0.76 30.05 9.29
C LYS A 108 -0.54 29.30 9.68
N ALA A 109 -0.56 27.98 9.48
CA ALA A 109 -1.50 26.95 9.95
C ALA A 109 -2.98 27.05 9.52
N ALA A 110 -3.48 28.26 9.27
CA ALA A 110 -4.89 28.55 8.95
C ALA A 110 -5.03 29.90 8.25
N GLU A 111 -4.31 30.92 8.75
CA GLU A 111 -4.29 32.30 8.23
C GLU A 111 -5.70 32.91 8.13
N GLU A 112 -6.50 32.77 9.19
CA GLU A 112 -7.87 33.34 9.30
C GLU A 112 -7.91 34.87 9.05
N ASP A 113 -6.76 35.54 9.20
CA ASP A 113 -6.49 36.94 8.83
C ASP A 113 -6.75 37.28 7.35
N LYS A 114 -6.94 36.27 6.48
CA LYS A 114 -7.20 36.40 5.05
C LYS A 114 -8.49 37.16 4.74
N VAL A 115 -9.50 37.02 5.60
CA VAL A 115 -10.87 37.45 5.36
C VAL A 115 -11.05 38.97 5.12
N LYS A 116 -10.11 39.80 5.60
CA LYS A 116 -10.09 41.25 5.37
C LYS A 116 -9.84 41.65 3.89
N GLU A 117 -9.19 40.77 3.13
CA GLU A 117 -8.70 41.02 1.75
C GLU A 117 -9.18 39.96 0.73
N LYS A 118 -9.31 38.70 1.16
CA LYS A 118 -9.82 37.55 0.41
C LYS A 118 -10.82 36.75 1.26
N PRO A 119 -12.10 37.17 1.33
CA PRO A 119 -13.18 36.44 2.01
C PRO A 119 -13.31 34.95 1.61
#